data_1URJ
#
_entry.id   1URJ
#
_cell.length_a   100.910
_cell.length_b   145.370
_cell.length_c   162.030
_cell.angle_alpha   90.00
_cell.angle_beta   90.00
_cell.angle_gamma   90.00
#
_symmetry.space_group_name_H-M   'P 21 21 21'
#
loop_
_entity.id
_entity.type
_entity.pdbx_description
1 polymer 'MAJOR DNA-BINDING PROTEIN'
2 non-polymer 'ZINC ION'
3 non-polymer 'MERCURY (II) ION'
4 water water
#
_entity_poly.entity_id   1
_entity_poly.type   'polypeptide(L)'
_entity_poly.pdbx_seq_one_letter_code
;METKPKTATTIKVPPGPLGYVYARACPSEGIELLALLSARSGDSDVAVAPLVVGLTVESGFEANVAVVVGSRTTGLGGTA
VSLKLTPSHYSSSVYVFHGGRHLDPSTQAPNLTRLCERARRHFGFSDYTPRPGDLKHETTGEALCERLGLDPDRALLYLV
VTEGFKEAVCINNTFLHLGGSDKVTIGGAEVHRIPVYPLQLFMPDFSRVIAEPFNANHRSIGEKFTYPLPFFNRPLNRLL
FEAVVGPAAVALRSRNVDAVARAAAHLAFDENHEGAALPADITFTAFEASQGKTPRGGRDGGGKGAAGGFEQRLASVMAG
DAALALESIVSMAVFDEPPTDISAWPLFEGQDTAAARANAVGAYLARAAGLVGAMVFSTNSALHLTEVDDAGPADPKDHS
KPSFYRFFLVPGTHVAANPQVDREGHVVPGFEGRPTAPLVGGTQEFAGEHLAMLSGFSPALLAKMLFYLERCDGAVIVGR
QEMDVFRYVADSNQTDVPCNLCTFDTRHACVHTTLMRLRARHPKFASAARGAIGVFGTMNSMYSDCDVLGNYAAFSALKR
ADGSETARTIMQETYRAATERVMAELETLQYVDQAVPTAMGRLETIITNREALHTVVNNVRQVVDREVEQLMRNLVEGRN
FKFRDGLGEANHAMSLTLDPYACGPCPLLQLLGRRSNLAVYQDLALSQCHGVFAGQSVEGRNFRNQFQPVLRRRVMDMFN
NGFLSAKTLTVALSEGAAICAPSLTAGQTAPAESSFEGDVARVTLGFPKELRVKSRVLFAGASANASEAAKARVASLQSA
YQKPDKRVDILLGPLGFLLKQFHAAIFPNGKPPGSNQPNPQWFWTALQRNQLPARLLSREDIETIAFIKKFSLDYGAINF
INLAPNNVSELAMYYMANQILRYCDHSTYFINTLTAIIAGSRRPPSVQAAAAWSAQGGAGLEAGARALMDAVDAHPGAWT
SMFASCNLLRPVMAARPMVVLGLSISKYYGMAGNDRVFQAGNWASLMGGKNACPLLIFDRTRKFVLACPRAGFVCAASSL
GGGAHESSLCEQLRGIISEGGAAVASSVFVATVKSLGPRTQQLQIEDWLALLEDEYLSEEMMELTARALERGNGEWSTDA
ALEVAHEAEALVSQLG
;
_entity_poly.pdbx_strand_id   A,B
#
loop_
_chem_comp.id
_chem_comp.type
_chem_comp.name
_chem_comp.formula
HG non-polymer 'MERCURY (II) ION' 'Hg 2'
ZN non-polymer 'ZINC ION' 'Zn 2'
#
# COMPACT_ATOMS: atom_id res chain seq x y z
N THR A 9 -15.87 -23.19 -21.14
CA THR A 9 -16.88 -23.97 -21.93
C THR A 9 -17.85 -23.06 -22.69
N THR A 10 -18.66 -22.32 -21.94
CA THR A 10 -19.64 -21.38 -22.50
C THR A 10 -19.69 -20.22 -21.52
N ILE A 11 -19.84 -19.00 -22.02
CA ILE A 11 -19.87 -17.85 -21.14
C ILE A 11 -21.30 -17.40 -20.89
N LYS A 12 -21.53 -16.90 -19.68
CA LYS A 12 -22.83 -16.41 -19.28
C LYS A 12 -22.84 -14.89 -19.27
N VAL A 13 -24.04 -14.35 -19.39
CA VAL A 13 -24.25 -12.91 -19.40
C VAL A 13 -25.72 -12.69 -19.04
N PRO A 14 -25.98 -11.91 -17.97
CA PRO A 14 -27.33 -11.61 -17.50
C PRO A 14 -28.21 -10.86 -18.48
N PRO A 15 -29.48 -11.27 -18.58
CA PRO A 15 -30.39 -10.60 -19.50
C PRO A 15 -30.69 -9.23 -18.89
N GLY A 16 -30.81 -8.21 -19.73
CA GLY A 16 -31.10 -6.91 -19.20
C GLY A 16 -31.71 -6.01 -20.26
N PRO A 17 -32.03 -4.77 -19.90
CA PRO A 17 -32.61 -3.83 -20.85
C PRO A 17 -31.48 -3.34 -21.76
N LEU A 18 -31.80 -2.53 -22.76
CA LEU A 18 -30.74 -2.05 -23.63
C LEU A 18 -30.10 -0.85 -23.00
N GLY A 19 -30.68 -0.35 -21.91
CA GLY A 19 -30.12 0.81 -21.23
C GLY A 19 -30.97 1.33 -20.09
N TYR A 20 -30.55 2.44 -19.51
CA TYR A 20 -31.28 3.05 -18.39
C TYR A 20 -31.18 4.57 -18.45
N VAL A 21 -32.18 5.24 -17.91
CA VAL A 21 -32.14 6.69 -17.83
C VAL A 21 -31.89 6.92 -16.34
N TYR A 22 -30.71 7.41 -16.01
CA TYR A 22 -30.35 7.68 -14.62
C TYR A 22 -30.76 9.10 -14.26
N ALA A 23 -31.35 9.27 -13.09
CA ALA A 23 -31.75 10.60 -12.65
C ALA A 23 -31.43 10.72 -11.15
N ARG A 24 -30.77 11.82 -10.79
CA ARG A 24 -30.38 12.05 -9.41
C ARG A 24 -30.31 13.54 -9.19
N ALA A 25 -30.30 13.95 -7.93
CA ALA A 25 -30.21 15.37 -7.62
C ALA A 25 -28.76 15.82 -7.78
N CYS A 26 -28.59 17.07 -8.20
CA CYS A 26 -27.27 17.67 -8.39
C CYS A 26 -26.34 17.44 -7.20
N PRO A 27 -25.28 16.63 -7.37
CA PRO A 27 -24.37 16.40 -6.24
C PRO A 27 -23.74 17.73 -5.86
N SER A 28 -23.08 17.80 -4.70
CA SER A 28 -22.48 19.07 -4.28
C SER A 28 -21.00 19.09 -3.86
N GLU A 29 -20.16 18.30 -4.53
CA GLU A 29 -18.74 18.27 -4.22
C GLU A 29 -17.89 17.73 -5.37
N GLY A 30 -17.96 16.43 -5.58
CA GLY A 30 -17.20 15.79 -6.63
C GLY A 30 -17.69 16.16 -8.01
N ILE A 31 -18.40 17.28 -8.10
CA ILE A 31 -18.95 17.75 -9.36
C ILE A 31 -17.83 18.36 -10.21
N GLU A 32 -17.04 19.22 -9.56
CA GLU A 32 -15.89 19.89 -10.18
C GLU A 32 -14.98 18.84 -10.83
N LEU A 33 -14.95 17.67 -10.21
CA LEU A 33 -14.14 16.57 -10.70
C LEU A 33 -14.84 15.93 -11.90
N LEU A 34 -16.12 15.60 -11.71
CA LEU A 34 -16.91 14.99 -12.78
C LEU A 34 -16.81 15.86 -14.02
N ALA A 35 -16.95 17.17 -13.83
CA ALA A 35 -16.88 18.12 -14.94
C ALA A 35 -15.57 18.01 -15.73
N LEU A 36 -14.45 17.95 -15.00
CA LEU A 36 -13.13 17.84 -15.64
C LEU A 36 -13.07 16.61 -16.55
N LEU A 37 -13.59 15.50 -16.06
CA LEU A 37 -13.60 14.27 -16.84
C LEU A 37 -14.64 14.36 -17.95
N SER A 38 -15.63 15.23 -17.77
CA SER A 38 -16.69 15.35 -18.75
C SER A 38 -16.44 16.32 -19.90
N ALA A 39 -17.45 16.41 -20.77
CA ALA A 39 -17.41 17.29 -21.93
C ALA A 39 -18.70 18.07 -21.94
N ARG A 40 -18.58 19.40 -21.91
CA ARG A 40 -19.77 20.25 -21.91
C ARG A 40 -19.50 21.66 -22.41
N SER A 41 -20.32 22.08 -23.36
CA SER A 41 -20.20 23.41 -23.95
C SER A 41 -20.98 24.38 -23.08
N GLY A 42 -20.34 25.49 -22.74
CA GLY A 42 -20.96 26.49 -21.89
C GLY A 42 -22.31 27.04 -22.31
N ASP A 43 -22.71 26.87 -23.56
CA ASP A 43 -23.99 27.39 -24.03
C ASP A 43 -25.04 26.29 -24.26
N SER A 44 -25.02 25.24 -23.44
CA SER A 44 -25.95 24.13 -23.62
C SER A 44 -26.18 23.36 -22.33
N ASP A 45 -27.43 22.93 -22.10
CA ASP A 45 -27.72 22.21 -20.87
C ASP A 45 -27.39 20.72 -20.92
N VAL A 46 -26.80 20.27 -22.01
CA VAL A 46 -26.44 18.86 -22.12
C VAL A 46 -24.94 18.68 -21.97
N ALA A 47 -24.53 17.45 -21.72
CA ALA A 47 -23.11 17.13 -21.56
C ALA A 47 -22.92 15.62 -21.71
N VAL A 48 -21.70 15.21 -22.00
CA VAL A 48 -21.38 13.78 -22.11
C VAL A 48 -20.29 13.51 -21.09
N ALA A 49 -20.55 12.54 -20.22
CA ALA A 49 -19.61 12.16 -19.17
C ALA A 49 -19.23 10.69 -19.32
N PRO A 50 -18.01 10.34 -18.90
CA PRO A 50 -17.49 8.97 -18.98
C PRO A 50 -18.20 7.98 -18.07
N LEU A 51 -18.21 6.72 -18.45
CA LEU A 51 -18.82 5.66 -17.64
C LEU A 51 -17.78 5.36 -16.55
N VAL A 52 -18.11 5.68 -15.31
CA VAL A 52 -17.17 5.46 -14.21
C VAL A 52 -17.87 4.96 -12.95
N VAL A 53 -17.53 3.74 -12.54
CA VAL A 53 -18.14 3.19 -11.36
C VAL A 53 -17.81 4.04 -10.16
N GLY A 54 -18.85 4.50 -9.47
CA GLY A 54 -18.65 5.33 -8.30
C GLY A 54 -18.79 6.79 -8.63
N LEU A 55 -18.98 7.06 -9.91
CA LEU A 55 -19.11 8.43 -10.37
C LEU A 55 -20.41 8.61 -11.13
N THR A 56 -20.61 7.80 -12.17
CA THR A 56 -21.83 7.87 -12.95
C THR A 56 -22.67 6.61 -12.89
N VAL A 57 -22.15 5.55 -12.28
CA VAL A 57 -22.90 4.30 -12.11
C VAL A 57 -22.59 3.64 -10.75
N GLU A 58 -23.51 2.82 -10.26
CA GLU A 58 -23.33 2.15 -8.98
C GLU A 58 -22.22 1.11 -9.07
N SER A 59 -21.77 0.64 -7.91
CA SER A 59 -20.68 -0.30 -7.83
C SER A 59 -20.85 -1.69 -8.41
N GLY A 60 -22.03 -2.28 -8.27
CA GLY A 60 -22.18 -3.61 -8.84
C GLY A 60 -22.46 -3.56 -10.33
N PHE A 61 -22.39 -2.37 -10.92
CA PHE A 61 -22.68 -2.20 -12.34
C PHE A 61 -21.97 -3.23 -13.19
N GLU A 62 -22.74 -3.95 -14.01
CA GLU A 62 -22.18 -4.97 -14.88
C GLU A 62 -22.28 -4.51 -16.34
N ALA A 63 -21.12 -4.22 -16.93
CA ALA A 63 -21.02 -3.73 -18.30
C ALA A 63 -21.50 -4.71 -19.35
N ASN A 64 -21.13 -5.98 -19.24
CA ASN A 64 -21.57 -6.96 -20.22
C ASN A 64 -22.99 -7.42 -19.94
N VAL A 65 -23.83 -7.44 -20.98
CA VAL A 65 -25.21 -7.84 -20.80
C VAL A 65 -25.90 -8.33 -22.07
N ALA A 66 -26.91 -9.19 -21.89
CA ALA A 66 -27.68 -9.71 -23.03
C ALA A 66 -28.98 -8.89 -23.05
N VAL A 67 -29.06 -7.92 -23.95
CA VAL A 67 -30.23 -7.05 -23.99
C VAL A 67 -31.43 -7.69 -24.66
N VAL A 68 -32.63 -7.37 -24.17
CA VAL A 68 -33.85 -7.90 -24.75
C VAL A 68 -34.11 -7.08 -26.02
N VAL A 69 -33.92 -7.67 -27.19
CA VAL A 69 -34.13 -6.90 -28.44
C VAL A 69 -35.44 -7.09 -29.18
N GLY A 70 -36.13 -8.19 -28.93
CA GLY A 70 -37.38 -8.43 -29.61
C GLY A 70 -38.11 -9.65 -29.07
N SER A 71 -39.06 -10.16 -29.84
CA SER A 71 -39.81 -11.31 -29.40
C SER A 71 -40.12 -12.18 -30.60
N ARG A 72 -40.39 -13.46 -30.33
CA ARG A 72 -40.71 -14.42 -31.38
C ARG A 72 -42.03 -15.11 -31.04
N THR A 73 -42.55 -15.88 -31.98
CA THR A 73 -43.79 -16.62 -31.79
C THR A 73 -43.49 -18.10 -31.50
N THR A 74 -44.52 -18.84 -31.08
CA THR A 74 -44.42 -20.27 -30.75
C THR A 74 -43.96 -20.46 -29.31
N ALA A 80 -48.04 -18.00 -27.91
CA ALA A 80 -46.93 -17.89 -26.96
C ALA A 80 -45.79 -17.07 -27.57
N VAL A 81 -45.21 -16.19 -26.75
CA VAL A 81 -44.11 -15.36 -27.22
C VAL A 81 -42.86 -15.47 -26.36
N SER A 82 -41.73 -15.74 -27.01
CA SER A 82 -40.46 -15.84 -26.29
C SER A 82 -39.67 -14.57 -26.61
N LEU A 83 -38.72 -14.25 -25.75
CA LEU A 83 -37.91 -13.06 -25.94
C LEU A 83 -36.66 -13.38 -26.72
N LYS A 84 -36.10 -12.33 -27.34
CA LYS A 84 -34.87 -12.44 -28.11
C LYS A 84 -33.81 -11.66 -27.37
N LEU A 85 -32.64 -12.24 -27.19
CA LEU A 85 -31.61 -11.52 -26.47
C LEU A 85 -30.34 -11.47 -27.30
N THR A 86 -29.63 -10.35 -27.20
CA THR A 86 -28.39 -10.19 -27.93
C THR A 86 -27.38 -9.62 -26.96
N PRO A 87 -26.17 -10.18 -26.94
CA PRO A 87 -25.18 -9.65 -26.01
C PRO A 87 -24.66 -8.30 -26.46
N SER A 88 -24.19 -7.52 -25.49
CA SER A 88 -23.63 -6.20 -25.74
C SER A 88 -23.08 -5.63 -24.43
N HIS A 89 -22.34 -4.53 -24.50
CA HIS A 89 -21.78 -3.90 -23.31
C HIS A 89 -22.16 -2.42 -23.28
N TYR A 90 -22.07 -1.81 -22.11
CA TYR A 90 -22.45 -0.40 -21.99
C TYR A 90 -21.41 0.51 -22.60
N SER A 91 -21.87 1.55 -23.29
CA SER A 91 -20.98 2.51 -23.91
C SER A 91 -20.08 3.10 -22.84
N SER A 92 -18.85 3.37 -23.22
CA SER A 92 -17.84 3.90 -22.31
C SER A 92 -18.12 5.30 -21.80
N SER A 93 -19.28 5.87 -22.15
CA SER A 93 -19.64 7.19 -21.66
C SER A 93 -21.16 7.35 -21.61
N VAL A 94 -21.64 8.12 -20.64
CA VAL A 94 -23.07 8.35 -20.48
C VAL A 94 -23.44 9.70 -21.08
N TYR A 95 -24.71 9.87 -21.40
CA TYR A 95 -25.17 11.10 -22.02
C TYR A 95 -26.16 11.97 -21.22
N VAL A 96 -25.63 13.05 -20.66
CA VAL A 96 -26.41 14.00 -19.85
C VAL A 96 -27.29 14.93 -20.69
N PHE A 97 -28.59 14.66 -20.72
CA PHE A 97 -29.52 15.49 -21.49
C PHE A 97 -30.31 16.49 -20.65
N HIS A 98 -30.01 16.54 -19.36
CA HIS A 98 -30.67 17.47 -18.45
C HIS A 98 -29.79 17.66 -17.22
N GLY A 99 -29.29 18.87 -17.03
CA GLY A 99 -28.44 19.15 -15.89
C GLY A 99 -27.03 19.54 -16.27
N GLY A 100 -26.74 19.61 -17.56
CA GLY A 100 -25.42 19.97 -18.00
C GLY A 100 -24.95 21.30 -17.40
N ARG A 101 -25.92 22.14 -17.05
CA ARG A 101 -25.62 23.44 -16.46
C ARG A 101 -24.82 23.32 -15.18
N HIS A 102 -24.94 22.19 -14.50
CA HIS A 102 -24.22 21.99 -13.24
C HIS A 102 -22.77 21.58 -13.44
N LEU A 103 -22.37 21.39 -14.68
CA LEU A 103 -21.00 21.00 -14.99
C LEU A 103 -20.28 22.19 -15.57
N ASP A 104 -19.11 22.51 -15.05
CA ASP A 104 -18.36 23.65 -15.56
C ASP A 104 -17.98 23.37 -17.00
N PRO A 105 -18.27 24.32 -17.90
CA PRO A 105 -17.94 24.14 -19.32
C PRO A 105 -16.47 23.78 -19.54
N SER A 106 -16.24 22.82 -20.43
CA SER A 106 -14.89 22.38 -20.73
C SER A 106 -14.06 23.55 -21.24
N THR A 107 -14.73 24.59 -21.72
CA THR A 107 -14.09 25.80 -22.25
C THR A 107 -14.99 26.99 -22.08
N GLN A 108 -14.39 28.17 -22.01
CA GLN A 108 -15.17 29.38 -21.92
C GLN A 108 -15.58 29.73 -23.35
N ALA A 109 -14.93 29.10 -24.32
CA ALA A 109 -15.24 29.31 -25.74
C ALA A 109 -16.75 29.50 -25.88
N PRO A 110 -17.18 30.61 -26.50
CA PRO A 110 -18.59 30.93 -26.68
C PRO A 110 -19.23 30.51 -28.00
N ASN A 111 -20.55 30.30 -27.95
CA ASN A 111 -21.36 29.92 -29.11
C ASN A 111 -20.83 28.75 -29.91
N LEU A 112 -20.55 27.63 -29.25
CA LEU A 112 -20.05 26.49 -29.98
C LEU A 112 -21.21 25.90 -30.73
N THR A 113 -22.40 26.01 -30.14
CA THR A 113 -23.60 25.49 -30.76
C THR A 113 -23.84 26.23 -32.08
N ARG A 114 -23.64 27.54 -32.08
CA ARG A 114 -23.82 28.31 -33.31
C ARG A 114 -22.77 27.92 -34.32
N LEU A 115 -21.52 27.85 -33.88
CA LEU A 115 -20.40 27.50 -34.74
C LEU A 115 -20.60 26.15 -35.45
N CYS A 116 -21.08 25.15 -34.72
CA CYS A 116 -21.31 23.84 -35.30
C CYS A 116 -22.41 23.93 -36.35
N GLU A 117 -23.47 24.62 -35.99
CA GLU A 117 -24.60 24.77 -36.88
C GLU A 117 -24.15 25.27 -38.26
N ARG A 118 -23.44 26.39 -38.32
CA ARG A 118 -23.01 26.92 -39.61
C ARG A 118 -21.91 26.11 -40.27
N ALA A 119 -21.07 25.44 -39.47
CA ALA A 119 -20.01 24.64 -40.05
C ALA A 119 -20.67 23.45 -40.73
N ARG A 120 -21.68 22.91 -40.07
CA ARG A 120 -22.39 21.77 -40.61
C ARG A 120 -23.01 22.10 -41.96
N ARG A 121 -23.53 23.33 -42.10
CA ARG A 121 -24.13 23.77 -43.36
C ARG A 121 -23.04 24.03 -44.40
N HIS A 122 -21.87 24.45 -43.92
CA HIS A 122 -20.77 24.73 -44.82
C HIS A 122 -20.27 23.46 -45.51
N PHE A 123 -20.18 22.36 -44.78
CA PHE A 123 -19.69 21.10 -45.35
C PHE A 123 -20.78 20.17 -45.90
N GLY A 124 -22.05 20.57 -45.79
CA GLY A 124 -23.11 19.75 -46.34
C GLY A 124 -23.80 18.71 -45.48
N PHE A 125 -23.48 18.67 -44.19
CA PHE A 125 -24.11 17.68 -43.33
C PHE A 125 -25.45 18.16 -42.83
N SER A 126 -26.33 17.21 -42.53
CA SER A 126 -27.67 17.54 -42.05
C SER A 126 -27.69 17.79 -40.56
N ASP A 127 -28.75 18.44 -40.09
CA ASP A 127 -28.91 18.74 -38.66
C ASP A 127 -30.07 17.92 -38.06
N TYR A 128 -30.09 17.80 -36.73
CA TYR A 128 -31.16 17.04 -36.12
C TYR A 128 -32.46 17.80 -36.33
N THR A 129 -33.49 17.11 -36.83
CA THR A 129 -34.78 17.76 -37.09
C THR A 129 -35.96 16.95 -36.57
N PRO A 130 -36.35 17.18 -35.31
CA PRO A 130 -37.49 16.41 -34.80
C PRO A 130 -38.74 16.73 -35.59
N ARG A 131 -39.53 15.73 -35.90
CA ARG A 131 -40.78 15.94 -36.65
C ARG A 131 -41.82 16.66 -35.81
N PRO A 132 -42.43 17.71 -36.36
CA PRO A 132 -43.45 18.50 -35.67
C PRO A 132 -44.50 17.62 -35.00
N GLY A 133 -45.04 16.70 -35.78
CA GLY A 133 -46.06 15.80 -35.28
C GLY A 133 -45.62 14.80 -34.24
N ASP A 134 -44.39 14.91 -33.75
CA ASP A 134 -43.91 14.00 -32.73
C ASP A 134 -43.79 14.73 -31.39
N LEU A 135 -43.60 16.04 -31.45
CA LEU A 135 -43.45 16.85 -30.23
C LEU A 135 -44.49 16.58 -29.14
N LYS A 136 -45.73 16.34 -29.55
CA LYS A 136 -46.78 16.09 -28.58
C LYS A 136 -46.52 14.80 -27.80
N HIS A 137 -45.56 14.01 -28.26
CA HIS A 137 -45.24 12.76 -27.59
C HIS A 137 -43.90 12.80 -26.85
N GLU A 138 -43.22 13.93 -26.89
CA GLU A 138 -41.94 14.05 -26.23
C GLU A 138 -42.06 13.86 -24.72
N THR A 139 -41.03 13.26 -24.12
CA THR A 139 -40.97 13.08 -22.67
C THR A 139 -39.93 14.08 -22.21
N THR A 140 -40.35 15.14 -21.53
CA THR A 140 -39.39 16.16 -21.12
C THR A 140 -38.65 15.85 -19.82
N GLY A 141 -37.49 16.49 -19.65
CA GLY A 141 -36.74 16.29 -18.44
C GLY A 141 -37.63 16.66 -17.27
N GLU A 142 -38.28 17.82 -17.37
CA GLU A 142 -39.19 18.30 -16.33
C GLU A 142 -40.22 17.23 -15.97
N ALA A 143 -40.83 16.63 -17.00
CA ALA A 143 -41.83 15.60 -16.82
C ALA A 143 -41.31 14.44 -15.97
N LEU A 144 -40.11 13.96 -16.29
CA LEU A 144 -39.50 12.85 -15.56
C LEU A 144 -39.14 13.29 -14.15
N CYS A 145 -38.65 14.52 -14.04
CA CYS A 145 -38.28 15.05 -12.73
C CYS A 145 -39.49 15.05 -11.82
N GLU A 146 -40.66 15.30 -12.41
CA GLU A 146 -41.91 15.32 -11.66
C GLU A 146 -42.24 13.93 -11.14
N ARG A 147 -42.24 12.94 -12.02
CA ARG A 147 -42.53 11.58 -11.62
C ARG A 147 -41.54 11.14 -10.55
N LEU A 148 -40.28 11.50 -10.74
CA LEU A 148 -39.24 11.12 -9.82
C LEU A 148 -39.21 12.02 -8.58
N GLY A 149 -39.94 13.11 -8.64
CA GLY A 149 -39.97 14.02 -7.50
C GLY A 149 -38.60 14.64 -7.28
N LEU A 150 -38.09 15.29 -8.32
CA LEU A 150 -36.78 15.94 -8.26
C LEU A 150 -36.94 17.38 -8.71
N ASP A 151 -36.02 18.22 -8.26
CA ASP A 151 -36.03 19.64 -8.61
C ASP A 151 -35.42 19.83 -9.99
N PRO A 152 -36.24 20.20 -10.98
CA PRO A 152 -35.80 20.42 -12.35
C PRO A 152 -34.56 21.31 -12.53
N ASP A 153 -34.17 22.04 -11.49
CA ASP A 153 -33.00 22.92 -11.58
C ASP A 153 -31.87 22.44 -10.71
N ARG A 154 -32.14 21.38 -9.96
CA ARG A 154 -31.17 20.77 -9.06
C ARG A 154 -31.27 19.29 -9.39
N ALA A 155 -31.07 18.97 -10.66
CA ALA A 155 -31.19 17.60 -11.11
C ALA A 155 -30.35 17.27 -12.33
N LEU A 156 -29.97 16.00 -12.43
CA LEU A 156 -29.19 15.47 -13.53
C LEU A 156 -29.86 14.23 -14.09
N LEU A 157 -30.08 14.24 -15.40
CA LEU A 157 -30.67 13.11 -16.09
C LEU A 157 -29.72 12.71 -17.21
N TYR A 158 -29.37 11.43 -17.27
CA TYR A 158 -28.48 10.95 -18.31
C TYR A 158 -28.76 9.53 -18.74
N LEU A 159 -28.43 9.23 -19.99
CA LEU A 159 -28.64 7.93 -20.55
C LEU A 159 -27.42 7.03 -20.46
N VAL A 160 -27.62 5.83 -19.93
CA VAL A 160 -26.56 4.83 -19.79
C VAL A 160 -27.04 3.79 -20.76
N VAL A 161 -26.32 3.57 -21.86
CA VAL A 161 -26.75 2.62 -22.90
C VAL A 161 -25.73 1.59 -23.33
N THR A 162 -26.21 0.53 -23.96
CA THR A 162 -25.30 -0.49 -24.48
C THR A 162 -24.81 0.04 -25.82
N GLU A 163 -23.55 -0.23 -26.13
CA GLU A 163 -22.93 0.21 -27.38
C GLU A 163 -23.79 -0.08 -28.60
N GLY A 164 -24.46 -1.22 -28.58
CA GLY A 164 -25.29 -1.62 -29.71
C GLY A 164 -26.62 -0.93 -29.92
N PHE A 165 -27.06 -0.07 -29.00
CA PHE A 165 -28.35 0.57 -29.21
C PHE A 165 -28.47 2.07 -28.98
N LYS A 166 -27.34 2.74 -28.74
CA LYS A 166 -27.40 4.17 -28.53
C LYS A 166 -28.08 4.79 -29.76
N GLU A 167 -27.76 4.33 -30.96
CA GLU A 167 -28.36 4.86 -32.17
C GLU A 167 -29.85 4.53 -32.24
N ALA A 168 -30.23 3.39 -31.67
CA ALA A 168 -31.62 2.97 -31.67
C ALA A 168 -32.45 3.94 -30.81
N VAL A 169 -31.80 4.50 -29.80
CA VAL A 169 -32.47 5.41 -28.90
C VAL A 169 -32.86 6.71 -29.59
N CYS A 170 -31.92 7.36 -30.27
CA CYS A 170 -32.24 8.65 -30.88
C CYS A 170 -33.19 8.61 -32.06
N ILE A 171 -33.50 7.43 -32.58
CA ILE A 171 -34.44 7.37 -33.69
C ILE A 171 -35.78 6.87 -33.15
N ASN A 172 -35.99 7.15 -31.88
CA ASN A 172 -37.21 6.82 -31.18
C ASN A 172 -37.67 5.38 -31.32
N ASN A 173 -36.74 4.43 -31.32
CA ASN A 173 -37.12 3.03 -31.40
C ASN A 173 -37.02 2.40 -30.02
N THR A 174 -37.10 3.23 -29.00
CA THR A 174 -36.96 2.78 -27.62
C THR A 174 -38.13 3.27 -26.77
N PHE A 175 -38.25 2.76 -25.55
CA PHE A 175 -39.29 3.22 -24.65
C PHE A 175 -38.91 2.98 -23.20
N LEU A 176 -39.41 3.84 -22.33
CA LEU A 176 -39.11 3.74 -20.91
C LEU A 176 -40.06 2.79 -20.23
N HIS A 177 -39.50 1.89 -19.44
CA HIS A 177 -40.29 0.95 -18.68
C HIS A 177 -40.46 1.59 -17.30
N LEU A 178 -41.39 2.54 -17.24
CA LEU A 178 -41.68 3.29 -16.02
C LEU A 178 -41.99 2.41 -14.82
N GLY A 179 -42.45 1.20 -15.09
CA GLY A 179 -42.79 0.28 -14.00
C GLY A 179 -41.58 -0.40 -13.39
N GLY A 180 -40.50 -0.49 -14.17
CA GLY A 180 -39.29 -1.14 -13.69
C GLY A 180 -38.33 -0.24 -12.95
N SER A 181 -38.82 0.93 -12.54
CA SER A 181 -37.99 1.87 -11.81
C SER A 181 -37.43 1.30 -10.52
N ASP A 182 -36.23 1.75 -10.16
CA ASP A 182 -35.57 1.30 -8.95
C ASP A 182 -34.56 2.37 -8.55
N LYS A 183 -33.83 2.10 -7.47
CA LYS A 183 -32.84 3.05 -6.98
C LYS A 183 -31.52 2.36 -6.75
N VAL A 184 -30.43 3.11 -6.89
CA VAL A 184 -29.10 2.59 -6.66
C VAL A 184 -28.35 3.70 -5.96
N THR A 185 -27.19 3.38 -5.40
CA THR A 185 -26.41 4.41 -4.70
C THR A 185 -25.08 4.69 -5.35
N ILE A 186 -24.81 5.97 -5.58
CA ILE A 186 -23.54 6.37 -6.15
C ILE A 186 -22.90 7.37 -5.21
N GLY A 187 -21.85 6.93 -4.51
CA GLY A 187 -21.17 7.80 -3.57
C GLY A 187 -22.07 8.19 -2.41
N GLY A 188 -22.87 7.22 -1.95
CA GLY A 188 -23.77 7.48 -0.84
C GLY A 188 -25.06 8.17 -1.23
N ALA A 189 -25.06 8.83 -2.40
CA ALA A 189 -26.25 9.52 -2.88
C ALA A 189 -27.25 8.57 -3.53
N GLU A 190 -28.52 8.91 -3.43
CA GLU A 190 -29.58 8.09 -4.01
C GLU A 190 -29.74 8.47 -5.48
N VAL A 191 -29.89 7.48 -6.34
CA VAL A 191 -30.04 7.75 -7.76
C VAL A 191 -31.15 6.89 -8.34
N HIS A 192 -32.07 7.54 -9.05
CA HIS A 192 -33.18 6.85 -9.69
C HIS A 192 -32.74 6.33 -11.03
N ARG A 193 -33.48 5.38 -11.58
CA ARG A 193 -33.13 4.88 -12.89
C ARG A 193 -34.29 4.12 -13.53
N ILE A 194 -34.66 4.56 -14.72
CA ILE A 194 -35.76 3.99 -15.47
C ILE A 194 -35.19 3.16 -16.62
N PRO A 195 -35.46 1.84 -16.61
CA PRO A 195 -34.95 0.96 -17.67
C PRO A 195 -35.52 1.29 -19.05
N VAL A 196 -34.67 1.18 -20.07
CA VAL A 196 -35.04 1.44 -21.45
C VAL A 196 -35.09 0.15 -22.26
N TYR A 197 -36.13 -0.01 -23.09
CA TYR A 197 -36.29 -1.21 -23.92
C TYR A 197 -36.63 -0.89 -25.37
N PRO A 198 -36.49 -1.87 -26.26
CA PRO A 198 -36.77 -1.75 -27.70
C PRO A 198 -38.25 -1.87 -28.02
N LEU A 199 -38.77 -0.98 -28.85
CA LEU A 199 -40.17 -1.03 -29.23
C LEU A 199 -40.43 -2.36 -29.92
N GLN A 200 -39.43 -2.87 -30.64
CA GLN A 200 -39.55 -4.14 -31.36
C GLN A 200 -40.09 -5.24 -30.46
N LEU A 201 -39.94 -5.07 -29.15
CA LEU A 201 -40.41 -6.08 -28.20
C LEU A 201 -41.87 -6.41 -28.46
N PHE A 202 -42.65 -5.38 -28.75
CA PHE A 202 -44.07 -5.54 -29.01
C PHE A 202 -44.39 -6.02 -30.42
N MET A 203 -43.35 -6.30 -31.19
CA MET A 203 -43.53 -6.74 -32.57
C MET A 203 -42.81 -8.07 -32.79
N PRO A 204 -43.50 -9.18 -32.49
CA PRO A 204 -42.94 -10.53 -32.66
C PRO A 204 -42.35 -10.78 -34.03
N ASP A 205 -41.17 -11.41 -34.04
CA ASP A 205 -40.48 -11.77 -35.26
C ASP A 205 -40.19 -10.57 -36.16
N PHE A 206 -39.79 -9.46 -35.56
CA PHE A 206 -39.49 -8.23 -36.29
C PHE A 206 -38.06 -7.80 -35.97
N SER A 207 -37.18 -7.85 -36.97
CA SER A 207 -35.77 -7.49 -36.76
C SER A 207 -35.38 -6.15 -37.39
N ARG A 208 -36.35 -5.46 -37.98
CA ARG A 208 -36.10 -4.20 -38.66
C ARG A 208 -36.19 -2.92 -37.82
N VAL A 209 -35.59 -1.85 -38.30
CA VAL A 209 -35.67 -0.58 -37.61
C VAL A 209 -37.09 -0.11 -37.85
N ILE A 210 -37.67 0.58 -36.87
CA ILE A 210 -39.05 1.07 -36.98
C ILE A 210 -39.15 2.53 -37.40
N ALA A 211 -39.88 2.78 -38.47
CA ALA A 211 -40.11 4.14 -38.92
C ALA A 211 -41.52 4.39 -38.38
N GLU A 212 -41.81 5.61 -37.96
CA GLU A 212 -43.14 5.88 -37.41
C GLU A 212 -43.33 4.98 -36.20
N PRO A 213 -42.47 5.13 -35.18
CA PRO A 213 -42.56 4.31 -33.97
C PRO A 213 -43.74 4.69 -33.09
N PHE A 214 -44.43 5.77 -33.47
CA PHE A 214 -45.57 6.23 -32.69
C PHE A 214 -46.89 5.67 -33.18
N ASN A 215 -46.88 4.96 -34.31
CA ASN A 215 -48.11 4.39 -34.84
C ASN A 215 -48.51 3.14 -34.05
N ALA A 216 -49.41 3.32 -33.09
CA ALA A 216 -49.87 2.20 -32.27
C ALA A 216 -50.64 1.13 -33.04
N ASN A 217 -50.95 1.40 -34.30
CA ASN A 217 -51.72 0.44 -35.10
C ASN A 217 -50.93 -0.27 -36.18
N HIS A 218 -49.61 -0.32 -36.02
CA HIS A 218 -48.75 -0.99 -36.99
C HIS A 218 -49.05 -2.49 -37.04
N ARG A 219 -49.20 -3.03 -38.24
CA ARG A 219 -49.53 -4.44 -38.42
C ARG A 219 -48.58 -5.46 -37.78
N SER A 220 -47.31 -5.12 -37.64
CA SER A 220 -46.36 -6.04 -37.05
C SER A 220 -46.49 -6.17 -35.53
N ILE A 221 -47.19 -5.22 -34.92
CA ILE A 221 -47.39 -5.24 -33.48
C ILE A 221 -48.14 -6.49 -33.14
N GLY A 222 -47.74 -7.14 -32.05
CA GLY A 222 -48.41 -8.36 -31.63
C GLY A 222 -49.83 -8.00 -31.29
N GLU A 223 -50.79 -8.87 -31.57
CA GLU A 223 -52.17 -8.55 -31.27
C GLU A 223 -52.49 -8.65 -29.78
N LYS A 224 -53.39 -7.77 -29.35
CA LYS A 224 -53.81 -7.69 -27.96
C LYS A 224 -52.67 -7.18 -27.09
N PHE A 225 -51.61 -6.73 -27.76
CA PHE A 225 -50.47 -6.16 -27.08
C PHE A 225 -50.82 -4.71 -26.80
N THR A 226 -50.21 -4.15 -25.76
CA THR A 226 -50.46 -2.76 -25.44
C THR A 226 -49.18 -1.99 -25.78
N TYR A 227 -49.10 -1.56 -27.04
CA TYR A 227 -47.95 -0.83 -27.57
C TYR A 227 -47.61 0.35 -26.68
N PRO A 228 -46.33 0.46 -26.26
CA PRO A 228 -45.88 1.55 -25.39
C PRO A 228 -45.68 2.88 -26.11
N LEU A 229 -45.35 3.91 -25.34
CA LEU A 229 -45.10 5.23 -25.90
C LEU A 229 -43.60 5.35 -26.09
N PRO A 230 -43.16 5.55 -27.34
CA PRO A 230 -41.73 5.68 -27.58
C PRO A 230 -41.10 6.71 -26.64
N PHE A 231 -39.85 6.49 -26.27
CA PHE A 231 -39.14 7.42 -25.40
C PHE A 231 -38.47 8.47 -26.29
N PHE A 232 -39.19 9.55 -26.54
CA PHE A 232 -38.69 10.62 -27.38
C PHE A 232 -38.35 11.88 -26.60
N ASN A 233 -37.05 12.15 -26.47
CA ASN A 233 -36.60 13.34 -25.77
C ASN A 233 -35.72 14.12 -26.73
N ARG A 234 -35.99 15.39 -26.90
CA ARG A 234 -35.22 16.19 -27.83
C ARG A 234 -33.78 16.47 -27.41
N PRO A 235 -33.56 17.06 -26.23
CA PRO A 235 -32.16 17.33 -25.85
C PRO A 235 -31.30 16.07 -25.97
N LEU A 236 -31.89 14.93 -25.60
CA LEU A 236 -31.20 13.66 -25.68
C LEU A 236 -30.93 13.26 -27.13
N ASN A 237 -31.98 13.15 -27.92
CA ASN A 237 -31.83 12.79 -29.32
C ASN A 237 -30.83 13.71 -30.01
N ARG A 238 -30.92 15.01 -29.73
CA ARG A 238 -30.00 15.94 -30.34
C ARG A 238 -28.54 15.64 -29.98
N LEU A 239 -28.29 15.36 -28.70
CA LEU A 239 -26.94 15.06 -28.23
C LEU A 239 -26.39 13.77 -28.82
N LEU A 240 -27.25 12.78 -29.02
CA LEU A 240 -26.79 11.52 -29.57
C LEU A 240 -26.42 11.75 -31.02
N PHE A 241 -27.29 12.43 -31.76
CA PHE A 241 -27.02 12.71 -33.16
C PHE A 241 -25.66 13.39 -33.29
N GLU A 242 -25.42 14.35 -32.41
CA GLU A 242 -24.18 15.10 -32.44
C GLU A 242 -22.97 14.34 -31.90
N ALA A 243 -23.09 13.79 -30.69
CA ALA A 243 -21.97 13.09 -30.07
C ALA A 243 -21.77 11.60 -30.43
N VAL A 244 -22.80 10.94 -30.95
CA VAL A 244 -22.67 9.53 -31.27
C VAL A 244 -22.79 9.23 -32.75
N VAL A 245 -23.76 9.84 -33.42
CA VAL A 245 -23.90 9.57 -34.86
C VAL A 245 -22.98 10.44 -35.72
N GLY A 246 -22.79 11.69 -35.31
CA GLY A 246 -21.93 12.61 -36.04
C GLY A 246 -20.54 12.12 -36.42
N PRO A 247 -19.70 11.73 -35.45
CA PRO A 247 -18.35 11.25 -35.73
C PRO A 247 -18.33 10.18 -36.81
N ALA A 248 -19.29 9.26 -36.73
CA ALA A 248 -19.36 8.19 -37.70
C ALA A 248 -19.79 8.79 -39.03
N ALA A 249 -20.79 9.67 -38.98
CA ALA A 249 -21.29 10.32 -40.19
C ALA A 249 -20.13 10.93 -40.96
N VAL A 250 -19.29 11.66 -40.24
CA VAL A 250 -18.12 12.31 -40.84
C VAL A 250 -17.12 11.26 -41.28
N ALA A 251 -16.77 10.38 -40.35
CA ALA A 251 -15.81 9.32 -40.62
C ALA A 251 -16.15 8.53 -41.88
N LEU A 252 -17.42 8.17 -42.03
CA LEU A 252 -17.83 7.38 -43.17
C LEU A 252 -18.44 8.25 -44.24
N ARG A 253 -18.00 9.51 -44.25
CA ARG A 253 -18.43 10.55 -45.20
C ARG A 253 -19.86 10.38 -45.71
N SER A 254 -20.80 10.43 -44.79
CA SER A 254 -22.21 10.30 -45.08
C SER A 254 -22.94 11.53 -44.50
N ARG A 255 -23.06 12.56 -45.33
CA ARG A 255 -23.68 13.82 -44.93
C ARG A 255 -25.14 13.74 -44.44
N ASN A 256 -25.86 12.70 -44.81
CA ASN A 256 -27.22 12.56 -44.29
C ASN A 256 -27.04 11.83 -42.94
N VAL A 257 -26.90 12.60 -41.87
CA VAL A 257 -26.67 12.02 -40.54
C VAL A 257 -27.74 11.03 -40.05
N ASP A 258 -28.99 11.43 -40.15
CA ASP A 258 -30.09 10.58 -39.72
C ASP A 258 -29.94 9.21 -40.37
N ALA A 259 -29.61 9.21 -41.66
CA ALA A 259 -29.45 7.97 -42.43
C ALA A 259 -28.39 7.08 -41.79
N VAL A 260 -27.31 7.69 -41.34
CA VAL A 260 -26.23 6.97 -40.71
C VAL A 260 -26.75 6.31 -39.45
N ALA A 261 -27.49 7.07 -38.65
CA ALA A 261 -28.02 6.55 -37.41
C ALA A 261 -28.87 5.31 -37.68
N ARG A 262 -29.70 5.37 -38.72
CA ARG A 262 -30.57 4.25 -39.05
C ARG A 262 -29.78 3.03 -39.57
N ALA A 263 -28.62 3.26 -40.17
CA ALA A 263 -27.84 2.16 -40.68
C ALA A 263 -27.27 1.35 -39.53
N ALA A 264 -26.84 2.04 -38.47
CA ALA A 264 -26.26 1.37 -37.32
C ALA A 264 -27.35 0.57 -36.61
N ALA A 265 -28.55 1.14 -36.50
CA ALA A 265 -29.66 0.47 -35.84
C ALA A 265 -30.00 -0.80 -36.61
N HIS A 266 -29.96 -0.72 -37.94
CA HIS A 266 -30.26 -1.86 -38.80
C HIS A 266 -29.35 -3.01 -38.45
N LEU A 267 -28.06 -2.73 -38.30
CA LEU A 267 -27.08 -3.76 -37.99
C LEU A 267 -27.25 -4.32 -36.58
N ALA A 268 -27.77 -3.50 -35.68
CA ALA A 268 -27.98 -3.93 -34.30
C ALA A 268 -29.24 -4.81 -34.14
N PHE A 269 -30.28 -4.51 -34.91
CA PHE A 269 -31.51 -5.29 -34.81
C PHE A 269 -31.53 -6.57 -35.66
N ASP A 270 -30.76 -6.60 -36.74
CA ASP A 270 -30.70 -7.77 -37.60
C ASP A 270 -29.30 -8.37 -37.73
N GLU A 271 -28.94 -9.24 -36.80
CA GLU A 271 -27.61 -9.86 -36.82
C GLU A 271 -27.29 -10.52 -38.15
N ASN A 272 -28.31 -11.00 -38.85
CA ASN A 272 -28.08 -11.66 -40.13
C ASN A 272 -27.94 -10.72 -41.30
N HIS A 273 -27.86 -9.41 -41.04
CA HIS A 273 -27.77 -8.45 -42.13
C HIS A 273 -26.39 -8.21 -42.74
N GLU A 274 -26.28 -8.45 -44.03
CA GLU A 274 -25.05 -8.22 -44.77
C GLU A 274 -25.52 -7.25 -45.86
N GLY A 275 -24.66 -6.85 -46.78
CA GLY A 275 -25.15 -5.93 -47.79
C GLY A 275 -25.17 -4.47 -47.34
N ALA A 276 -25.60 -3.59 -48.24
CA ALA A 276 -25.63 -2.15 -47.96
C ALA A 276 -26.30 -1.76 -46.65
N ALA A 277 -25.80 -0.71 -46.04
CA ALA A 277 -26.36 -0.20 -44.78
C ALA A 277 -26.41 1.32 -44.88
N LEU A 278 -25.30 1.93 -45.30
CA LEU A 278 -25.25 3.38 -45.48
C LEU A 278 -26.30 3.67 -46.57
N PRO A 279 -26.89 4.86 -46.57
CA PRO A 279 -27.92 5.25 -47.54
C PRO A 279 -27.62 4.88 -48.98
N ALA A 280 -28.65 4.42 -49.69
CA ALA A 280 -28.52 3.99 -51.07
C ALA A 280 -28.16 5.14 -52.00
N ASP A 281 -28.38 6.36 -51.54
CA ASP A 281 -28.09 7.54 -52.34
C ASP A 281 -27.08 8.44 -51.67
N ILE A 282 -26.10 7.83 -51.01
CA ILE A 282 -25.05 8.60 -50.35
C ILE A 282 -24.32 9.38 -51.45
N THR A 283 -23.96 10.63 -51.17
CA THR A 283 -23.29 11.47 -52.14
C THR A 283 -21.75 11.32 -52.04
N PHE A 284 -20.99 11.96 -52.93
CA PHE A 284 -19.52 11.83 -52.88
C PHE A 284 -18.74 13.12 -53.11
N THR A 285 -17.75 13.39 -52.26
CA THR A 285 -16.93 14.59 -52.40
C THR A 285 -16.14 14.57 -53.71
N ALA A 286 -16.33 15.62 -54.52
CA ALA A 286 -15.65 15.76 -55.80
C ALA A 286 -14.27 16.37 -55.65
N PHE A 287 -13.28 15.76 -56.27
CA PHE A 287 -11.91 16.25 -56.21
C PHE A 287 -11.00 15.38 -57.05
N ALA A 307 -16.17 3.01 -66.02
CA ALA A 307 -14.92 3.69 -65.69
C ALA A 307 -15.07 5.22 -65.49
N GLY A 308 -14.01 5.86 -64.96
CA GLY A 308 -13.98 7.29 -64.68
C GLY A 308 -13.43 7.33 -63.27
N GLY A 309 -14.14 7.91 -62.32
CA GLY A 309 -13.68 7.80 -60.95
C GLY A 309 -14.76 6.97 -60.23
N PHE A 310 -15.50 6.21 -61.01
CA PHE A 310 -16.62 5.38 -60.54
C PHE A 310 -16.25 4.34 -59.50
N GLU A 311 -15.16 3.60 -59.73
CA GLU A 311 -14.76 2.57 -58.78
C GLU A 311 -14.29 3.20 -57.48
N GLN A 312 -13.54 4.28 -57.59
CA GLN A 312 -13.02 4.99 -56.45
C GLN A 312 -14.19 5.23 -55.51
N ARG A 313 -15.23 5.89 -56.01
CA ARG A 313 -16.41 6.19 -55.21
C ARG A 313 -17.01 4.92 -54.61
N LEU A 314 -17.19 3.89 -55.43
CA LEU A 314 -17.77 2.65 -54.98
C LEU A 314 -16.97 2.00 -53.86
N ALA A 315 -15.66 1.98 -54.00
CA ALA A 315 -14.79 1.39 -53.00
C ALA A 315 -14.94 2.07 -51.63
N SER A 316 -15.34 3.34 -51.63
CA SER A 316 -15.49 4.07 -50.37
C SER A 316 -16.77 3.75 -49.58
N VAL A 317 -17.89 3.57 -50.29
CA VAL A 317 -19.14 3.27 -49.63
C VAL A 317 -19.11 1.86 -49.12
N MET A 318 -18.54 0.97 -49.92
CA MET A 318 -18.44 -0.41 -49.54
C MET A 318 -17.49 -0.55 -48.35
N ALA A 319 -16.40 0.20 -48.36
CA ALA A 319 -15.49 0.15 -47.23
C ALA A 319 -16.21 0.84 -46.07
N GLY A 320 -16.99 1.85 -46.40
CA GLY A 320 -17.72 2.56 -45.38
C GLY A 320 -18.62 1.60 -44.63
N ASP A 321 -19.36 0.78 -45.37
CA ASP A 321 -20.25 -0.18 -44.74
C ASP A 321 -19.38 -1.21 -44.03
N ALA A 322 -18.35 -1.68 -44.73
CA ALA A 322 -17.44 -2.67 -44.18
C ALA A 322 -17.05 -2.25 -42.77
N ALA A 323 -16.64 -0.99 -42.63
CA ALA A 323 -16.24 -0.48 -41.33
C ALA A 323 -17.42 -0.36 -40.36
N LEU A 324 -18.51 0.26 -40.80
CA LEU A 324 -19.65 0.38 -39.91
C LEU A 324 -20.04 -1.00 -39.38
N ALA A 325 -20.00 -1.99 -40.27
CA ALA A 325 -20.37 -3.34 -39.89
C ALA A 325 -19.38 -3.92 -38.88
N LEU A 326 -18.08 -3.78 -39.17
CA LEU A 326 -17.09 -4.30 -38.27
C LEU A 326 -17.22 -3.66 -36.89
N GLU A 327 -17.44 -2.34 -36.85
CA GLU A 327 -17.59 -1.66 -35.57
C GLU A 327 -18.80 -2.22 -34.83
N SER A 328 -19.86 -2.54 -35.57
CA SER A 328 -21.04 -3.10 -34.95
C SER A 328 -20.67 -4.43 -34.27
N ILE A 329 -19.95 -5.29 -34.96
CA ILE A 329 -19.51 -6.56 -34.39
C ILE A 329 -18.94 -6.29 -32.98
N VAL A 330 -17.97 -5.38 -32.90
CA VAL A 330 -17.33 -5.04 -31.63
C VAL A 330 -18.29 -4.49 -30.58
N SER A 331 -19.40 -3.90 -31.04
CA SER A 331 -20.38 -3.33 -30.13
C SER A 331 -21.26 -4.40 -29.53
N MET A 332 -21.42 -5.51 -30.25
CA MET A 332 -22.26 -6.60 -29.80
C MET A 332 -21.39 -7.68 -29.17
N ALA A 333 -20.17 -7.29 -28.82
CA ALA A 333 -19.21 -8.20 -28.21
C ALA A 333 -19.19 -8.02 -26.70
N VAL A 334 -18.34 -8.78 -26.03
CA VAL A 334 -18.23 -8.72 -24.58
C VAL A 334 -16.77 -8.75 -24.16
N PHE A 335 -16.27 -7.63 -23.66
CA PHE A 335 -14.88 -7.54 -23.26
C PHE A 335 -14.61 -7.80 -21.78
N ASP A 336 -13.35 -8.10 -21.48
CA ASP A 336 -12.92 -8.43 -20.13
C ASP A 336 -12.57 -7.27 -19.20
N GLU A 337 -12.19 -6.12 -19.76
CA GLU A 337 -11.85 -4.97 -18.91
C GLU A 337 -13.09 -4.44 -18.22
N PRO A 338 -13.00 -4.18 -16.90
CA PRO A 338 -14.17 -3.67 -16.20
C PRO A 338 -14.21 -2.16 -16.28
N PRO A 339 -15.38 -1.56 -16.07
CA PRO A 339 -15.55 -0.12 -16.12
C PRO A 339 -14.71 0.49 -15.00
N THR A 340 -14.09 1.64 -15.23
CA THR A 340 -13.26 2.28 -14.22
C THR A 340 -14.04 2.64 -12.96
N ASP A 341 -13.35 2.58 -11.83
CA ASP A 341 -13.89 2.89 -10.53
C ASP A 341 -13.01 4.02 -9.95
N ILE A 342 -13.54 5.22 -9.73
CA ILE A 342 -12.72 6.31 -9.18
C ILE A 342 -12.02 5.95 -7.88
N SER A 343 -12.68 5.17 -7.04
CA SER A 343 -12.09 4.80 -5.77
C SER A 343 -10.93 3.81 -5.95
N ALA A 344 -10.60 3.44 -7.18
CA ALA A 344 -9.50 2.52 -7.39
C ALA A 344 -8.33 3.26 -8.03
N TRP A 345 -8.60 4.49 -8.48
CA TRP A 345 -7.58 5.31 -9.13
C TRP A 345 -6.43 5.69 -8.20
N PRO A 346 -5.25 5.05 -8.35
CA PRO A 346 -4.11 5.37 -7.48
C PRO A 346 -3.80 6.84 -7.55
N LEU A 347 -4.32 7.47 -8.60
CA LEU A 347 -4.11 8.89 -8.85
C LEU A 347 -4.49 9.77 -7.66
N PHE A 348 -5.37 9.27 -6.79
CA PHE A 348 -5.81 10.02 -5.62
C PHE A 348 -4.94 9.81 -4.37
N GLU A 349 -4.34 8.63 -4.25
CA GLU A 349 -3.49 8.31 -3.10
C GLU A 349 -2.79 9.52 -2.49
N GLY A 350 -3.09 9.76 -1.23
CA GLY A 350 -2.49 10.87 -0.52
C GLY A 350 -3.12 12.17 -0.92
N GLN A 351 -2.71 12.67 -2.10
CA GLN A 351 -3.23 13.92 -2.62
C GLN A 351 -4.69 13.62 -2.93
N ASP A 352 -5.49 13.40 -1.89
CA ASP A 352 -6.90 13.08 -2.06
C ASP A 352 -7.70 13.35 -0.80
N THR A 353 -7.09 13.97 0.20
CA THR A 353 -7.85 14.24 1.40
C THR A 353 -8.85 15.34 1.03
N ALA A 354 -8.35 16.55 0.84
CA ALA A 354 -9.23 17.68 0.48
C ALA A 354 -9.94 17.40 -0.83
N ALA A 355 -11.04 18.11 -1.09
CA ALA A 355 -11.79 17.95 -2.34
C ALA A 355 -10.90 18.38 -3.50
N ALA A 356 -9.70 18.85 -3.18
CA ALA A 356 -8.72 19.26 -4.17
C ALA A 356 -7.99 17.99 -4.67
N ARG A 357 -8.79 16.95 -4.92
CA ARG A 357 -8.31 15.68 -5.47
C ARG A 357 -8.51 16.01 -6.96
N ALA A 358 -9.37 17.00 -7.17
CA ALA A 358 -9.69 17.51 -8.50
C ALA A 358 -8.43 17.93 -9.24
N ASN A 359 -7.43 18.43 -8.51
CA ASN A 359 -6.19 18.84 -9.15
C ASN A 359 -5.54 17.60 -9.77
N ALA A 360 -5.44 16.51 -9.01
CA ALA A 360 -4.86 15.28 -9.52
C ALA A 360 -5.47 14.95 -10.89
N VAL A 361 -6.80 14.97 -10.96
CA VAL A 361 -7.49 14.66 -12.20
C VAL A 361 -7.17 15.73 -13.25
N GLY A 362 -7.11 16.98 -12.82
CA GLY A 362 -6.81 18.05 -13.74
C GLY A 362 -5.43 17.90 -14.35
N ALA A 363 -4.45 17.57 -13.51
CA ALA A 363 -3.09 17.40 -13.99
C ALA A 363 -3.03 16.20 -14.91
N TYR A 364 -3.83 15.18 -14.63
CA TYR A 364 -3.81 14.00 -15.46
C TYR A 364 -4.31 14.30 -16.87
N LEU A 365 -5.53 14.81 -16.97
CA LEU A 365 -6.11 15.13 -18.26
C LEU A 365 -5.17 16.02 -19.08
N ALA A 366 -4.43 16.88 -18.38
CA ALA A 366 -3.52 17.79 -19.05
C ALA A 366 -2.45 17.07 -19.85
N ARG A 367 -2.01 15.92 -19.34
CA ARG A 367 -1.00 15.15 -20.05
C ARG A 367 -1.56 14.73 -21.40
N ALA A 368 -2.77 14.19 -21.35
CA ALA A 368 -3.45 13.71 -22.54
C ALA A 368 -3.57 14.81 -23.57
N ALA A 369 -3.72 16.05 -23.12
CA ALA A 369 -3.84 17.19 -24.03
C ALA A 369 -2.76 17.11 -25.09
N GLY A 370 -1.54 16.78 -24.67
CA GLY A 370 -0.43 16.66 -25.60
C GLY A 370 -0.69 15.64 -26.70
N LEU A 371 -1.38 14.54 -26.34
CA LEU A 371 -1.71 13.51 -27.31
C LEU A 371 -2.78 14.01 -28.25
N VAL A 372 -3.87 14.56 -27.72
CA VAL A 372 -4.93 15.05 -28.59
C VAL A 372 -4.37 16.14 -29.50
N GLY A 373 -3.33 16.82 -29.02
CA GLY A 373 -2.73 17.84 -29.85
C GLY A 373 -2.21 17.19 -31.13
N ALA A 374 -1.44 16.12 -30.96
CA ALA A 374 -0.87 15.40 -32.09
C ALA A 374 -1.95 14.86 -32.99
N MET A 375 -3.05 14.39 -32.40
CA MET A 375 -4.15 13.85 -33.20
C MET A 375 -4.87 14.92 -34.01
N VAL A 376 -4.62 16.19 -33.71
CA VAL A 376 -5.26 17.25 -34.46
C VAL A 376 -4.33 17.86 -35.47
N PHE A 377 -3.04 17.90 -35.16
CA PHE A 377 -2.08 18.49 -36.08
C PHE A 377 -1.25 17.55 -36.95
N SER A 378 -1.40 16.24 -36.76
CA SER A 378 -0.67 15.30 -37.59
C SER A 378 -1.39 15.27 -38.93
N THR A 379 -0.66 15.52 -40.02
CA THR A 379 -1.30 15.53 -41.32
C THR A 379 -1.85 14.18 -41.76
N ASN A 380 -1.55 13.12 -41.02
CA ASN A 380 -2.05 11.82 -41.39
C ASN A 380 -2.80 11.21 -40.24
N SER A 381 -3.38 12.05 -39.40
CA SER A 381 -4.13 11.57 -38.26
C SER A 381 -5.46 11.00 -38.70
N ALA A 382 -5.94 10.00 -37.96
CA ALA A 382 -7.20 9.35 -38.26
C ALA A 382 -8.28 10.39 -38.37
N LEU A 383 -8.20 11.45 -37.56
CA LEU A 383 -9.22 12.49 -37.61
C LEU A 383 -9.31 13.19 -38.97
N HIS A 384 -8.30 13.05 -39.81
CA HIS A 384 -8.31 13.73 -41.10
C HIS A 384 -8.52 12.81 -42.31
N LEU A 385 -8.10 11.56 -42.20
CA LEU A 385 -8.25 10.64 -43.31
C LEU A 385 -9.71 10.29 -43.52
N THR A 386 -10.44 11.17 -44.21
CA THR A 386 -11.86 10.94 -44.45
C THR A 386 -12.27 10.73 -45.89
N GLU A 387 -11.32 10.80 -46.81
CA GLU A 387 -11.65 10.57 -48.21
C GLU A 387 -10.80 9.41 -48.73
N VAL A 388 -11.23 8.80 -49.83
CA VAL A 388 -10.49 7.67 -50.40
C VAL A 388 -9.96 7.99 -51.79
N ASP A 389 -8.78 7.48 -52.11
CA ASP A 389 -8.21 7.74 -53.42
C ASP A 389 -7.89 6.45 -54.17
N ASP A 390 -8.03 6.51 -55.50
CA ASP A 390 -7.78 5.37 -56.38
C ASP A 390 -6.42 5.53 -57.06
N ALA A 391 -5.47 4.65 -56.74
CA ALA A 391 -4.15 4.74 -57.37
C ALA A 391 -4.06 3.82 -58.58
N GLY A 392 -5.16 3.14 -58.87
CA GLY A 392 -5.20 2.22 -60.00
C GLY A 392 -4.49 0.92 -59.70
N PRO A 393 -4.72 -0.13 -60.51
CA PRO A 393 -4.04 -1.39 -60.26
C PRO A 393 -2.55 -1.28 -60.47
N ALA A 394 -1.80 -2.29 -60.04
CA ALA A 394 -0.35 -2.27 -60.20
C ALA A 394 0.12 -2.92 -61.51
N HIS A 399 -3.42 -6.87 -65.12
CA HIS A 399 -4.52 -5.98 -64.72
C HIS A 399 -5.46 -6.69 -63.76
N SER A 400 -5.17 -7.95 -63.48
CA SER A 400 -5.97 -8.75 -62.56
C SER A 400 -5.08 -9.05 -61.38
N LYS A 401 -3.81 -8.68 -61.52
CA LYS A 401 -2.82 -8.90 -60.48
C LYS A 401 -3.27 -8.19 -59.20
N PRO A 402 -2.88 -8.70 -58.02
CA PRO A 402 -3.25 -8.09 -56.73
C PRO A 402 -3.12 -6.56 -56.71
N SER A 403 -3.90 -5.93 -55.84
CA SER A 403 -3.88 -4.48 -55.73
C SER A 403 -4.32 -4.09 -54.34
N PHE A 404 -3.62 -4.60 -53.34
CA PHE A 404 -3.95 -4.33 -51.96
C PHE A 404 -3.70 -2.89 -51.52
N TYR A 405 -3.11 -2.08 -52.40
CA TYR A 405 -2.83 -0.68 -52.07
C TYR A 405 -3.43 0.29 -53.07
N ARG A 406 -4.30 -0.22 -53.93
CA ARG A 406 -4.96 0.63 -54.92
C ARG A 406 -5.83 1.70 -54.28
N PHE A 407 -6.72 1.26 -53.39
CA PHE A 407 -7.63 2.16 -52.69
C PHE A 407 -7.10 2.41 -51.27
N PHE A 408 -7.19 3.68 -50.83
CA PHE A 408 -6.70 4.04 -49.51
C PHE A 408 -7.20 5.41 -49.01
N LEU A 409 -7.23 5.58 -47.69
CA LEU A 409 -7.67 6.82 -47.07
C LEU A 409 -6.65 7.94 -47.29
N VAL A 410 -7.15 9.15 -47.53
CA VAL A 410 -6.30 10.33 -47.70
C VAL A 410 -6.96 11.42 -46.87
N PRO A 411 -6.21 12.46 -46.51
CA PRO A 411 -6.81 13.52 -45.71
C PRO A 411 -7.82 14.23 -46.58
N GLY A 412 -8.96 14.60 -45.99
CA GLY A 412 -9.99 15.28 -46.75
C GLY A 412 -10.70 16.36 -45.94
N THR A 413 -10.04 16.82 -44.89
CA THR A 413 -10.61 17.85 -44.03
C THR A 413 -10.69 19.15 -44.81
N HIS A 414 -9.71 19.37 -45.68
CA HIS A 414 -9.63 20.59 -46.49
C HIS A 414 -10.50 20.54 -47.75
N VAL A 415 -11.17 19.42 -47.98
CA VAL A 415 -11.99 19.26 -49.17
C VAL A 415 -13.47 19.00 -48.88
N ALA A 416 -13.81 18.87 -47.59
CA ALA A 416 -15.19 18.60 -47.19
C ALA A 416 -16.16 19.68 -47.66
N ALA A 417 -15.60 20.69 -48.30
CA ALA A 417 -16.42 21.79 -48.81
C ALA A 417 -16.69 21.63 -50.30
N ASN A 418 -15.90 20.80 -50.98
CA ASN A 418 -16.07 20.59 -52.40
C ASN A 418 -17.48 20.12 -52.71
N PRO A 419 -17.83 20.05 -54.00
CA PRO A 419 -19.17 19.61 -54.38
C PRO A 419 -19.43 18.13 -54.10
N GLN A 420 -20.68 17.79 -53.84
CA GLN A 420 -21.06 16.41 -53.62
C GLN A 420 -21.57 15.89 -54.94
N VAL A 421 -21.02 14.77 -55.36
CA VAL A 421 -21.38 14.15 -56.61
C VAL A 421 -22.08 12.83 -56.29
N ASP A 422 -22.87 12.30 -57.24
CA ASP A 422 -23.56 11.03 -56.99
C ASP A 422 -22.80 9.82 -57.50
N ARG A 423 -23.45 8.67 -57.41
CA ARG A 423 -22.86 7.41 -57.85
C ARG A 423 -22.09 7.56 -59.16
N GLU A 424 -22.70 8.25 -60.13
CA GLU A 424 -22.12 8.45 -61.45
C GLU A 424 -21.28 9.71 -61.67
N GLY A 425 -20.82 10.34 -60.60
CA GLY A 425 -20.00 11.53 -60.75
C GLY A 425 -20.70 12.83 -61.14
N HIS A 426 -22.00 12.95 -60.89
CA HIS A 426 -22.69 14.19 -61.24
C HIS A 426 -23.02 14.97 -59.96
N VAL A 427 -22.84 16.29 -60.02
CA VAL A 427 -23.14 17.14 -58.88
C VAL A 427 -24.60 16.92 -58.51
N VAL A 428 -24.94 17.06 -57.25
CA VAL A 428 -26.31 16.81 -56.79
C VAL A 428 -27.28 18.00 -56.87
N PRO A 429 -27.44 18.80 -55.79
CA PRO A 429 -28.39 19.87 -56.08
C PRO A 429 -27.83 21.21 -55.62
N GLY A 430 -27.88 21.44 -54.31
CA GLY A 430 -27.40 22.68 -53.75
C GLY A 430 -25.89 22.81 -53.78
N PHE A 431 -25.20 21.93 -54.52
CA PHE A 431 -23.75 22.03 -54.60
C PHE A 431 -23.26 22.74 -55.84
N GLU A 432 -24.16 23.00 -56.78
CA GLU A 432 -23.76 23.70 -57.99
C GLU A 432 -23.16 25.01 -57.47
N GLY A 433 -22.11 25.48 -58.14
CA GLY A 433 -21.52 26.73 -57.70
C GLY A 433 -20.29 26.59 -56.81
N ARG A 434 -20.38 25.80 -55.75
CA ARG A 434 -19.25 25.58 -54.84
C ARG A 434 -17.91 25.32 -55.55
N PRO A 435 -16.83 25.93 -55.02
CA PRO A 435 -15.50 25.76 -55.62
C PRO A 435 -14.91 24.44 -55.18
N THR A 436 -14.21 23.76 -56.08
CA THR A 436 -13.64 22.48 -55.70
C THR A 436 -12.14 22.59 -55.46
N ALA A 437 -11.78 22.55 -54.18
CA ALA A 437 -10.40 22.63 -53.72
C ALA A 437 -9.64 21.38 -54.09
N PRO A 438 -8.34 21.51 -54.34
CA PRO A 438 -7.48 20.38 -54.71
C PRO A 438 -7.09 19.54 -53.49
N LEU A 439 -6.98 18.24 -53.71
CA LEU A 439 -6.63 17.28 -52.66
C LEU A 439 -5.22 17.46 -52.09
N VAL A 440 -4.35 18.05 -52.90
CA VAL A 440 -2.97 18.30 -52.49
C VAL A 440 -2.62 19.75 -52.79
N GLY A 441 -1.93 20.40 -51.86
CA GLY A 441 -1.57 21.78 -52.08
C GLY A 441 -2.74 22.75 -52.01
N GLY A 442 -2.53 23.96 -52.54
CA GLY A 442 -3.58 24.96 -52.48
C GLY A 442 -3.41 25.65 -51.13
N THR A 443 -4.01 26.81 -50.94
CA THR A 443 -3.86 27.51 -49.66
C THR A 443 -5.04 27.09 -48.79
N GLN A 444 -4.79 26.09 -47.96
CA GLN A 444 -5.82 25.54 -47.08
C GLN A 444 -6.12 26.40 -45.84
N GLU A 445 -7.34 26.30 -45.35
CA GLU A 445 -7.76 27.05 -44.16
C GLU A 445 -8.21 26.07 -43.08
N PHE A 446 -7.67 26.21 -41.89
CA PHE A 446 -8.06 25.34 -40.79
C PHE A 446 -8.68 26.22 -39.71
N ALA A 447 -9.97 26.48 -39.85
CA ALA A 447 -10.71 27.32 -38.92
C ALA A 447 -11.57 26.53 -37.94
N GLY A 448 -12.22 27.25 -37.05
CA GLY A 448 -13.09 26.62 -36.09
C GLY A 448 -14.07 25.66 -36.76
N GLU A 449 -14.61 26.02 -37.92
CA GLU A 449 -15.55 25.12 -38.57
C GLU A 449 -14.98 23.72 -38.69
N HIS A 450 -13.73 23.64 -39.12
CA HIS A 450 -13.05 22.36 -39.30
C HIS A 450 -12.87 21.61 -37.99
N LEU A 451 -12.39 22.32 -36.99
CA LEU A 451 -12.20 21.71 -35.69
C LEU A 451 -13.53 21.07 -35.28
N ALA A 452 -14.62 21.77 -35.56
CA ALA A 452 -15.93 21.26 -35.21
C ALA A 452 -16.26 19.99 -35.97
N MET A 453 -15.79 19.88 -37.19
CA MET A 453 -16.08 18.68 -37.99
C MET A 453 -15.34 17.49 -37.41
N LEU A 454 -14.07 17.67 -37.06
CA LEU A 454 -13.28 16.58 -36.49
C LEU A 454 -13.99 16.02 -35.25
N SER A 455 -14.80 16.84 -34.60
CA SER A 455 -15.51 16.35 -33.43
C SER A 455 -16.97 16.11 -33.73
N GLY A 456 -17.22 15.52 -34.90
CA GLY A 456 -18.58 15.19 -35.31
C GLY A 456 -19.63 16.28 -35.28
N PHE A 457 -19.22 17.53 -35.36
CA PHE A 457 -20.16 18.65 -35.33
C PHE A 457 -20.92 18.62 -34.03
N SER A 458 -20.25 18.22 -32.96
CA SER A 458 -20.87 18.18 -31.65
C SER A 458 -20.28 19.29 -30.81
N PRO A 459 -21.10 20.27 -30.43
CA PRO A 459 -20.52 21.33 -29.61
C PRO A 459 -20.11 20.76 -28.26
N ALA A 460 -20.86 19.78 -27.76
CA ALA A 460 -20.51 19.20 -26.46
C ALA A 460 -19.08 18.63 -26.55
N LEU A 461 -18.81 17.84 -27.57
CA LEU A 461 -17.47 17.26 -27.69
C LEU A 461 -16.41 18.29 -28.06
N LEU A 462 -16.72 19.15 -29.03
CA LEU A 462 -15.81 20.18 -29.49
C LEU A 462 -15.27 20.97 -28.30
N ALA A 463 -16.12 21.13 -27.31
CA ALA A 463 -15.74 21.85 -26.11
C ALA A 463 -14.54 21.13 -25.48
N LYS A 464 -14.65 19.82 -25.27
CA LYS A 464 -13.55 19.07 -24.66
C LYS A 464 -12.31 19.09 -25.55
N MET A 465 -12.53 19.24 -26.85
CA MET A 465 -11.43 19.33 -27.80
C MET A 465 -10.60 20.58 -27.43
N LEU A 466 -11.26 21.72 -27.34
CA LEU A 466 -10.59 22.98 -27.03
C LEU A 466 -9.91 22.91 -25.68
N PHE A 467 -10.58 22.25 -24.72
CA PHE A 467 -10.03 22.10 -23.38
C PHE A 467 -8.59 21.61 -23.46
N TYR A 468 -8.36 20.67 -24.37
CA TYR A 468 -7.05 20.07 -24.57
C TYR A 468 -6.19 20.94 -25.44
N LEU A 469 -6.76 21.43 -26.53
CA LEU A 469 -6.00 22.27 -27.43
C LEU A 469 -5.43 23.46 -26.66
N GLU A 470 -6.21 23.94 -25.70
CA GLU A 470 -5.79 25.07 -24.86
C GLU A 470 -4.59 24.73 -23.97
N ARG A 471 -4.37 23.44 -23.72
CA ARG A 471 -3.27 23.00 -22.88
C ARG A 471 -2.08 22.65 -23.74
N CYS A 472 -2.13 23.01 -25.02
CA CYS A 472 -1.05 22.69 -25.94
C CYS A 472 -0.17 23.83 -26.42
N ASP A 473 0.71 23.47 -27.33
CA ASP A 473 1.70 24.35 -27.95
C ASP A 473 2.89 24.56 -27.02
N GLY A 474 3.55 23.45 -26.71
CA GLY A 474 4.74 23.52 -25.88
C GLY A 474 5.83 23.89 -26.87
N ALA A 475 5.60 24.98 -27.59
CA ALA A 475 6.54 25.47 -28.60
C ALA A 475 7.77 26.15 -28.00
N VAL A 476 8.90 25.96 -28.68
CA VAL A 476 10.18 26.52 -28.28
C VAL A 476 10.96 26.99 -29.50
N ILE A 477 10.25 27.24 -30.60
CA ILE A 477 10.93 27.69 -31.83
C ILE A 477 10.25 28.89 -32.46
N VAL A 478 9.11 29.29 -31.90
CA VAL A 478 8.36 30.43 -32.41
C VAL A 478 8.99 31.76 -32.00
N MET A 483 2.84 33.97 -30.23
CA MET A 483 1.81 35.02 -30.30
C MET A 483 1.44 35.59 -28.94
N ASP A 484 1.32 36.92 -28.88
CA ASP A 484 0.94 37.61 -27.65
C ASP A 484 -0.59 37.66 -27.59
N VAL A 485 -1.18 36.79 -26.76
CA VAL A 485 -2.63 36.72 -26.62
C VAL A 485 -3.19 38.03 -26.10
N PHE A 486 -2.56 38.55 -25.04
CA PHE A 486 -2.98 39.80 -24.43
C PHE A 486 -2.96 40.96 -25.42
N ARG A 487 -1.83 41.11 -26.11
CA ARG A 487 -1.69 42.17 -27.11
C ARG A 487 -2.77 42.01 -28.19
N TYR A 488 -2.94 40.80 -28.69
CA TYR A 488 -3.94 40.56 -29.71
C TYR A 488 -5.32 41.05 -29.27
N VAL A 489 -5.79 40.56 -28.13
CA VAL A 489 -7.11 40.93 -27.62
C VAL A 489 -7.26 42.44 -27.49
N ALA A 490 -6.26 43.09 -26.90
CA ALA A 490 -6.29 44.53 -26.71
C ALA A 490 -6.45 45.29 -28.03
N ASP A 491 -5.53 45.07 -28.96
CA ASP A 491 -5.56 45.74 -30.24
C ASP A 491 -6.66 45.26 -31.16
N SER A 492 -7.73 44.69 -30.60
CA SER A 492 -8.79 44.18 -31.44
C SER A 492 -10.13 44.81 -31.12
N ASN A 493 -10.18 45.61 -30.07
CA ASN A 493 -11.45 46.22 -29.70
C ASN A 493 -12.07 47.10 -30.80
N GLN A 494 -13.35 46.82 -31.07
CA GLN A 494 -14.14 47.51 -32.10
C GLN A 494 -13.34 47.74 -33.39
N THR A 495 -12.42 46.80 -33.69
CA THR A 495 -11.57 46.91 -34.86
C THR A 495 -12.06 46.03 -35.99
N ASP A 496 -13.26 45.47 -35.83
CA ASP A 496 -13.85 44.62 -36.85
C ASP A 496 -13.13 43.27 -36.88
N VAL A 497 -13.61 42.35 -36.05
CA VAL A 497 -13.03 41.01 -35.93
C VAL A 497 -13.69 40.01 -36.88
N PRO A 498 -12.89 39.14 -37.51
CA PRO A 498 -13.37 38.11 -38.44
C PRO A 498 -14.01 36.92 -37.71
N CYS A 499 -14.91 37.20 -36.78
CA CYS A 499 -15.58 36.13 -36.03
C CYS A 499 -16.83 36.65 -35.35
N ASN A 500 -17.96 36.00 -35.62
CA ASN A 500 -19.24 36.39 -35.03
C ASN A 500 -19.63 35.46 -33.91
N LEU A 501 -18.64 34.92 -33.21
CA LEU A 501 -18.88 33.98 -32.12
C LEU A 501 -18.49 34.57 -30.80
N CYS A 502 -17.54 35.50 -30.83
CA CYS A 502 -17.07 36.11 -29.60
C CYS A 502 -17.15 37.63 -29.61
N THR A 503 -16.74 38.20 -28.48
CA THR A 503 -16.73 39.63 -28.30
C THR A 503 -15.46 39.96 -27.54
N PHE A 504 -15.21 41.26 -27.37
CA PHE A 504 -14.02 41.72 -26.65
C PHE A 504 -13.87 40.97 -25.30
N ASP A 505 -14.96 40.83 -24.55
CA ASP A 505 -14.91 40.16 -23.27
C ASP A 505 -14.74 38.65 -23.31
N THR A 506 -14.70 38.07 -24.49
CA THR A 506 -14.56 36.62 -24.59
C THR A 506 -13.46 36.14 -25.53
N ARG A 507 -12.87 37.05 -26.30
CA ARG A 507 -11.80 36.72 -27.23
C ARG A 507 -10.73 35.81 -26.63
N HIS A 508 -10.40 36.00 -25.36
CA HIS A 508 -9.36 35.18 -24.75
C HIS A 508 -9.62 33.67 -24.85
N ALA A 509 -10.88 33.27 -24.84
CA ALA A 509 -11.20 31.84 -24.91
C ALA A 509 -11.83 31.36 -26.22
N CYS A 510 -12.14 32.27 -27.13
CA CYS A 510 -12.77 31.89 -28.40
C CYS A 510 -11.94 30.99 -29.30
N VAL A 511 -12.61 30.05 -29.96
CA VAL A 511 -11.95 29.15 -30.87
C VAL A 511 -10.97 29.92 -31.75
N HIS A 512 -11.51 30.81 -32.59
CA HIS A 512 -10.70 31.58 -33.52
C HIS A 512 -9.39 32.07 -32.92
N THR A 513 -9.45 32.51 -31.66
CA THR A 513 -8.25 32.99 -30.99
C THR A 513 -7.32 31.83 -30.69
N THR A 514 -7.88 30.78 -30.11
CA THR A 514 -7.07 29.61 -29.79
C THR A 514 -6.40 29.11 -31.04
N LEU A 515 -7.16 29.01 -32.13
CA LEU A 515 -6.58 28.55 -33.37
C LEU A 515 -5.54 29.53 -33.88
N MET A 516 -5.78 30.82 -33.63
CA MET A 516 -4.80 31.80 -34.07
C MET A 516 -3.47 31.55 -33.37
N ARG A 517 -3.55 31.27 -32.07
CA ARG A 517 -2.40 30.99 -31.22
C ARG A 517 -1.64 29.74 -31.65
N LEU A 518 -2.37 28.79 -32.23
CA LEU A 518 -1.79 27.53 -32.71
C LEU A 518 -1.61 27.49 -34.22
N ARG A 519 -1.72 28.63 -34.88
CA ARG A 519 -1.61 28.73 -36.34
C ARG A 519 -0.46 27.95 -36.99
N ALA A 520 0.72 28.04 -36.42
CA ALA A 520 1.89 27.36 -36.96
C ALA A 520 1.70 25.86 -37.05
N ARG A 521 0.95 25.28 -36.12
CA ARG A 521 0.72 23.84 -36.11
C ARG A 521 -0.35 23.35 -37.09
N HIS A 522 -1.14 24.27 -37.62
CA HIS A 522 -2.20 23.90 -38.55
C HIS A 522 -1.78 22.93 -39.63
N PRO A 523 -2.64 21.94 -39.92
CA PRO A 523 -2.34 20.93 -40.93
C PRO A 523 -2.36 21.42 -42.38
N LYS A 524 -1.25 21.20 -43.07
CA LYS A 524 -1.11 21.54 -44.49
C LYS A 524 -0.93 20.21 -45.20
N PHE A 525 -1.99 19.71 -45.80
CA PHE A 525 -1.95 18.44 -46.50
C PHE A 525 -1.27 18.61 -47.85
N ALA A 526 -0.08 18.04 -47.97
CA ALA A 526 0.69 18.17 -49.21
C ALA A 526 1.13 16.86 -49.81
N SER A 527 0.81 15.73 -49.17
CA SER A 527 1.23 14.46 -49.71
C SER A 527 0.11 13.84 -50.53
N ALA A 528 0.47 13.27 -51.68
CA ALA A 528 -0.50 12.65 -52.58
C ALA A 528 -0.51 11.12 -52.51
N ALA A 529 0.62 10.55 -52.09
CA ALA A 529 0.76 9.10 -51.98
C ALA A 529 0.07 8.53 -50.72
N ARG A 530 -0.24 7.24 -50.77
CA ARG A 530 -0.87 6.57 -49.65
C ARG A 530 0.07 6.59 -48.45
N GLY A 531 -0.44 7.02 -47.30
CA GLY A 531 0.38 7.08 -46.10
C GLY A 531 -0.15 6.26 -44.95
N ALA A 532 0.54 6.36 -43.80
CA ALA A 532 0.15 5.64 -42.59
C ALA A 532 -0.97 6.38 -41.89
N ILE A 533 -1.63 5.71 -40.95
CA ILE A 533 -2.72 6.32 -40.22
C ILE A 533 -2.21 6.72 -38.84
N GLY A 534 -2.56 7.92 -38.39
CA GLY A 534 -2.14 8.35 -37.07
C GLY A 534 -3.23 7.92 -36.11
N VAL A 535 -3.03 6.81 -35.43
CA VAL A 535 -4.05 6.29 -34.52
C VAL A 535 -3.87 6.64 -33.05
N PHE A 536 -4.99 6.67 -32.33
CA PHE A 536 -4.98 6.94 -30.91
C PHE A 536 -5.57 5.69 -30.29
N GLY A 537 -4.80 5.02 -29.44
CA GLY A 537 -5.30 3.83 -28.82
C GLY A 537 -4.71 3.70 -27.44
N THR A 538 -4.94 2.55 -26.82
CA THR A 538 -4.40 2.33 -25.51
C THR A 538 -3.85 0.90 -25.46
N MET A 539 -2.58 0.78 -25.15
CA MET A 539 -1.92 -0.53 -25.03
C MET A 539 -2.19 -0.95 -23.60
N ASN A 540 -3.17 -1.84 -23.45
CA ASN A 540 -3.62 -2.29 -22.14
C ASN A 540 -3.08 -3.66 -21.71
N SER A 541 -2.26 -4.27 -22.55
CA SER A 541 -1.72 -5.58 -22.22
C SER A 541 -0.62 -5.58 -21.15
N MET A 542 -0.63 -6.61 -20.31
CA MET A 542 0.37 -6.74 -19.27
C MET A 542 1.66 -7.18 -19.95
N TYR A 543 1.59 -7.51 -21.25
CA TYR A 543 2.75 -7.98 -21.98
C TYR A 543 3.02 -7.26 -23.30
N SER A 544 4.29 -6.91 -23.53
CA SER A 544 4.70 -6.21 -24.74
C SER A 544 6.11 -6.61 -25.09
N ASP A 545 6.48 -6.45 -26.36
CA ASP A 545 7.82 -6.81 -26.76
C ASP A 545 8.60 -5.60 -27.24
N CYS A 546 8.82 -4.64 -26.36
CA CYS A 546 9.56 -3.47 -26.78
C CYS A 546 10.92 -3.33 -26.10
N ASP A 547 11.59 -4.46 -25.90
CA ASP A 547 12.94 -4.43 -25.33
C ASP A 547 13.83 -3.99 -26.49
N VAL A 548 15.05 -3.54 -26.20
CA VAL A 548 15.92 -3.07 -27.26
C VAL A 548 15.96 -3.98 -28.48
N LEU A 549 15.89 -5.29 -28.27
CA LEU A 549 15.91 -6.26 -29.35
C LEU A 549 14.56 -6.92 -29.52
N GLY A 550 13.51 -6.20 -29.18
CA GLY A 550 12.17 -6.76 -29.31
C GLY A 550 11.97 -8.16 -28.74
N ASN A 551 11.29 -8.98 -29.52
CA ASN A 551 11.00 -10.36 -29.14
C ASN A 551 12.04 -11.29 -29.78
N TYR A 552 13.18 -11.45 -29.14
CA TYR A 552 14.25 -12.28 -29.68
C TYR A 552 14.26 -13.68 -29.06
N ALA A 553 13.15 -14.05 -28.42
CA ALA A 553 13.05 -15.37 -27.79
C ALA A 553 11.66 -15.96 -28.05
N GLU A 573 16.13 -20.09 -21.09
CA GLU A 573 15.49 -18.83 -20.74
C GLU A 573 15.33 -17.92 -21.96
N THR A 574 14.41 -16.96 -21.88
CA THR A 574 14.15 -16.03 -22.98
C THR A 574 14.87 -14.71 -22.78
N TYR A 575 14.94 -13.92 -23.84
CA TYR A 575 15.60 -12.61 -23.81
C TYR A 575 14.90 -11.66 -22.83
N ARG A 576 13.58 -11.74 -22.73
CA ARG A 576 12.85 -10.88 -21.83
C ARG A 576 13.27 -11.21 -20.39
N ALA A 577 13.33 -12.50 -20.08
CA ALA A 577 13.73 -12.92 -18.76
C ALA A 577 15.08 -12.30 -18.40
N ALA A 578 16.06 -12.48 -19.28
CA ALA A 578 17.38 -11.95 -19.05
C ALA A 578 17.37 -10.46 -18.73
N THR A 579 16.71 -9.65 -19.56
CA THR A 579 16.67 -8.22 -19.31
C THR A 579 16.05 -7.93 -17.95
N GLU A 580 15.13 -8.79 -17.53
CA GLU A 580 14.47 -8.60 -16.24
C GLU A 580 15.42 -8.86 -15.09
N ARG A 581 16.16 -9.96 -15.16
CA ARG A 581 17.10 -10.30 -14.11
C ARG A 581 18.19 -9.24 -14.01
N VAL A 582 18.69 -8.79 -15.17
CA VAL A 582 19.72 -7.77 -15.19
C VAL A 582 19.19 -6.51 -14.52
N MET A 583 17.98 -6.12 -14.88
CA MET A 583 17.39 -4.92 -14.30
C MET A 583 17.21 -5.17 -12.81
N ALA A 584 16.92 -6.41 -12.46
CA ALA A 584 16.74 -6.78 -11.06
C ALA A 584 18.09 -6.58 -10.39
N GLU A 585 19.11 -7.24 -10.93
CA GLU A 585 20.46 -7.14 -10.42
C GLU A 585 20.90 -5.70 -10.25
N LEU A 586 20.73 -4.90 -11.28
CA LEU A 586 21.14 -3.51 -11.20
C LEU A 586 20.40 -2.81 -10.09
N GLU A 587 19.14 -3.17 -9.88
CA GLU A 587 18.38 -2.53 -8.82
C GLU A 587 18.99 -2.92 -7.47
N THR A 588 19.43 -4.17 -7.36
CA THR A 588 20.06 -4.66 -6.14
C THR A 588 21.26 -3.78 -5.83
N LEU A 589 22.17 -3.64 -6.80
CA LEU A 589 23.36 -2.79 -6.62
C LEU A 589 22.94 -1.37 -6.26
N GLN A 590 21.66 -1.09 -6.45
CA GLN A 590 21.08 0.23 -6.17
C GLN A 590 21.57 1.29 -7.14
N TYR A 591 21.74 0.91 -8.40
CA TYR A 591 22.22 1.82 -9.43
C TYR A 591 21.05 2.32 -10.26
N VAL A 592 19.90 1.67 -10.12
CA VAL A 592 18.74 2.00 -10.92
C VAL A 592 17.40 1.84 -10.20
N ASP A 593 16.36 2.39 -10.81
CA ASP A 593 14.99 2.30 -10.32
C ASP A 593 14.26 1.73 -11.54
N GLN A 594 13.95 0.43 -11.50
CA GLN A 594 13.28 -0.22 -12.62
C GLN A 594 12.11 0.55 -13.24
N ALA A 595 11.44 1.37 -12.45
CA ALA A 595 10.29 2.11 -12.95
C ALA A 595 10.63 3.48 -13.54
N VAL A 596 11.75 4.06 -13.12
CA VAL A 596 12.17 5.38 -13.60
C VAL A 596 13.62 5.35 -14.08
N PRO A 597 13.84 4.86 -15.31
CA PRO A 597 15.18 4.77 -15.89
C PRO A 597 15.98 6.05 -15.74
N THR A 598 15.25 7.15 -15.76
CA THR A 598 15.85 8.45 -15.66
C THR A 598 16.39 8.77 -14.25
N ALA A 599 16.07 7.91 -13.27
CA ALA A 599 16.48 8.09 -11.88
C ALA A 599 17.92 7.69 -11.56
N MET A 600 18.57 8.50 -10.73
CA MET A 600 19.96 8.26 -10.33
C MET A 600 20.10 7.17 -9.28
N GLY A 601 19.01 6.83 -8.61
CA GLY A 601 19.00 5.81 -7.58
C GLY A 601 20.28 5.57 -6.78
N ARG A 602 20.58 6.41 -5.80
CA ARG A 602 21.78 6.20 -4.97
C ARG A 602 23.15 6.40 -5.63
N LEU A 603 23.19 6.61 -6.95
CA LEU A 603 24.45 6.81 -7.65
C LEU A 603 25.22 8.03 -7.20
N GLU A 604 24.51 9.04 -6.70
CA GLU A 604 25.13 10.26 -6.24
C GLU A 604 25.96 9.95 -4.99
N THR A 605 25.66 8.81 -4.39
CA THR A 605 26.32 8.36 -3.18
C THR A 605 27.45 7.36 -3.49
N ILE A 606 27.13 6.37 -4.33
CA ILE A 606 28.12 5.37 -4.71
C ILE A 606 29.34 6.03 -5.35
N ILE A 607 29.10 6.75 -6.45
CA ILE A 607 30.17 7.41 -7.18
C ILE A 607 30.62 8.71 -6.52
N THR A 608 31.66 8.60 -5.71
CA THR A 608 32.20 9.75 -4.99
C THR A 608 33.70 9.92 -5.22
N ASN A 609 34.34 8.87 -5.71
CA ASN A 609 35.78 8.85 -6.00
C ASN A 609 35.94 8.16 -7.35
N ARG A 610 37.02 8.43 -8.07
CA ARG A 610 37.17 7.78 -9.35
C ARG A 610 37.31 6.26 -9.25
N GLU A 611 37.41 5.73 -8.04
CA GLU A 611 37.50 4.29 -7.89
C GLU A 611 36.08 3.73 -7.97
N ALA A 612 35.12 4.55 -7.55
CA ALA A 612 33.71 4.18 -7.59
C ALA A 612 33.27 3.99 -9.04
N LEU A 613 33.72 4.89 -9.90
CA LEU A 613 33.37 4.80 -11.30
C LEU A 613 33.76 3.41 -11.75
N HIS A 614 35.04 3.08 -11.54
CA HIS A 614 35.58 1.77 -11.89
C HIS A 614 34.62 0.64 -11.51
N THR A 615 34.28 0.57 -10.24
CA THR A 615 33.39 -0.49 -9.77
C THR A 615 31.99 -0.49 -10.43
N VAL A 616 31.35 0.67 -10.56
CA VAL A 616 30.03 0.72 -11.18
C VAL A 616 30.06 0.20 -12.61
N VAL A 617 30.99 0.73 -13.42
CA VAL A 617 31.10 0.29 -14.79
C VAL A 617 31.35 -1.21 -14.88
N ASN A 618 32.27 -1.70 -14.05
CA ASN A 618 32.60 -3.11 -14.03
C ASN A 618 31.43 -3.95 -13.59
N ASN A 619 30.60 -3.44 -12.70
CA ASN A 619 29.47 -4.23 -12.24
C ASN A 619 28.40 -4.41 -13.29
N VAL A 620 28.03 -3.35 -13.99
CA VAL A 620 27.00 -3.47 -15.00
C VAL A 620 27.57 -4.33 -16.15
N ARG A 621 28.80 -4.04 -16.55
CA ARG A 621 29.40 -4.82 -17.61
C ARG A 621 29.35 -6.29 -17.21
N GLN A 622 29.80 -6.57 -15.99
CA GLN A 622 29.84 -7.92 -15.46
C GLN A 622 28.49 -8.63 -15.36
N VAL A 623 27.49 -7.96 -14.80
CA VAL A 623 26.16 -8.58 -14.68
C VAL A 623 25.56 -8.82 -16.07
N VAL A 624 25.83 -7.92 -17.00
CA VAL A 624 25.29 -8.08 -18.36
C VAL A 624 25.97 -9.25 -19.04
N ASP A 625 27.31 -9.30 -19.00
CA ASP A 625 28.05 -10.39 -19.64
C ASP A 625 27.64 -11.73 -19.06
N ARG A 626 27.45 -11.77 -17.75
CA ARG A 626 27.05 -12.98 -17.07
C ARG A 626 25.72 -13.49 -17.64
N GLU A 627 24.69 -12.65 -17.60
CA GLU A 627 23.36 -13.02 -18.11
C GLU A 627 23.28 -13.32 -19.60
N VAL A 628 24.10 -12.67 -20.40
CA VAL A 628 24.10 -12.92 -21.84
C VAL A 628 24.80 -14.28 -22.05
N GLU A 629 25.90 -14.45 -21.35
CA GLU A 629 26.68 -15.69 -21.39
C GLU A 629 25.73 -16.85 -21.16
N GLN A 630 24.85 -16.72 -20.18
CA GLN A 630 23.88 -17.76 -19.86
C GLN A 630 22.79 -17.92 -20.93
N LEU A 631 21.97 -16.89 -21.12
CA LEU A 631 20.90 -16.93 -22.11
C LEU A 631 21.31 -17.61 -23.41
N MET A 632 22.44 -17.18 -23.99
CA MET A 632 22.91 -17.75 -25.24
C MET A 632 23.24 -19.24 -25.12
N ARG A 633 23.94 -19.61 -24.04
CA ARG A 633 24.30 -21.00 -23.82
C ARG A 633 23.03 -21.84 -23.74
N ASN A 634 22.03 -21.35 -23.03
CA ASN A 634 20.76 -22.05 -22.91
C ASN A 634 20.13 -22.24 -24.28
N LEU A 635 19.98 -21.14 -25.03
CA LEU A 635 19.39 -21.17 -26.36
C LEU A 635 19.97 -22.27 -27.23
N VAL A 636 21.21 -22.66 -26.95
CA VAL A 636 21.85 -23.72 -27.71
C VAL A 636 21.41 -25.11 -27.21
N GLU A 637 21.52 -25.35 -25.90
CA GLU A 637 21.13 -26.64 -25.31
C GLU A 637 19.73 -27.07 -25.80
N PHE A 641 17.81 -23.78 -31.76
CA PHE A 641 17.61 -22.36 -32.00
C PHE A 641 18.67 -21.83 -32.95
N LYS A 642 18.28 -20.97 -33.90
CA LYS A 642 19.24 -20.43 -34.86
C LYS A 642 19.52 -18.93 -34.71
N PHE A 643 20.64 -18.63 -34.07
CA PHE A 643 21.10 -17.26 -33.80
C PHE A 643 20.96 -16.27 -34.96
N ARG A 644 21.82 -16.41 -35.96
CA ARG A 644 21.81 -15.51 -37.11
C ARG A 644 20.42 -15.35 -37.73
N ASP A 645 19.69 -16.45 -37.87
CA ASP A 645 18.36 -16.38 -38.47
C ASP A 645 17.35 -15.80 -37.50
N GLY A 646 17.45 -16.19 -36.23
CA GLY A 646 16.52 -15.72 -35.21
C GLY A 646 16.37 -14.22 -34.95
N LEU A 647 17.45 -13.46 -35.03
CA LEU A 647 17.32 -12.03 -34.76
C LEU A 647 16.91 -11.23 -36.00
N GLY A 648 17.25 -11.72 -37.18
CA GLY A 648 16.85 -11.02 -38.37
C GLY A 648 15.34 -11.18 -38.52
N GLU A 649 14.77 -12.01 -37.66
CA GLU A 649 13.34 -12.31 -37.68
C GLU A 649 12.56 -11.53 -36.62
N ALA A 650 13.15 -11.40 -35.43
CA ALA A 650 12.49 -10.69 -34.35
C ALA A 650 12.21 -9.23 -34.67
N ASN A 651 11.11 -8.72 -34.08
CA ASN A 651 10.69 -7.32 -34.21
C ASN A 651 10.00 -6.83 -32.93
N HIS A 652 10.00 -5.51 -32.74
CA HIS A 652 9.36 -4.93 -31.56
C HIS A 652 7.87 -5.14 -31.76
N ALA A 653 7.13 -5.23 -30.66
CA ALA A 653 5.71 -5.47 -30.80
C ALA A 653 4.88 -4.99 -29.63
N MET A 654 3.64 -4.63 -29.95
CA MET A 654 2.67 -4.17 -28.97
C MET A 654 1.28 -4.35 -29.56
N SER A 655 0.29 -4.47 -28.69
CA SER A 655 -1.09 -4.62 -29.14
C SER A 655 -1.91 -3.44 -28.65
N LEU A 656 -2.87 -3.03 -29.46
CA LEU A 656 -3.76 -1.95 -29.06
C LEU A 656 -5.13 -2.61 -28.85
N THR A 657 -5.70 -2.49 -27.65
CA THR A 657 -7.01 -3.12 -27.41
C THR A 657 -8.13 -2.48 -28.19
N LEU A 658 -9.23 -3.21 -28.32
CA LEU A 658 -10.42 -2.71 -28.98
C LEU A 658 -11.45 -2.70 -27.87
N ASP A 659 -10.96 -2.93 -26.65
CA ASP A 659 -11.80 -2.97 -25.47
C ASP A 659 -12.27 -1.57 -25.13
N PRO A 660 -13.59 -1.36 -25.14
CA PRO A 660 -14.15 -0.05 -24.83
C PRO A 660 -13.84 0.53 -23.47
N TYR A 661 -13.33 -0.28 -22.54
CA TYR A 661 -13.07 0.26 -21.23
C TYR A 661 -11.59 0.51 -20.94
N ALA A 662 -10.76 0.33 -21.96
CA ALA A 662 -9.33 0.56 -21.82
C ALA A 662 -9.01 1.99 -22.24
N CYS A 663 -10.00 2.65 -22.85
CA CYS A 663 -9.83 4.04 -23.30
C CYS A 663 -9.79 4.98 -22.11
N GLY A 664 -9.37 6.23 -22.34
CA GLY A 664 -9.31 7.20 -21.26
C GLY A 664 -10.68 7.54 -20.70
N PRO A 665 -10.73 8.08 -19.47
CA PRO A 665 -11.99 8.46 -18.82
C PRO A 665 -12.54 9.79 -19.31
N CYS A 666 -12.53 10.00 -20.63
CA CYS A 666 -13.01 11.25 -21.20
C CYS A 666 -13.63 11.02 -22.58
N PRO A 667 -14.83 11.58 -22.82
CA PRO A 667 -15.52 11.43 -24.10
C PRO A 667 -14.68 11.82 -25.30
N LEU A 668 -13.74 12.73 -25.07
CA LEU A 668 -12.89 13.20 -26.15
C LEU A 668 -11.83 12.13 -26.44
N LEU A 669 -11.14 11.68 -25.39
CA LEU A 669 -10.11 10.67 -25.57
C LEU A 669 -10.74 9.40 -26.18
N GLN A 670 -12.04 9.27 -25.97
CA GLN A 670 -12.79 8.14 -26.46
C GLN A 670 -13.09 8.32 -27.94
N LEU A 671 -13.49 9.54 -28.29
CA LEU A 671 -13.80 9.84 -29.67
C LEU A 671 -12.57 9.48 -30.50
N LEU A 672 -11.42 9.96 -30.06
CA LEU A 672 -10.17 9.72 -30.74
C LEU A 672 -9.90 8.24 -31.01
N GLY A 673 -10.13 7.40 -30.02
CA GLY A 673 -9.93 5.98 -30.24
C GLY A 673 -10.95 5.44 -31.23
N ARG A 674 -12.21 5.83 -31.05
CA ARG A 674 -13.24 5.36 -31.95
C ARG A 674 -12.94 5.74 -33.38
N ARG A 675 -12.56 7.00 -33.60
CA ARG A 675 -12.24 7.48 -34.94
C ARG A 675 -11.08 6.69 -35.50
N SER A 676 -10.05 6.50 -34.69
CA SER A 676 -8.89 5.74 -35.15
C SER A 676 -9.29 4.35 -35.69
N ASN A 677 -9.95 3.57 -34.85
CA ASN A 677 -10.39 2.24 -35.24
C ASN A 677 -11.20 2.26 -36.54
N LEU A 678 -12.11 3.22 -36.69
CA LEU A 678 -12.91 3.28 -37.91
C LEU A 678 -12.01 3.41 -39.12
N ALA A 679 -10.98 4.23 -39.00
CA ALA A 679 -10.01 4.43 -40.07
C ALA A 679 -9.36 3.09 -40.36
N VAL A 680 -8.86 2.45 -39.31
CA VAL A 680 -8.21 1.15 -39.45
C VAL A 680 -9.09 0.11 -40.11
N TYR A 681 -10.38 0.13 -39.80
CA TYR A 681 -11.29 -0.85 -40.41
C TYR A 681 -11.43 -0.55 -41.89
N GLN A 682 -11.73 0.70 -42.23
CA GLN A 682 -11.88 1.09 -43.63
C GLN A 682 -10.63 0.73 -44.41
N ASP A 683 -9.47 0.91 -43.80
CA ASP A 683 -8.24 0.60 -44.49
C ASP A 683 -8.27 -0.86 -44.92
N LEU A 684 -8.63 -1.73 -43.97
CA LEU A 684 -8.71 -3.16 -44.25
C LEU A 684 -9.73 -3.43 -45.33
N ALA A 685 -10.93 -2.91 -45.14
CA ALA A 685 -11.99 -3.12 -46.12
C ALA A 685 -11.47 -2.72 -47.48
N LEU A 686 -10.87 -1.53 -47.52
CA LEU A 686 -10.30 -0.98 -48.75
C LEU A 686 -9.35 -1.92 -49.49
N SER A 687 -8.46 -2.58 -48.77
CA SER A 687 -7.50 -3.48 -49.41
C SER A 687 -8.14 -4.70 -50.10
N GLN A 688 -9.41 -4.95 -49.84
CA GLN A 688 -10.08 -6.09 -50.47
C GLN A 688 -10.98 -5.67 -51.62
N CYS A 689 -11.25 -4.38 -51.75
CA CYS A 689 -12.14 -3.90 -52.80
C CYS A 689 -11.78 -4.26 -54.24
N HIS A 690 -10.50 -4.19 -54.57
CA HIS A 690 -10.11 -4.51 -55.93
C HIS A 690 -10.37 -5.95 -56.31
N GLY A 691 -10.11 -6.86 -55.38
CA GLY A 691 -10.35 -8.26 -55.67
C GLY A 691 -11.84 -8.50 -55.81
N VAL A 692 -12.64 -7.74 -55.07
CA VAL A 692 -14.10 -7.85 -55.11
C VAL A 692 -14.67 -7.35 -56.45
N PHE A 693 -14.01 -6.36 -57.05
CA PHE A 693 -14.45 -5.79 -58.32
C PHE A 693 -13.96 -6.60 -59.51
N ALA A 694 -12.74 -7.11 -59.38
CA ALA A 694 -12.13 -7.87 -60.47
C ALA A 694 -13.10 -8.81 -61.19
N GLY A 695 -13.18 -8.65 -62.51
CA GLY A 695 -14.04 -9.48 -63.33
C GLY A 695 -15.49 -9.49 -62.91
N GLN A 696 -16.08 -8.31 -62.81
CA GLN A 696 -17.47 -8.16 -62.40
C GLN A 696 -18.01 -6.91 -63.08
N SER A 697 -19.30 -6.91 -63.43
CA SER A 697 -19.87 -5.71 -64.03
C SER A 697 -20.14 -4.82 -62.83
N VAL A 698 -19.15 -4.01 -62.49
CA VAL A 698 -19.20 -3.14 -61.32
C VAL A 698 -20.15 -1.96 -61.35
N GLU A 699 -20.88 -1.77 -62.45
CA GLU A 699 -21.79 -0.64 -62.52
C GLU A 699 -23.26 -1.01 -62.34
N GLY A 700 -23.49 -2.28 -62.01
CA GLY A 700 -24.85 -2.75 -61.80
C GLY A 700 -25.60 -1.85 -60.84
N ARG A 701 -26.88 -1.65 -61.13
CA ARG A 701 -27.74 -0.80 -60.31
C ARG A 701 -27.53 -1.02 -58.81
N ASN A 702 -27.60 -2.26 -58.33
CA ASN A 702 -27.39 -2.47 -56.90
C ASN A 702 -26.27 -3.47 -56.60
N PHE A 703 -25.11 -3.16 -57.16
CA PHE A 703 -23.90 -3.92 -56.99
C PHE A 703 -23.57 -4.01 -55.50
N ARG A 704 -23.81 -2.92 -54.78
CA ARG A 704 -23.55 -2.85 -53.36
C ARG A 704 -24.23 -3.94 -52.57
N ASN A 705 -25.54 -4.13 -52.78
CA ASN A 705 -26.28 -5.17 -52.08
C ASN A 705 -25.89 -6.55 -52.57
N GLN A 706 -25.34 -6.63 -53.77
CA GLN A 706 -24.93 -7.91 -54.32
C GLN A 706 -23.59 -8.42 -53.82
N PHE A 707 -22.63 -7.53 -53.60
CA PHE A 707 -21.33 -8.01 -53.17
C PHE A 707 -20.82 -7.62 -51.80
N GLN A 708 -21.49 -6.67 -51.15
CA GLN A 708 -21.06 -6.27 -49.81
C GLN A 708 -20.82 -7.54 -48.99
N PRO A 709 -21.75 -8.52 -49.09
CA PRO A 709 -21.60 -9.77 -48.34
C PRO A 709 -20.21 -10.34 -48.50
N VAL A 710 -19.64 -10.20 -49.70
CA VAL A 710 -18.31 -10.70 -49.98
C VAL A 710 -17.25 -9.83 -49.32
N LEU A 711 -17.31 -8.52 -49.57
CA LEU A 711 -16.34 -7.62 -48.97
C LEU A 711 -16.32 -7.89 -47.47
N ARG A 712 -17.52 -8.03 -46.91
CA ARG A 712 -17.69 -8.31 -45.49
C ARG A 712 -16.93 -9.56 -45.09
N ARG A 713 -17.14 -10.65 -45.84
CA ARG A 713 -16.48 -11.90 -45.55
C ARG A 713 -14.97 -11.83 -45.68
N ARG A 714 -14.49 -11.11 -46.68
CA ARG A 714 -13.05 -11.00 -46.84
C ARG A 714 -12.44 -10.27 -45.65
N VAL A 715 -13.24 -9.42 -45.02
CA VAL A 715 -12.76 -8.69 -43.87
C VAL A 715 -12.71 -9.64 -42.69
N MET A 716 -13.83 -10.31 -42.43
CA MET A 716 -13.92 -11.26 -41.32
C MET A 716 -12.76 -12.25 -41.40
N ASP A 717 -12.38 -12.63 -42.62
CA ASP A 717 -11.31 -13.58 -42.81
C ASP A 717 -10.01 -13.16 -42.16
N MET A 718 -9.80 -11.86 -42.01
CA MET A 718 -8.59 -11.34 -41.40
C MET A 718 -8.44 -11.69 -39.92
N PHE A 719 -9.54 -11.99 -39.24
CA PHE A 719 -9.47 -12.33 -37.82
C PHE A 719 -8.30 -13.30 -37.59
N ASN A 720 -7.47 -12.99 -36.58
CA ASN A 720 -6.33 -13.84 -36.26
C ASN A 720 -5.53 -14.21 -37.49
N ASN A 721 -5.14 -13.22 -38.27
CA ASN A 721 -4.38 -13.52 -39.46
C ASN A 721 -3.15 -12.60 -39.62
N GLY A 722 -2.66 -12.10 -38.50
CA GLY A 722 -1.48 -11.25 -38.54
C GLY A 722 -1.62 -9.85 -37.94
N PHE A 723 -2.75 -9.20 -38.19
CA PHE A 723 -2.98 -7.85 -37.69
C PHE A 723 -4.12 -7.80 -36.71
N LEU A 724 -5.29 -8.27 -37.13
CA LEU A 724 -6.48 -8.29 -36.29
C LEU A 724 -6.48 -9.53 -35.41
N SER A 725 -6.37 -9.32 -34.11
CA SER A 725 -6.39 -10.43 -33.16
C SER A 725 -7.86 -10.56 -32.84
N ALA A 726 -8.41 -11.77 -32.93
CA ALA A 726 -9.84 -11.98 -32.67
C ALA A 726 -10.12 -13.17 -31.79
N LYS A 727 -11.29 -13.16 -31.16
CA LYS A 727 -11.66 -14.28 -30.29
C LYS A 727 -13.11 -14.71 -30.48
N THR A 728 -13.41 -15.95 -30.07
CA THR A 728 -14.76 -16.50 -30.17
C THR A 728 -15.31 -16.86 -28.80
N LEU A 729 -16.62 -16.62 -28.62
CA LEU A 729 -17.29 -16.92 -27.36
C LEU A 729 -18.58 -17.63 -27.67
N THR A 730 -18.87 -18.68 -26.90
CA THR A 730 -20.11 -19.39 -27.12
C THR A 730 -21.04 -19.02 -25.98
N VAL A 731 -22.17 -18.44 -26.33
CA VAL A 731 -23.16 -17.98 -25.37
C VAL A 731 -24.04 -19.13 -24.91
N ALA A 732 -24.12 -19.32 -23.59
CA ALA A 732 -24.92 -20.39 -23.03
C ALA A 732 -26.42 -20.04 -23.04
N LEU A 733 -27.25 -20.99 -23.46
CA LEU A 733 -28.69 -20.78 -23.52
C LEU A 733 -29.33 -20.94 -22.13
N SER A 734 -30.67 -21.05 -22.08
CA SER A 734 -31.36 -21.20 -20.81
C SER A 734 -32.21 -22.46 -20.73
N ALA A 738 -38.47 -17.41 -17.00
CA ALA A 738 -37.32 -17.24 -16.13
C ALA A 738 -36.59 -15.95 -16.44
N ILE A 739 -37.23 -15.08 -17.22
CA ILE A 739 -36.64 -13.81 -17.62
C ILE A 739 -37.55 -12.62 -17.30
N CYS A 740 -37.07 -11.71 -16.46
CA CYS A 740 -37.85 -10.51 -16.09
C CYS A 740 -37.81 -9.49 -17.23
N ALA A 741 -38.98 -9.08 -17.70
CA ALA A 741 -39.05 -8.11 -18.80
C ALA A 741 -40.43 -7.46 -18.83
N PRO A 742 -40.53 -6.25 -19.39
CA PRO A 742 -41.82 -5.57 -19.45
C PRO A 742 -42.97 -6.52 -19.86
N SER A 743 -44.20 -6.17 -19.46
CA SER A 743 -45.36 -6.99 -19.81
C SER A 743 -45.88 -6.53 -21.16
N LEU A 744 -46.13 -7.46 -22.06
CA LEU A 744 -46.60 -7.12 -23.38
C LEU A 744 -48.05 -6.65 -23.40
N THR A 745 -48.70 -6.68 -22.24
CA THR A 745 -50.11 -6.27 -22.15
C THR A 745 -50.46 -5.25 -21.08
N ALA A 746 -49.98 -5.45 -19.87
CA ALA A 746 -50.29 -4.55 -18.76
C ALA A 746 -49.86 -3.08 -18.95
N GLY A 747 -49.02 -2.80 -19.94
CA GLY A 747 -48.57 -1.43 -20.16
C GLY A 747 -47.17 -1.16 -19.60
N GLN A 748 -46.53 -0.09 -20.05
CA GLN A 748 -45.19 0.24 -19.57
C GLN A 748 -45.17 0.74 -18.13
N THR A 749 -46.35 0.88 -17.53
CA THR A 749 -46.45 1.36 -16.15
C THR A 749 -46.51 0.21 -15.15
N ALA A 750 -47.18 -0.87 -15.52
CA ALA A 750 -47.29 -2.02 -14.64
C ALA A 750 -45.88 -2.54 -14.35
N PRO A 751 -45.73 -3.42 -13.35
CA PRO A 751 -44.41 -3.97 -13.02
C PRO A 751 -43.91 -5.05 -14.01
N ALA A 752 -42.61 -5.33 -13.94
CA ALA A 752 -41.97 -6.33 -14.80
C ALA A 752 -42.66 -7.68 -14.78
N GLU A 753 -42.69 -8.33 -15.93
CA GLU A 753 -43.30 -9.64 -16.08
C GLU A 753 -42.18 -10.68 -16.21
N SER A 754 -41.98 -11.45 -15.15
CA SER A 754 -40.93 -12.46 -15.10
C SER A 754 -41.36 -13.81 -15.69
N SER A 755 -42.44 -13.80 -16.45
CA SER A 755 -42.95 -15.00 -17.07
C SER A 755 -42.11 -15.48 -18.26
N PHE A 756 -41.69 -14.53 -19.09
CA PHE A 756 -40.91 -14.80 -20.30
C PHE A 756 -39.65 -15.66 -20.17
N GLU A 757 -39.50 -16.61 -21.09
CA GLU A 757 -38.33 -17.48 -21.11
C GLU A 757 -37.80 -17.67 -22.53
N GLY A 758 -36.75 -16.92 -22.87
CA GLY A 758 -36.15 -16.99 -24.19
C GLY A 758 -34.63 -17.08 -24.19
N ASP A 759 -34.05 -17.27 -25.38
CA ASP A 759 -32.59 -17.38 -25.56
C ASP A 759 -31.96 -16.33 -26.47
N VAL A 760 -30.69 -16.55 -26.80
CA VAL A 760 -29.94 -15.68 -27.68
C VAL A 760 -30.04 -16.23 -29.10
N ALA A 761 -30.40 -15.36 -30.04
CA ALA A 761 -30.57 -15.77 -31.43
C ALA A 761 -29.36 -16.53 -32.00
N ARG A 762 -28.17 -15.95 -31.82
CA ARG A 762 -26.93 -16.51 -32.32
C ARG A 762 -26.03 -16.83 -31.10
N VAL A 763 -25.80 -18.12 -30.85
CA VAL A 763 -24.98 -18.57 -29.71
C VAL A 763 -23.49 -18.34 -29.82
N THR A 764 -23.02 -18.04 -31.02
CA THR A 764 -21.60 -17.81 -31.24
C THR A 764 -21.22 -16.36 -31.50
N LEU A 765 -20.25 -15.86 -30.71
CA LEU A 765 -19.75 -14.50 -30.89
C LEU A 765 -18.34 -14.57 -31.46
N GLY A 766 -18.10 -13.80 -32.50
CA GLY A 766 -16.78 -13.77 -33.12
C GLY A 766 -16.52 -12.30 -33.37
N PHE A 767 -15.45 -11.75 -32.78
CA PHE A 767 -15.13 -10.34 -32.95
C PHE A 767 -13.68 -10.00 -32.70
N PRO A 768 -13.21 -8.86 -33.24
CA PRO A 768 -11.82 -8.40 -33.07
C PRO A 768 -11.57 -8.05 -31.62
N LYS A 769 -10.37 -8.35 -31.15
CA LYS A 769 -10.03 -8.12 -29.77
C LYS A 769 -8.91 -7.08 -29.64
N GLU A 770 -7.94 -7.11 -30.53
CA GLU A 770 -6.84 -6.13 -30.47
C GLU A 770 -6.14 -5.95 -31.82
N LEU A 771 -5.23 -4.98 -31.88
CA LEU A 771 -4.50 -4.74 -33.11
C LEU A 771 -3.01 -5.04 -32.89
N ARG A 772 -2.52 -6.03 -33.61
CA ARG A 772 -1.13 -6.45 -33.50
C ARG A 772 -0.19 -5.53 -34.30
N VAL A 773 0.51 -4.64 -33.61
CA VAL A 773 1.46 -3.78 -34.30
C VAL A 773 2.89 -4.24 -33.99
N LYS A 774 3.68 -4.41 -35.04
CA LYS A 774 5.06 -4.84 -34.89
C LYS A 774 5.99 -4.08 -35.83
N SER A 775 7.25 -3.99 -35.42
CA SER A 775 8.24 -3.29 -36.22
C SER A 775 9.53 -4.08 -36.20
N ARG A 776 10.01 -4.42 -37.40
CA ARG A 776 11.23 -5.19 -37.57
C ARG A 776 12.41 -4.52 -36.87
N VAL A 777 13.12 -5.27 -36.02
CA VAL A 777 14.25 -4.73 -35.29
C VAL A 777 15.50 -4.55 -36.16
N LEU A 778 15.90 -5.60 -36.86
CA LEU A 778 17.08 -5.50 -37.71
C LEU A 778 16.73 -5.01 -39.10
N PHE A 779 17.66 -4.29 -39.70
CA PHE A 779 17.48 -3.74 -41.04
C PHE A 779 17.55 -4.86 -42.07
N SER A 799 21.74 1.48 -46.52
CA SER A 799 21.53 2.86 -46.95
C SER A 799 21.85 3.90 -45.86
N ALA A 800 20.89 4.14 -44.97
CA ALA A 800 21.10 5.11 -43.90
C ALA A 800 21.36 4.44 -42.53
N TYR A 801 21.39 3.12 -42.52
CA TYR A 801 21.63 2.39 -41.29
C TYR A 801 23.10 2.03 -41.23
N GLN A 802 23.85 2.55 -42.19
CA GLN A 802 25.27 2.27 -42.26
C GLN A 802 26.01 2.89 -41.10
N LYS A 803 26.63 2.05 -40.29
CA LYS A 803 27.39 2.52 -39.13
C LYS A 803 28.60 3.28 -39.66
N PRO A 804 28.66 4.60 -39.40
CA PRO A 804 29.81 5.37 -39.88
C PRO A 804 31.08 4.73 -39.38
N ASP A 805 32.17 4.93 -40.11
CA ASP A 805 33.43 4.32 -39.71
C ASP A 805 34.15 5.12 -38.65
N LYS A 806 33.89 6.42 -38.62
CA LYS A 806 34.52 7.31 -37.64
C LYS A 806 34.24 6.91 -36.19
N ARG A 807 35.22 7.13 -35.33
CA ARG A 807 35.08 6.81 -33.92
C ARG A 807 34.17 7.85 -33.24
N VAL A 808 33.59 7.44 -32.12
CA VAL A 808 32.70 8.30 -31.36
C VAL A 808 33.48 9.00 -30.25
N ASP A 809 33.14 10.25 -30.01
CA ASP A 809 33.80 11.02 -28.96
C ASP A 809 33.47 10.40 -27.59
N ILE A 810 34.46 10.29 -26.71
CA ILE A 810 34.22 9.68 -25.41
C ILE A 810 33.06 10.33 -24.68
N LEU A 811 32.91 11.65 -24.86
CA LEU A 811 31.88 12.43 -24.20
C LEU A 811 30.48 12.20 -24.76
N LEU A 812 30.40 11.63 -25.96
CA LEU A 812 29.12 11.33 -26.61
C LEU A 812 29.07 9.82 -26.72
N GLY A 813 29.96 9.17 -25.98
CA GLY A 813 30.05 7.73 -25.99
C GLY A 813 29.23 7.05 -24.91
N PRO A 814 29.42 5.74 -24.73
CA PRO A 814 28.69 4.95 -23.73
C PRO A 814 28.73 5.46 -22.29
N LEU A 815 29.80 6.18 -21.95
CA LEU A 815 29.93 6.71 -20.59
C LEU A 815 29.80 8.24 -20.54
N GLY A 816 29.49 8.85 -21.68
CA GLY A 816 29.34 10.29 -21.72
C GLY A 816 28.47 10.85 -20.62
N PHE A 817 27.29 10.25 -20.41
CA PHE A 817 26.39 10.72 -19.38
C PHE A 817 26.99 10.67 -17.98
N LEU A 818 27.76 9.62 -17.67
CA LEU A 818 28.37 9.50 -16.36
C LEU A 818 29.54 10.45 -16.18
N LEU A 819 30.39 10.53 -17.19
CA LEU A 819 31.56 11.39 -17.13
C LEU A 819 31.13 12.84 -16.89
N LYS A 820 30.15 13.32 -17.62
CA LYS A 820 29.71 14.69 -17.42
C LYS A 820 29.14 14.87 -16.00
N GLN A 821 28.10 14.11 -15.67
CA GLN A 821 27.45 14.21 -14.36
C GLN A 821 28.33 14.04 -13.12
N PHE A 822 29.32 13.16 -13.16
CA PHE A 822 30.16 12.97 -12.00
C PHE A 822 31.60 13.41 -12.21
N HIS A 823 31.81 14.35 -13.13
CA HIS A 823 33.14 14.82 -13.41
C HIS A 823 33.86 15.28 -12.15
N ALA A 824 33.25 16.20 -11.41
CA ALA A 824 33.84 16.73 -10.18
C ALA A 824 34.30 15.64 -9.21
N ALA A 825 33.58 14.51 -9.18
CA ALA A 825 33.94 13.41 -8.30
C ALA A 825 35.09 12.55 -8.86
N ILE A 826 35.07 12.29 -10.15
CA ILE A 826 36.11 11.46 -10.76
C ILE A 826 37.40 12.24 -10.99
N PHE A 827 37.30 13.43 -11.56
CA PHE A 827 38.48 14.25 -11.83
C PHE A 827 38.43 15.57 -11.07
N PRO A 828 38.69 15.50 -9.74
CA PRO A 828 38.73 16.56 -8.74
C PRO A 828 39.52 17.81 -9.12
N ASN A 829 40.79 17.63 -9.48
CA ASN A 829 41.61 18.77 -9.89
C ASN A 829 41.57 18.88 -11.42
N GLY A 830 40.42 18.54 -11.99
CA GLY A 830 40.25 18.56 -13.43
C GLY A 830 39.74 19.88 -14.02
N LYS A 831 39.78 20.94 -13.23
CA LYS A 831 39.33 22.25 -13.70
C LYS A 831 40.43 22.88 -14.58
N PRO A 832 40.05 23.64 -15.62
CA PRO A 832 41.05 24.24 -16.48
C PRO A 832 41.85 25.38 -15.84
N PRO A 833 42.95 25.81 -16.50
CA PRO A 833 43.80 26.90 -16.01
C PRO A 833 43.04 28.24 -16.09
N GLY A 834 42.74 28.79 -14.92
CA GLY A 834 42.01 30.04 -14.83
C GLY A 834 40.80 29.82 -13.94
N SER A 835 40.10 28.72 -14.20
CA SER A 835 38.91 28.34 -13.44
C SER A 835 39.18 27.38 -12.28
N ASN A 836 38.31 27.44 -11.28
CA ASN A 836 38.41 26.58 -10.11
C ASN A 836 37.22 25.66 -10.14
N GLN A 837 36.62 25.51 -11.32
CA GLN A 837 35.47 24.65 -11.51
C GLN A 837 35.73 23.49 -12.48
N PRO A 838 35.68 22.23 -11.97
CA PRO A 838 35.92 21.04 -12.80
C PRO A 838 34.92 20.98 -13.95
N ASN A 839 35.36 21.34 -15.14
CA ASN A 839 34.49 21.35 -16.32
C ASN A 839 34.77 20.17 -17.26
N PRO A 840 33.89 19.15 -17.27
CA PRO A 840 34.07 17.99 -18.13
C PRO A 840 34.16 18.29 -19.62
N GLN A 841 33.34 19.20 -20.12
CA GLN A 841 33.39 19.53 -21.54
C GLN A 841 34.80 19.95 -21.92
N TRP A 842 35.32 20.94 -21.21
CA TRP A 842 36.67 21.44 -21.45
C TRP A 842 37.69 20.31 -21.36
N PHE A 843 37.75 19.69 -20.18
CA PHE A 843 38.67 18.60 -19.88
C PHE A 843 38.81 17.56 -20.97
N TRP A 844 37.73 16.84 -21.27
CA TRP A 844 37.75 15.79 -22.30
C TRP A 844 37.97 16.30 -23.72
N THR A 845 37.80 17.60 -23.96
CA THR A 845 38.04 18.13 -25.29
C THR A 845 39.56 18.27 -25.41
N ALA A 846 40.15 18.95 -24.44
CA ALA A 846 41.59 19.13 -24.45
C ALA A 846 42.26 17.78 -24.28
N LEU A 847 41.65 16.92 -23.47
CA LEU A 847 42.21 15.60 -23.22
C LEU A 847 42.30 14.80 -24.51
N GLN A 848 41.36 15.04 -25.41
CA GLN A 848 41.33 14.31 -26.67
C GLN A 848 42.12 14.94 -27.82
N ARG A 849 42.61 16.16 -27.64
CA ARG A 849 43.38 16.83 -28.70
C ARG A 849 44.82 17.05 -28.26
N ASN A 850 45.11 16.66 -27.01
CA ASN A 850 46.41 16.81 -26.36
C ASN A 850 46.59 18.23 -25.82
N GLN A 851 45.57 19.06 -26.03
CA GLN A 851 45.57 20.45 -25.58
C GLN A 851 45.29 20.51 -24.07
N LEU A 852 45.76 19.50 -23.35
CA LEU A 852 45.53 19.46 -21.92
C LEU A 852 46.78 20.01 -21.25
N PRO A 853 46.62 21.01 -20.38
CA PRO A 853 47.74 21.63 -19.66
C PRO A 853 48.74 20.62 -19.08
N ALA A 854 49.98 20.72 -19.55
CA ALA A 854 51.10 19.86 -19.14
C ALA A 854 51.09 19.30 -17.72
N ARG A 855 51.25 17.98 -17.63
CA ARG A 855 51.25 17.24 -16.38
C ARG A 855 50.22 17.73 -15.37
N LEU A 856 48.96 17.39 -15.63
CA LEU A 856 47.86 17.75 -14.75
C LEU A 856 47.32 16.45 -14.19
N LEU A 857 47.08 15.51 -15.11
CA LEU A 857 46.54 14.20 -14.76
C LEU A 857 47.30 13.60 -13.60
N SER A 858 46.58 13.27 -12.53
CA SER A 858 47.19 12.68 -11.34
C SER A 858 48.02 11.49 -11.78
N ARG A 859 48.50 10.73 -10.82
CA ARG A 859 49.28 9.56 -11.15
C ARG A 859 48.25 8.47 -11.40
N GLU A 860 47.08 8.65 -10.77
CA GLU A 860 45.99 7.69 -10.86
C GLU A 860 44.91 8.08 -11.84
N ASP A 861 44.91 9.34 -12.29
CA ASP A 861 43.91 9.78 -13.24
C ASP A 861 44.12 9.08 -14.57
N ILE A 862 45.38 8.95 -14.95
CA ILE A 862 45.75 8.29 -16.20
C ILE A 862 45.16 6.89 -16.27
N GLU A 863 45.19 6.18 -15.15
CA GLU A 863 44.64 4.83 -15.06
C GLU A 863 43.14 4.85 -15.30
N THR A 864 42.49 5.89 -14.82
CA THR A 864 41.05 6.03 -14.99
C THR A 864 40.76 6.45 -16.44
N ILE A 865 41.41 7.52 -16.91
CA ILE A 865 41.20 7.97 -18.29
C ILE A 865 41.35 6.73 -19.18
N ALA A 866 42.38 5.94 -18.88
CA ALA A 866 42.68 4.73 -19.63
C ALA A 866 41.46 3.83 -19.60
N PHE A 867 41.05 3.47 -18.39
CA PHE A 867 39.89 2.62 -18.15
C PHE A 867 38.73 3.12 -18.98
N ILE A 868 38.42 4.40 -18.84
CA ILE A 868 37.33 5.03 -19.58
C ILE A 868 37.48 4.79 -21.06
N LYS A 869 38.63 5.21 -21.62
CA LYS A 869 38.92 5.06 -23.05
C LYS A 869 38.77 3.64 -23.58
N LYS A 870 39.13 2.65 -22.77
CA LYS A 870 39.03 1.27 -23.21
C LYS A 870 37.59 0.81 -23.30
N PHE A 871 36.81 1.11 -22.28
CA PHE A 871 35.41 0.72 -22.30
C PHE A 871 34.77 1.37 -23.50
N SER A 872 34.94 2.68 -23.62
CA SER A 872 34.37 3.44 -24.73
C SER A 872 34.77 2.83 -26.05
N LEU A 873 36.01 2.33 -26.11
CA LEU A 873 36.52 1.71 -27.33
C LEU A 873 35.95 0.34 -27.58
N ASP A 874 35.82 -0.47 -26.54
CA ASP A 874 35.27 -1.82 -26.67
C ASP A 874 33.80 -1.75 -27.06
N TYR A 875 33.03 -1.03 -26.25
CA TYR A 875 31.61 -0.84 -26.51
C TYR A 875 31.45 -0.35 -27.95
N GLY A 876 32.15 0.72 -28.28
CA GLY A 876 32.07 1.26 -29.63
C GLY A 876 32.32 0.25 -30.73
N ALA A 877 33.26 -0.65 -30.49
CA ALA A 877 33.59 -1.67 -31.47
C ALA A 877 32.39 -2.57 -31.78
N ILE A 878 31.59 -2.88 -30.76
CA ILE A 878 30.43 -3.75 -30.96
C ILE A 878 29.09 -3.02 -31.07
N ASN A 879 29.05 -1.74 -30.68
CA ASN A 879 27.81 -0.97 -30.72
C ASN A 879 27.14 -0.82 -32.06
N PHE A 880 25.84 -1.06 -32.08
CA PHE A 880 25.04 -0.94 -33.29
C PHE A 880 23.71 -0.28 -32.99
N ILE A 881 23.66 0.39 -31.85
CA ILE A 881 22.48 1.12 -31.43
C ILE A 881 22.99 2.54 -31.52
N ASN A 882 22.56 3.21 -32.58
CA ASN A 882 22.94 4.57 -32.90
C ASN A 882 22.43 5.65 -31.93
N LEU A 883 22.42 5.36 -30.64
CA LEU A 883 21.93 6.32 -29.62
C LEU A 883 22.85 6.27 -28.42
N ALA A 884 23.12 7.41 -27.82
CA ALA A 884 23.97 7.46 -26.65
C ALA A 884 23.16 7.16 -25.41
N PRO A 885 23.57 6.17 -24.62
CA PRO A 885 22.85 5.81 -23.39
C PRO A 885 22.78 7.02 -22.45
N ASN A 886 21.60 7.28 -21.89
CA ASN A 886 21.42 8.43 -21.02
C ASN A 886 21.38 8.14 -19.52
N ASN A 887 21.51 6.87 -19.15
CA ASN A 887 21.51 6.46 -17.76
C ASN A 887 21.96 5.01 -17.73
N VAL A 888 22.28 4.51 -16.55
CA VAL A 888 22.74 3.12 -16.42
C VAL A 888 21.75 2.12 -17.01
N SER A 889 20.47 2.39 -16.86
CA SER A 889 19.44 1.50 -17.39
C SER A 889 19.68 1.28 -18.89
N GLU A 890 19.77 2.38 -19.63
CA GLU A 890 20.02 2.31 -21.07
C GLU A 890 21.41 1.73 -21.35
N LEU A 891 22.40 2.18 -20.58
CA LEU A 891 23.76 1.68 -20.75
C LEU A 891 23.81 0.15 -20.64
N ALA A 892 23.03 -0.42 -19.73
CA ALA A 892 23.04 -1.88 -19.57
C ALA A 892 22.30 -2.58 -20.72
N MET A 893 21.13 -2.07 -21.07
CA MET A 893 20.35 -2.67 -22.15
C MET A 893 21.03 -2.60 -23.51
N TYR A 894 21.59 -1.44 -23.85
CA TYR A 894 22.27 -1.30 -25.13
C TYR A 894 23.48 -2.22 -25.17
N TYR A 895 24.26 -2.21 -24.10
CA TYR A 895 25.43 -3.05 -24.02
C TYR A 895 25.02 -4.51 -24.13
N MET A 896 23.95 -4.89 -23.43
CA MET A 896 23.50 -6.26 -23.49
C MET A 896 23.06 -6.62 -24.90
N ALA A 897 22.36 -5.68 -25.54
CA ALA A 897 21.88 -5.89 -26.91
C ALA A 897 23.09 -6.01 -27.83
N ASN A 898 24.06 -5.12 -27.65
CA ASN A 898 25.26 -5.14 -28.48
C ASN A 898 26.06 -6.41 -28.28
N GLN A 899 26.00 -6.98 -27.08
CA GLN A 899 26.72 -8.22 -26.82
C GLN A 899 26.03 -9.39 -27.52
N ILE A 900 24.71 -9.37 -27.54
CA ILE A 900 23.97 -10.43 -28.18
C ILE A 900 24.17 -10.34 -29.69
N LEU A 901 24.29 -9.13 -30.20
CA LEU A 901 24.48 -8.94 -31.62
C LEU A 901 25.88 -9.40 -32.03
N ARG A 902 26.85 -9.18 -31.14
CA ARG A 902 28.23 -9.58 -31.39
C ARG A 902 28.30 -11.10 -31.44
N TYR A 903 27.53 -11.76 -30.59
CA TYR A 903 27.50 -13.21 -30.55
C TYR A 903 26.96 -13.76 -31.87
N CYS A 904 26.06 -13.02 -32.52
CA CYS A 904 25.49 -13.46 -33.79
C CYS A 904 26.25 -12.91 -34.99
N ASP A 905 27.41 -12.30 -34.72
CA ASP A 905 28.25 -11.72 -35.76
C ASP A 905 27.53 -10.66 -36.58
N HIS A 906 26.78 -9.80 -35.91
CA HIS A 906 26.05 -8.77 -36.62
C HIS A 906 27.08 -7.77 -37.11
N SER A 907 26.81 -7.17 -38.27
CA SER A 907 27.74 -6.19 -38.82
C SER A 907 27.16 -5.15 -39.77
N THR A 908 27.96 -4.12 -40.01
CA THR A 908 27.62 -3.03 -40.92
C THR A 908 26.51 -2.07 -40.58
N TYR A 909 25.35 -2.59 -40.18
CA TYR A 909 24.20 -1.72 -39.90
C TYR A 909 23.70 -1.52 -38.47
N PHE A 910 23.18 -0.32 -38.22
CA PHE A 910 22.59 0.03 -36.94
C PHE A 910 21.24 -0.66 -36.91
N ILE A 911 20.77 -1.00 -35.73
CA ILE A 911 19.47 -1.64 -35.63
C ILE A 911 18.38 -0.56 -35.47
N ASN A 912 17.11 -0.94 -35.62
CA ASN A 912 16.07 0.04 -35.46
C ASN A 912 15.76 0.24 -33.99
N THR A 913 15.52 1.50 -33.60
CA THR A 913 15.24 1.82 -32.20
C THR A 913 13.85 2.42 -32.00
N LEU A 914 13.37 2.35 -30.76
CA LEU A 914 12.05 2.90 -30.40
C LEU A 914 12.22 4.03 -29.40
N THR A 915 11.46 5.11 -29.56
CA THR A 915 11.53 6.20 -28.61
C THR A 915 10.13 6.61 -28.20
N ALA A 916 9.94 6.77 -26.91
CA ALA A 916 8.66 7.18 -26.39
C ALA A 916 8.74 8.65 -26.01
N ILE A 917 7.67 9.38 -26.26
CA ILE A 917 7.57 10.78 -25.92
C ILE A 917 6.56 10.69 -24.80
N ILE A 918 7.01 10.81 -23.56
CA ILE A 918 6.09 10.70 -22.44
C ILE A 918 5.31 11.99 -22.27
N ALA A 919 4.01 11.86 -22.15
CA ALA A 919 3.14 13.01 -21.95
C ALA A 919 3.07 13.38 -20.48
N GLY A 920 3.53 14.58 -20.14
CA GLY A 920 3.48 15.02 -18.77
C GLY A 920 2.70 16.33 -18.70
N SER A 921 2.58 16.89 -17.50
CA SER A 921 1.85 18.14 -17.35
C SER A 921 2.47 18.93 -16.22
N ARG A 922 2.06 20.18 -16.09
CA ARG A 922 2.61 21.05 -15.07
C ARG A 922 1.80 22.33 -15.06
N ARG A 923 2.00 23.14 -14.04
CA ARG A 923 1.29 24.41 -13.94
C ARG A 923 1.74 25.33 -15.07
N PRO A 924 0.84 26.19 -15.56
CA PRO A 924 1.17 27.11 -16.64
C PRO A 924 2.53 27.76 -16.44
N PRO A 925 3.44 27.59 -17.42
CA PRO A 925 4.79 28.16 -17.36
C PRO A 925 4.85 29.69 -17.57
N SER A 926 3.70 30.34 -17.62
CA SER A 926 3.68 31.77 -17.81
C SER A 926 2.26 32.28 -17.68
N VAL A 927 2.11 33.59 -17.66
CA VAL A 927 0.80 34.19 -17.54
C VAL A 927 0.08 33.96 -18.87
N GLN A 928 0.84 34.11 -19.95
CA GLN A 928 0.33 33.93 -21.31
C GLN A 928 -0.50 32.66 -21.45
N ALA A 929 0.04 31.55 -20.98
CA ALA A 929 -0.62 30.24 -21.06
C ALA A 929 -1.96 30.15 -20.33
N ALA A 930 -2.25 31.12 -19.47
CA ALA A 930 -3.50 31.11 -18.73
C ALA A 930 -4.55 32.05 -19.29
N ALA A 931 -4.18 32.83 -20.29
CA ALA A 931 -5.08 33.80 -20.90
C ALA A 931 -6.51 33.29 -21.02
N ALA A 932 -6.70 32.21 -21.78
CA ALA A 932 -8.03 31.65 -21.99
C ALA A 932 -8.81 31.23 -20.77
N TRP A 933 -8.21 31.26 -19.58
CA TRP A 933 -8.96 30.85 -18.40
C TRP A 933 -9.29 32.02 -17.48
N SER A 934 -8.69 33.17 -17.75
CA SER A 934 -8.96 34.36 -16.94
C SER A 934 -10.47 34.51 -16.77
N ALA A 935 -10.90 34.87 -15.56
CA ALA A 935 -12.32 35.07 -15.33
C ALA A 935 -12.70 36.44 -15.84
N GLN A 936 -11.70 37.32 -15.96
CA GLN A 936 -11.88 38.69 -16.46
C GLN A 936 -11.32 38.76 -17.87
N GLY A 937 -12.16 39.14 -18.83
CA GLY A 937 -11.68 39.18 -20.20
C GLY A 937 -11.57 40.50 -20.93
N GLY A 938 -12.17 41.56 -20.40
CA GLY A 938 -12.07 42.82 -21.11
C GLY A 938 -10.70 43.48 -21.00
N ALA A 939 -10.68 44.65 -20.37
CA ALA A 939 -9.44 45.39 -20.18
C ALA A 939 -8.71 44.72 -19.04
N GLY A 940 -9.46 43.96 -18.23
CA GLY A 940 -8.88 43.28 -17.09
C GLY A 940 -8.38 41.89 -17.41
N LEU A 941 -8.26 41.58 -18.70
CA LEU A 941 -7.80 40.28 -19.15
C LEU A 941 -6.45 39.91 -18.55
N GLU A 942 -5.40 40.65 -18.92
CA GLU A 942 -4.06 40.34 -18.42
C GLU A 942 -3.93 40.33 -16.90
N ALA A 943 -4.86 41.00 -16.21
CA ALA A 943 -4.84 41.03 -14.77
C ALA A 943 -5.52 39.76 -14.32
N GLY A 944 -6.62 39.42 -14.98
CA GLY A 944 -7.32 38.21 -14.64
C GLY A 944 -6.40 37.02 -14.75
N ALA A 945 -5.60 37.02 -15.82
CA ALA A 945 -4.65 35.96 -16.05
C ALA A 945 -3.71 35.89 -14.87
N ARG A 946 -3.08 37.03 -14.56
CA ARG A 946 -2.15 37.12 -13.45
C ARG A 946 -2.77 36.66 -12.12
N ALA A 947 -4.00 37.06 -11.89
CA ALA A 947 -4.71 36.67 -10.68
C ALA A 947 -4.85 35.15 -10.67
N LEU A 948 -5.22 34.59 -11.81
CA LEU A 948 -5.40 33.15 -11.96
C LEU A 948 -4.13 32.42 -11.50
N MET A 949 -2.97 32.88 -11.99
CA MET A 949 -1.69 32.27 -11.66
C MET A 949 -1.37 32.43 -10.18
N ASP A 950 -1.78 33.56 -9.61
CA ASP A 950 -1.52 33.84 -8.23
C ASP A 950 -2.22 32.84 -7.32
N ALA A 951 -3.32 32.29 -7.79
CA ALA A 951 -4.09 31.31 -7.01
C ALA A 951 -4.26 30.01 -7.78
N VAL A 952 -3.24 29.62 -8.52
CA VAL A 952 -3.27 28.41 -9.33
C VAL A 952 -3.86 27.21 -8.60
N ASP A 953 -3.46 27.01 -7.35
CA ASP A 953 -3.95 25.89 -6.56
C ASP A 953 -5.47 25.79 -6.49
N ALA A 954 -6.14 26.93 -6.61
CA ALA A 954 -7.59 26.97 -6.54
C ALA A 954 -8.24 26.47 -7.84
N HIS A 955 -7.47 26.49 -8.93
CA HIS A 955 -7.97 26.04 -10.22
C HIS A 955 -7.43 24.67 -10.56
N PRO A 956 -8.20 23.62 -10.28
CA PRO A 956 -7.82 22.24 -10.54
C PRO A 956 -7.67 21.90 -12.01
N GLY A 957 -8.16 22.76 -12.90
CA GLY A 957 -8.03 22.48 -14.31
C GLY A 957 -6.97 23.34 -14.97
N ALA A 958 -6.18 24.02 -14.15
CA ALA A 958 -5.14 24.91 -14.67
C ALA A 958 -3.79 24.25 -14.81
N TRP A 959 -3.70 23.30 -15.73
CA TRP A 959 -2.46 22.59 -15.96
C TRP A 959 -2.07 22.71 -17.43
N THR A 960 -0.89 22.21 -17.77
CA THR A 960 -0.43 22.30 -19.14
C THR A 960 0.49 21.15 -19.47
N SER A 961 0.38 20.66 -20.70
CA SER A 961 1.20 19.55 -21.16
C SER A 961 2.64 19.90 -21.45
N MET A 962 3.50 18.92 -21.24
CA MET A 962 4.92 19.05 -21.52
C MET A 962 5.38 17.65 -21.92
N PHE A 963 6.47 17.57 -22.68
CA PHE A 963 6.94 16.28 -23.12
C PHE A 963 8.37 15.91 -22.74
N ALA A 964 8.59 14.62 -22.57
CA ALA A 964 9.89 14.08 -22.24
C ALA A 964 10.16 12.87 -23.11
N SER A 965 11.40 12.72 -23.57
CA SER A 965 11.76 11.58 -24.39
C SER A 965 12.33 10.44 -23.58
N CYS A 966 12.11 9.22 -24.08
CA CYS A 966 12.63 8.04 -23.42
C CYS A 966 12.95 6.97 -24.46
N ASN A 967 14.15 6.42 -24.38
CA ASN A 967 14.58 5.39 -25.30
C ASN A 967 14.53 4.00 -24.71
N LEU A 968 13.85 3.90 -23.58
CA LEU A 968 13.69 2.62 -22.90
C LEU A 968 12.17 2.44 -22.79
N LEU A 969 11.58 1.69 -23.70
CA LEU A 969 10.14 1.49 -23.70
C LEU A 969 9.56 0.57 -22.62
N ARG A 970 10.32 -0.46 -22.22
CA ARG A 970 9.83 -1.42 -21.22
C ARG A 970 9.01 -0.77 -20.10
N PRO A 971 9.57 0.24 -19.41
CA PRO A 971 8.86 0.93 -18.32
C PRO A 971 7.61 1.60 -18.85
N VAL A 972 7.73 2.28 -19.99
CA VAL A 972 6.61 2.97 -20.62
C VAL A 972 5.39 2.06 -20.80
N MET A 973 5.58 0.95 -21.50
CA MET A 973 4.50 0.02 -21.76
C MET A 973 3.96 -0.60 -20.47
N ALA A 974 4.79 -0.63 -19.43
CA ALA A 974 4.37 -1.19 -18.15
C ALA A 974 3.21 -0.39 -17.58
N ALA A 975 3.11 0.86 -18.01
CA ALA A 975 2.05 1.71 -17.54
C ALA A 975 0.77 1.57 -18.36
N ARG A 976 0.73 0.55 -19.23
CA ARG A 976 -0.46 0.29 -20.07
C ARG A 976 -1.00 1.65 -20.47
N PRO A 977 -0.24 2.41 -21.26
CA PRO A 977 -0.59 3.74 -21.72
C PRO A 977 -1.51 3.94 -22.91
N MET A 978 -1.99 5.17 -23.00
CA MET A 978 -2.80 5.60 -24.13
C MET A 978 -1.69 6.04 -25.08
N VAL A 979 -1.82 5.66 -26.35
CA VAL A 979 -0.78 6.02 -27.27
C VAL A 979 -1.28 6.64 -28.56
N VAL A 980 -0.38 7.33 -29.23
CA VAL A 980 -0.68 7.95 -30.50
C VAL A 980 0.55 7.67 -31.37
N LEU A 981 0.34 6.96 -32.47
CA LEU A 981 1.44 6.64 -33.36
C LEU A 981 0.95 6.41 -34.77
N GLY A 982 1.90 6.30 -35.69
CA GLY A 982 1.61 6.03 -37.09
C GLY A 982 1.55 4.53 -37.31
N LEU A 983 0.52 4.07 -38.01
CA LEU A 983 0.34 2.66 -38.25
C LEU A 983 0.05 2.46 -39.72
N SER A 984 0.82 1.60 -40.36
CA SER A 984 0.68 1.30 -41.78
C SER A 984 0.41 -0.19 -41.94
N ILE A 985 -0.78 -0.54 -42.42
CA ILE A 985 -1.14 -1.94 -42.59
C ILE A 985 -0.78 -2.50 -43.95
N SER A 986 -0.03 -3.59 -43.95
CA SER A 986 0.33 -4.20 -45.21
C SER A 986 -0.41 -5.52 -45.31
N LYS A 987 -0.84 -5.86 -46.52
CA LYS A 987 -1.58 -7.08 -46.79
C LYS A 987 -0.88 -7.81 -47.92
N TYR A 988 -0.34 -8.98 -47.60
CA TYR A 988 0.38 -9.82 -48.56
C TYR A 988 -0.15 -11.27 -48.56
N VAL A 997 -3.07 -14.63 -47.62
CA VAL A 997 -3.50 -13.25 -47.33
C VAL A 997 -3.27 -12.90 -45.86
N PHE A 998 -2.08 -12.40 -45.56
CA PHE A 998 -1.77 -12.03 -44.19
C PHE A 998 -1.79 -10.52 -43.97
N GLN A 999 -1.78 -10.10 -42.71
CA GLN A 999 -1.79 -8.69 -42.38
C GLN A 999 -0.64 -8.45 -41.40
N ALA A 1000 -0.11 -7.23 -41.42
CA ALA A 1000 0.97 -6.87 -40.51
C ALA A 1000 0.85 -5.39 -40.19
N GLY A 1001 0.78 -5.07 -38.90
CA GLY A 1001 0.66 -3.68 -38.49
C GLY A 1001 2.02 -3.05 -38.33
N ASN A 1002 2.52 -2.45 -39.40
CA ASN A 1002 3.82 -1.81 -39.41
C ASN A 1002 3.82 -0.50 -38.66
N TRP A 1003 4.71 -0.39 -37.69
CA TRP A 1003 4.86 0.80 -36.87
C TRP A 1003 5.42 1.91 -37.76
N ALA A 1004 4.57 2.85 -38.15
CA ALA A 1004 5.00 3.94 -39.01
C ALA A 1004 5.23 5.20 -38.18
N SER A 1005 5.06 6.37 -38.79
CA SER A 1005 5.26 7.61 -38.07
C SER A 1005 4.24 8.70 -38.39
N LEU A 1006 4.09 9.65 -37.46
CA LEU A 1006 3.16 10.75 -37.62
C LEU A 1006 3.72 11.80 -38.57
N MET A 1007 2.89 12.27 -39.49
CA MET A 1007 3.35 13.27 -40.42
C MET A 1007 2.99 14.68 -39.98
N GLY A 1008 3.75 15.65 -40.49
CA GLY A 1008 3.53 17.03 -40.12
C GLY A 1008 4.73 17.47 -39.29
N GLY A 1009 5.70 16.57 -39.15
CA GLY A 1009 6.90 16.87 -38.40
C GLY A 1009 6.66 17.44 -37.02
N LYS A 1010 7.53 18.35 -36.60
CA LYS A 1010 7.44 18.98 -35.29
C LYS A 1010 6.05 19.52 -34.94
N ASN A 1011 5.18 19.62 -35.94
CA ASN A 1011 3.84 20.13 -35.68
C ASN A 1011 2.96 19.10 -34.99
N ALA A 1012 3.14 17.83 -35.30
CA ALA A 1012 2.36 16.80 -34.66
C ALA A 1012 2.88 16.78 -33.22
N CYS A 1013 4.19 16.92 -33.10
CA CYS A 1013 4.87 16.95 -31.82
C CYS A 1013 6.27 17.50 -32.03
N PRO A 1014 6.66 18.50 -31.23
CA PRO A 1014 7.98 19.13 -31.33
C PRO A 1014 9.14 18.22 -31.04
N LEU A 1015 8.91 17.13 -30.33
CA LEU A 1015 9.99 16.22 -30.03
C LEU A 1015 10.19 15.14 -31.09
N LEU A 1016 9.41 15.19 -32.16
CA LEU A 1016 9.55 14.19 -33.23
C LEU A 1016 10.70 14.54 -34.19
N ILE A 1017 11.71 13.68 -34.19
CA ILE A 1017 12.89 13.83 -35.04
C ILE A 1017 12.84 12.89 -36.24
N PHE A 1018 13.10 13.43 -37.43
CA PHE A 1018 13.13 12.64 -38.66
C PHE A 1018 14.42 11.80 -38.68
N ASP A 1019 14.25 10.49 -38.77
CA ASP A 1019 15.38 9.57 -38.77
C ASP A 1019 14.79 8.21 -39.08
N ARG A 1020 15.08 7.69 -40.26
CA ARG A 1020 14.52 6.40 -40.65
C ARG A 1020 14.93 5.20 -39.79
N THR A 1021 15.91 5.38 -38.92
CA THR A 1021 16.35 4.28 -38.06
C THR A 1021 15.63 4.21 -36.71
N ARG A 1022 14.65 5.09 -36.51
CA ARG A 1022 13.89 5.10 -35.25
C ARG A 1022 12.40 5.40 -35.41
N LYS A 1023 11.59 4.85 -34.52
CA LYS A 1023 10.15 5.06 -34.54
C LYS A 1023 9.72 5.69 -33.23
N PHE A 1024 8.61 6.42 -33.25
CA PHE A 1024 8.16 7.09 -32.04
C PHE A 1024 6.77 6.73 -31.53
N VAL A 1025 6.51 7.13 -30.28
CA VAL A 1025 5.22 6.92 -29.65
C VAL A 1025 4.96 8.04 -28.67
N LEU A 1026 3.79 8.64 -28.72
CA LEU A 1026 3.45 9.65 -27.73
C LEU A 1026 2.73 8.74 -26.75
N ALA A 1027 3.09 8.81 -25.48
CA ALA A 1027 2.47 7.95 -24.49
C ALA A 1027 2.08 8.66 -23.23
N CYS A 1028 0.89 8.32 -22.73
CA CYS A 1028 0.34 8.87 -21.49
C CYS A 1028 0.10 7.65 -20.59
N PRO A 1029 0.82 7.57 -19.47
CA PRO A 1029 0.66 6.44 -18.56
C PRO A 1029 -0.75 6.30 -18.04
N ARG A 1030 -1.12 5.08 -17.63
CA ARG A 1030 -2.43 4.81 -17.06
C ARG A 1030 -2.23 4.15 -15.70
N ALA A 1031 -1.44 3.09 -15.69
CA ALA A 1031 -1.14 2.37 -14.47
C ALA A 1031 -0.47 3.38 -13.57
N GLY A 1032 -1.01 3.56 -12.36
CA GLY A 1032 -0.43 4.52 -11.44
C GLY A 1032 -1.27 5.78 -11.40
N PHE A 1033 -2.34 5.79 -12.19
CA PHE A 1033 -3.25 6.93 -12.24
C PHE A 1033 -4.69 6.47 -12.28
N VAL A 1034 -5.08 5.86 -13.40
CA VAL A 1034 -6.46 5.38 -13.53
C VAL A 1034 -6.51 3.86 -13.59
N CYS A 1035 -5.39 3.23 -13.24
CA CYS A 1035 -5.24 1.79 -13.22
C CYS A 1035 -4.29 1.43 -12.10
N ALA A 1036 -4.38 0.20 -11.61
CA ALA A 1036 -3.51 -0.26 -10.55
C ALA A 1036 -2.07 -0.11 -11.01
N ALA A 1037 -1.20 0.27 -10.08
CA ALA A 1037 0.22 0.45 -10.38
C ALA A 1037 0.87 -0.82 -10.94
N SER A 1038 1.96 -0.58 -11.66
CA SER A 1038 2.75 -1.62 -12.30
C SER A 1038 3.27 -2.63 -11.29
N SER A 1048 3.96 -13.32 -1.10
CA SER A 1048 2.60 -13.59 -1.55
C SER A 1048 2.40 -15.05 -1.93
N LEU A 1049 2.97 -15.96 -1.12
CA LEU A 1049 2.82 -17.40 -1.35
C LEU A 1049 1.72 -17.94 -0.45
N CYS A 1050 1.75 -17.58 0.83
CA CYS A 1050 0.73 -18.02 1.80
C CYS A 1050 -0.62 -17.86 1.10
N GLU A 1051 -0.66 -16.84 0.24
CA GLU A 1051 -1.82 -16.48 -0.56
C GLU A 1051 -2.06 -17.44 -1.71
N GLN A 1052 -1.09 -17.59 -2.60
CA GLN A 1052 -1.23 -18.49 -3.74
C GLN A 1052 -1.63 -19.89 -3.28
N LEU A 1053 -0.92 -20.41 -2.29
CA LEU A 1053 -1.20 -21.73 -1.74
C LEU A 1053 -2.62 -21.75 -1.18
N ARG A 1054 -2.85 -20.91 -0.18
CA ARG A 1054 -4.16 -20.80 0.45
C ARG A 1054 -5.19 -20.20 -0.47
N GLY A 1055 -4.92 -20.30 -1.77
CA GLY A 1055 -5.81 -19.80 -2.80
C GLY A 1055 -6.19 -21.02 -3.62
N ILE A 1056 -5.31 -22.02 -3.57
CA ILE A 1056 -5.51 -23.28 -4.26
C ILE A 1056 -6.36 -24.13 -3.33
N ILE A 1057 -6.16 -23.95 -2.02
CA ILE A 1057 -6.91 -24.69 -1.01
C ILE A 1057 -8.37 -24.27 -1.10
N SER A 1058 -8.62 -23.14 -1.76
CA SER A 1058 -9.98 -22.64 -1.96
C SER A 1058 -10.53 -23.23 -3.26
N GLU A 1059 -10.36 -22.54 -4.37
CA GLU A 1059 -10.83 -23.04 -5.65
C GLU A 1059 -9.99 -24.27 -5.99
N GLY A 1060 -10.32 -25.40 -5.37
CA GLY A 1060 -9.57 -26.63 -5.59
C GLY A 1060 -10.40 -27.88 -5.41
N GLY A 1061 -10.03 -28.94 -6.12
CA GLY A 1061 -10.77 -30.19 -6.04
C GLY A 1061 -10.27 -31.23 -5.07
N ALA A 1062 -9.97 -32.43 -5.57
CA ALA A 1062 -9.50 -33.53 -4.74
C ALA A 1062 -7.99 -33.65 -4.62
N ALA A 1063 -7.26 -32.97 -5.49
CA ALA A 1063 -5.79 -33.04 -5.48
C ALA A 1063 -5.12 -31.80 -4.88
N VAL A 1064 -5.85 -31.09 -4.02
CA VAL A 1064 -5.32 -29.89 -3.38
C VAL A 1064 -3.96 -30.17 -2.76
N ALA A 1065 -3.85 -31.27 -2.03
CA ALA A 1065 -2.59 -31.64 -1.40
C ALA A 1065 -1.47 -31.60 -2.45
N SER A 1066 -1.65 -32.39 -3.50
CA SER A 1066 -0.67 -32.50 -4.57
C SER A 1066 -0.35 -31.14 -5.19
N SER A 1067 -1.39 -30.44 -5.63
CA SER A 1067 -1.22 -29.12 -6.26
C SER A 1067 -0.42 -28.16 -5.39
N VAL A 1068 -0.77 -28.10 -4.11
CA VAL A 1068 -0.10 -27.22 -3.16
C VAL A 1068 1.36 -27.62 -2.89
N PHE A 1069 1.63 -28.93 -2.86
CA PHE A 1069 2.98 -29.41 -2.63
C PHE A 1069 3.87 -28.86 -3.75
N VAL A 1070 3.43 -29.07 -5.00
CA VAL A 1070 4.17 -28.60 -6.16
C VAL A 1070 4.51 -27.13 -6.07
N ALA A 1071 3.50 -26.29 -5.94
CA ALA A 1071 3.69 -24.84 -5.84
C ALA A 1071 4.76 -24.50 -4.81
N THR A 1072 4.69 -25.16 -3.65
CA THR A 1072 5.64 -24.92 -2.57
C THR A 1072 7.07 -25.23 -3.04
N VAL A 1073 7.20 -26.35 -3.74
CA VAL A 1073 8.48 -26.81 -4.27
C VAL A 1073 8.98 -25.90 -5.39
N LYS A 1074 8.06 -25.46 -6.25
CA LYS A 1074 8.42 -24.58 -7.35
C LYS A 1074 8.66 -23.15 -6.85
N SER A 1075 8.59 -22.96 -5.54
CA SER A 1075 8.80 -21.64 -4.94
C SER A 1075 9.93 -21.74 -3.92
N LEU A 1076 10.31 -22.97 -3.61
CA LEU A 1076 11.38 -23.26 -2.67
C LEU A 1076 12.12 -24.49 -3.19
N GLY A 1077 13.44 -24.40 -3.34
CA GLY A 1077 14.16 -25.57 -3.82
C GLY A 1077 14.08 -26.66 -2.79
N PRO A 1078 15.24 -27.09 -2.26
CA PRO A 1078 15.25 -28.14 -1.24
C PRO A 1078 14.78 -27.55 0.08
N ARG A 1079 14.61 -26.22 0.09
CA ARG A 1079 14.15 -25.49 1.26
C ARG A 1079 12.91 -26.17 1.83
N THR A 1080 12.08 -26.72 0.94
CA THR A 1080 10.85 -27.42 1.33
C THR A 1080 11.12 -28.43 2.42
N GLN A 1081 12.27 -29.09 2.33
CA GLN A 1081 12.64 -30.10 3.31
C GLN A 1081 12.79 -29.54 4.72
N GLN A 1082 13.18 -28.28 4.84
CA GLN A 1082 13.36 -27.64 6.14
C GLN A 1082 12.03 -27.34 6.82
N LEU A 1083 11.00 -27.06 6.02
CA LEU A 1083 9.70 -26.77 6.59
C LEU A 1083 9.29 -27.81 7.61
N GLN A 1084 8.93 -27.35 8.81
CA GLN A 1084 8.46 -28.22 9.86
C GLN A 1084 6.94 -28.08 9.86
N ILE A 1085 6.25 -28.90 10.64
CA ILE A 1085 4.80 -28.85 10.70
C ILE A 1085 4.30 -27.41 10.98
N GLU A 1086 5.02 -26.69 11.85
CA GLU A 1086 4.66 -25.30 12.18
C GLU A 1086 4.68 -24.42 10.94
N ASP A 1087 5.77 -24.52 10.18
CA ASP A 1087 5.93 -23.74 8.96
C ASP A 1087 4.77 -23.98 8.01
N TRP A 1088 4.40 -25.24 7.84
CA TRP A 1088 3.31 -25.62 6.94
C TRP A 1088 1.98 -25.05 7.40
N LEU A 1089 1.69 -25.21 8.69
CA LEU A 1089 0.43 -24.73 9.27
C LEU A 1089 0.28 -23.21 9.06
N ALA A 1090 1.39 -22.54 8.84
CA ALA A 1090 1.38 -21.11 8.60
C ALA A 1090 1.08 -20.90 7.11
N LEU A 1091 1.77 -21.64 6.26
CA LEU A 1091 1.56 -21.53 4.83
C LEU A 1091 0.16 -21.98 4.42
N LEU A 1092 -0.46 -22.80 5.26
CA LEU A 1092 -1.81 -23.31 5.02
C LEU A 1092 -2.47 -23.34 6.38
N GLU A 1093 -3.48 -22.51 6.60
CA GLU A 1093 -4.13 -22.51 7.90
C GLU A 1093 -4.96 -23.77 8.08
N ASP A 1094 -4.47 -24.88 7.52
CA ASP A 1094 -5.14 -26.18 7.58
C ASP A 1094 -4.23 -27.26 8.19
N GLU A 1095 -4.69 -27.86 9.29
CA GLU A 1095 -3.92 -28.88 10.00
C GLU A 1095 -3.75 -30.16 9.18
N TYR A 1096 -4.84 -30.63 8.59
CA TYR A 1096 -4.82 -31.84 7.77
C TYR A 1096 -3.79 -31.68 6.65
N LEU A 1097 -4.00 -30.67 5.80
CA LEU A 1097 -3.10 -30.40 4.69
C LEU A 1097 -1.62 -30.32 5.07
N SER A 1098 -1.32 -29.70 6.21
CA SER A 1098 0.06 -29.57 6.68
C SER A 1098 0.68 -30.94 6.94
N GLU A 1099 -0.11 -31.84 7.50
CA GLU A 1099 0.38 -33.18 7.78
C GLU A 1099 0.65 -33.90 6.47
N GLU A 1100 -0.22 -33.70 5.49
CA GLU A 1100 -0.08 -34.32 4.18
C GLU A 1100 1.23 -33.79 3.59
N MET A 1101 1.44 -32.49 3.68
CA MET A 1101 2.65 -31.88 3.15
C MET A 1101 3.86 -32.50 3.79
N MET A 1102 3.70 -32.89 5.06
CA MET A 1102 4.77 -33.51 5.82
C MET A 1102 5.01 -34.93 5.33
N GLU A 1103 3.95 -35.63 4.94
CA GLU A 1103 4.05 -37.00 4.45
C GLU A 1103 4.67 -37.01 3.07
N LEU A 1104 4.28 -36.02 2.25
CA LEU A 1104 4.79 -35.91 0.90
C LEU A 1104 6.30 -35.64 0.99
N THR A 1105 6.64 -34.49 1.54
CA THR A 1105 8.03 -34.11 1.69
C THR A 1105 8.89 -35.31 2.12
N ALA A 1106 8.37 -36.12 3.03
CA ALA A 1106 9.10 -37.28 3.51
C ALA A 1106 9.32 -38.30 2.39
N ARG A 1107 8.25 -38.65 1.69
CA ARG A 1107 8.35 -39.61 0.61
C ARG A 1107 9.35 -39.18 -0.46
N ALA A 1108 9.26 -37.92 -0.88
CA ALA A 1108 10.16 -37.39 -1.91
C ALA A 1108 11.62 -37.56 -1.49
N LEU A 1109 11.84 -37.66 -0.18
CA LEU A 1109 13.18 -37.85 0.35
C LEU A 1109 13.58 -39.30 0.15
N GLU A 1110 12.62 -40.22 0.34
CA GLU A 1110 12.86 -41.65 0.16
C GLU A 1110 13.25 -41.90 -1.29
N ARG A 1111 12.62 -41.17 -2.20
CA ARG A 1111 12.90 -41.31 -3.63
C ARG A 1111 14.35 -40.92 -3.93
N GLY A 1112 14.79 -39.81 -3.34
CA GLY A 1112 16.16 -39.38 -3.56
C GLY A 1112 17.11 -40.12 -2.63
N ASN A 1113 16.58 -41.10 -1.91
CA ASN A 1113 17.36 -41.90 -0.97
C ASN A 1113 17.89 -41.08 0.21
N GLY A 1114 17.52 -39.80 0.24
CA GLY A 1114 17.97 -38.92 1.31
C GLY A 1114 18.63 -37.68 0.74
N GLU A 1115 18.29 -37.35 -0.50
CA GLU A 1115 18.83 -36.17 -1.19
C GLU A 1115 17.73 -35.52 -2.03
N TRP A 1116 17.10 -34.49 -1.49
CA TRP A 1116 16.02 -33.78 -2.17
C TRP A 1116 16.28 -33.50 -3.65
N SER A 1117 15.20 -33.41 -4.45
CA SER A 1117 15.33 -33.13 -5.88
C SER A 1117 14.03 -33.01 -6.71
N THR A 1118 13.35 -34.13 -6.90
CA THR A 1118 12.13 -34.17 -7.71
C THR A 1118 10.80 -34.34 -6.94
N ASP A 1119 9.72 -34.19 -7.69
CA ASP A 1119 8.36 -34.30 -7.16
C ASP A 1119 7.53 -35.23 -8.02
N ALA A 1120 8.09 -36.41 -8.32
CA ALA A 1120 7.36 -37.41 -9.10
C ALA A 1120 6.23 -37.82 -8.17
N ALA A 1121 6.50 -37.72 -6.88
CA ALA A 1121 5.54 -38.05 -5.84
C ALA A 1121 4.27 -37.22 -6.03
N LEU A 1122 4.41 -36.06 -6.68
CA LEU A 1122 3.27 -35.18 -6.97
C LEU A 1122 2.23 -35.96 -7.75
N GLU A 1123 2.60 -36.26 -9.00
CA GLU A 1123 1.75 -36.99 -9.92
C GLU A 1123 1.23 -38.28 -9.29
N VAL A 1124 2.13 -39.02 -8.65
CA VAL A 1124 1.78 -40.28 -7.99
C VAL A 1124 0.59 -40.12 -7.04
N ALA A 1125 0.65 -39.14 -6.13
CA ALA A 1125 -0.44 -38.90 -5.19
C ALA A 1125 -1.60 -38.24 -5.94
N HIS A 1126 -1.23 -37.41 -6.90
CA HIS A 1126 -2.14 -36.67 -7.78
C HIS A 1126 -3.09 -37.63 -8.50
N GLU A 1127 -3.07 -38.89 -8.07
CA GLU A 1127 -3.88 -39.96 -8.63
C GLU A 1127 -5.35 -40.00 -8.19
N ALA A 1128 -5.66 -39.38 -7.06
CA ALA A 1128 -7.02 -39.35 -6.52
C ALA A 1128 -8.05 -38.87 -7.56
N GLU A 1129 -8.21 -39.67 -8.62
CA GLU A 1129 -9.11 -39.37 -9.73
C GLU A 1129 -10.19 -40.45 -9.90
N ALA A 1130 -10.82 -40.45 -10.97
N THR B 9 -5.66 6.45 45.08
CA THR B 9 -5.89 7.73 45.85
C THR B 9 -4.66 8.25 46.57
N THR B 10 -4.21 7.54 47.60
CA THR B 10 -3.05 7.97 48.36
C THR B 10 -1.96 6.92 48.39
N ILE B 11 -0.70 7.35 48.51
CA ILE B 11 0.39 6.40 48.52
C ILE B 11 1.54 6.88 49.41
N LYS B 12 1.91 6.05 50.37
CA LYS B 12 3.02 6.38 51.27
C LYS B 12 4.31 5.96 50.55
N VAL B 13 5.30 6.84 50.53
CA VAL B 13 6.52 6.52 49.80
C VAL B 13 7.74 6.96 50.60
N PRO B 14 8.64 6.02 50.89
CA PRO B 14 9.87 6.26 51.65
C PRO B 14 10.86 7.21 51.01
N PRO B 15 11.43 8.12 51.81
CA PRO B 15 12.40 9.07 51.27
C PRO B 15 13.65 8.26 50.93
N GLY B 16 14.30 8.61 49.84
CA GLY B 16 15.50 7.88 49.48
C GLY B 16 16.39 8.70 48.57
N PRO B 17 17.54 8.15 48.20
CA PRO B 17 18.47 8.85 47.31
C PRO B 17 17.88 8.77 45.90
N LEU B 18 18.53 9.40 44.91
CA LEU B 18 18.01 9.33 43.58
C LEU B 18 18.51 8.07 42.89
N GLY B 19 19.41 7.39 43.57
CA GLY B 19 19.95 6.15 43.02
C GLY B 19 21.08 5.54 43.83
N TYR B 20 21.65 4.46 43.32
CA TYR B 20 22.74 3.76 43.98
C TYR B 20 23.72 3.19 42.95
N VAL B 21 24.98 3.09 43.33
CA VAL B 21 25.98 2.47 42.49
C VAL B 21 26.20 1.12 43.16
N TYR B 22 25.76 0.05 42.50
CA TYR B 22 25.90 -1.28 43.04
C TYR B 22 27.25 -1.83 42.57
N ALA B 23 27.95 -2.52 43.48
CA ALA B 23 29.23 -3.12 43.14
C ALA B 23 29.31 -4.47 43.83
N ARG B 24 29.68 -5.50 43.07
CA ARG B 24 29.78 -6.84 43.60
C ARG B 24 30.82 -7.60 42.79
N ALA B 25 31.30 -8.72 43.33
CA ALA B 25 32.28 -9.51 42.62
C ALA B 25 31.57 -10.33 41.54
N CYS B 26 32.25 -10.53 40.42
CA CYS B 26 31.72 -11.31 39.31
C CYS B 26 31.09 -12.64 39.75
N PRO B 27 29.76 -12.78 39.63
CA PRO B 27 29.13 -14.05 40.05
C PRO B 27 29.68 -15.17 39.16
N SER B 28 29.43 -16.43 39.52
CA SER B 28 29.98 -17.52 38.71
C SER B 28 29.03 -18.63 38.25
N GLU B 29 27.79 -18.27 37.92
CA GLU B 29 26.82 -19.27 37.46
C GLU B 29 25.68 -18.64 36.66
N GLY B 30 24.76 -18.00 37.38
CA GLY B 30 23.63 -17.38 36.72
C GLY B 30 24.03 -16.19 35.88
N ILE B 31 25.30 -16.13 35.47
CA ILE B 31 25.82 -15.03 34.66
C ILE B 31 25.33 -15.22 33.22
N GLU B 32 25.48 -16.44 32.72
CA GLU B 32 25.05 -16.82 31.37
C GLU B 32 23.60 -16.42 31.18
N LEU B 33 22.84 -16.48 32.26
CA LEU B 33 21.44 -16.15 32.25
C LEU B 33 21.29 -14.63 32.23
N LEU B 34 21.97 -13.96 33.15
CA LEU B 34 21.92 -12.51 33.24
C LEU B 34 22.28 -11.93 31.87
N ALA B 35 23.32 -12.47 31.25
CA ALA B 35 23.76 -12.01 29.95
C ALA B 35 22.67 -12.08 28.89
N LEU B 36 21.94 -13.19 28.84
CA LEU B 36 20.85 -13.36 27.87
C LEU B 36 19.81 -12.25 28.03
N LEU B 37 19.48 -11.95 29.28
CA LEU B 37 18.50 -10.91 29.57
C LEU B 37 19.11 -9.54 29.31
N SER B 38 20.44 -9.45 29.35
CA SER B 38 21.12 -8.18 29.17
C SER B 38 21.44 -7.79 27.74
N ALA B 39 22.07 -6.62 27.62
CA ALA B 39 22.48 -6.08 26.33
C ALA B 39 23.93 -5.67 26.44
N ARG B 40 24.78 -6.25 25.62
CA ARG B 40 26.20 -5.91 25.67
C ARG B 40 26.93 -6.18 24.36
N SER B 41 27.66 -5.18 23.89
CA SER B 41 28.42 -5.27 22.65
C SER B 41 29.79 -5.88 22.98
N GLY B 42 30.16 -6.88 22.20
CA GLY B 42 31.43 -7.55 22.43
C GLY B 42 32.69 -6.71 22.47
N ASP B 43 32.63 -5.48 22.01
CA ASP B 43 33.82 -4.62 22.00
C ASP B 43 33.74 -3.49 23.02
N SER B 44 33.09 -3.74 24.15
CA SER B 44 32.95 -2.71 25.18
C SER B 44 32.78 -3.31 26.57
N ASP B 45 33.40 -2.69 27.57
CA ASP B 45 33.29 -3.21 28.92
C ASP B 45 32.00 -2.82 29.62
N VAL B 46 31.11 -2.11 28.94
CA VAL B 46 29.85 -1.72 29.57
C VAL B 46 28.70 -2.56 29.07
N ALA B 47 27.59 -2.51 29.79
CA ALA B 47 26.40 -3.27 29.40
C ALA B 47 25.19 -2.71 30.13
N VAL B 48 24.00 -3.00 29.64
CA VAL B 48 22.77 -2.56 30.30
C VAL B 48 21.96 -3.81 30.58
N ALA B 49 21.61 -4.00 31.86
CA ALA B 49 20.87 -5.16 32.30
C ALA B 49 19.53 -4.73 32.92
N PRO B 50 18.50 -5.57 32.80
CA PRO B 50 17.17 -5.28 33.34
C PRO B 50 17.11 -5.25 34.87
N LEU B 51 16.18 -4.49 35.42
CA LEU B 51 15.99 -4.41 36.86
C LEU B 51 15.24 -5.68 37.21
N VAL B 52 15.88 -6.57 37.95
CA VAL B 52 15.23 -7.83 38.32
C VAL B 52 15.57 -8.23 39.75
N VAL B 53 14.54 -8.31 40.59
CA VAL B 53 14.75 -8.69 41.98
C VAL B 53 15.30 -10.10 42.04
N GLY B 54 16.44 -10.24 42.71
CA GLY B 54 17.07 -11.55 42.84
C GLY B 54 18.14 -11.72 41.78
N LEU B 55 18.28 -10.74 40.91
CA LEU B 55 19.25 -10.80 39.84
C LEU B 55 20.15 -9.60 39.90
N THR B 56 19.57 -8.41 39.83
CA THR B 56 20.35 -7.18 39.87
C THR B 56 20.08 -6.34 41.10
N VAL B 57 19.04 -6.69 41.86
CA VAL B 57 18.73 -5.97 43.12
C VAL B 57 18.26 -6.94 44.21
N GLU B 58 18.42 -6.53 45.47
CA GLU B 58 18.02 -7.36 46.60
C GLU B 58 16.49 -7.51 46.64
N SER B 59 16.03 -8.47 47.44
CA SER B 59 14.61 -8.76 47.55
C SER B 59 13.68 -7.69 48.14
N GLY B 60 14.12 -6.97 49.15
CA GLY B 60 13.20 -5.98 49.69
C GLY B 60 13.20 -4.72 48.86
N PHE B 61 13.90 -4.74 47.72
CA PHE B 61 14.00 -3.55 46.88
C PHE B 61 12.65 -2.90 46.64
N GLU B 62 12.56 -1.61 46.95
CA GLU B 62 11.33 -0.87 46.76
C GLU B 62 11.49 0.12 45.59
N ALA B 63 10.79 -0.15 44.49
CA ALA B 63 10.87 0.68 43.29
C ALA B 63 10.35 2.11 43.46
N ASN B 64 9.22 2.27 44.13
CA ASN B 64 8.67 3.60 44.33
C ASN B 64 9.38 4.31 45.48
N VAL B 65 9.78 5.56 45.24
CA VAL B 65 10.49 6.31 46.27
C VAL B 65 10.42 7.83 46.11
N ALA B 66 10.56 8.55 47.22
CA ALA B 66 10.58 10.01 47.20
C ALA B 66 12.05 10.41 47.30
N VAL B 67 12.66 10.77 46.17
CA VAL B 67 14.07 11.12 46.17
C VAL B 67 14.35 12.51 46.72
N VAL B 68 15.49 12.66 47.40
CA VAL B 68 15.88 13.96 47.95
C VAL B 68 16.45 14.74 46.77
N VAL B 69 15.73 15.77 46.30
CA VAL B 69 16.20 16.56 45.16
C VAL B 69 16.88 17.90 45.46
N GLY B 70 16.59 18.48 46.61
CA GLY B 70 17.20 19.75 46.92
C GLY B 70 16.95 20.16 48.36
N SER B 71 17.15 21.44 48.66
CA SER B 71 16.94 21.95 49.99
C SER B 71 16.37 23.34 49.94
N ARG B 72 15.70 23.75 51.01
CA ARG B 72 15.09 25.06 51.11
C ARG B 72 15.59 25.75 52.38
N THR B 73 15.26 27.02 52.53
CA THR B 73 15.65 27.80 53.71
C THR B 73 14.46 27.95 54.65
N THR B 74 14.71 28.45 55.86
CA THR B 74 13.68 28.66 56.90
C THR B 74 13.45 27.39 57.70
N ALA B 80 19.42 25.39 59.41
CA ALA B 80 18.25 26.17 58.95
C ALA B 80 17.96 25.87 57.47
N VAL B 81 17.73 24.59 57.18
CA VAL B 81 17.45 24.12 55.83
C VAL B 81 16.61 22.84 55.82
N SER B 82 15.55 22.83 55.03
CA SER B 82 14.71 21.65 54.92
C SER B 82 15.01 20.99 53.57
N LEU B 83 14.67 19.70 53.44
CA LEU B 83 14.92 18.97 52.22
C LEU B 83 13.70 19.04 51.32
N LYS B 84 13.93 18.80 50.04
CA LYS B 84 12.88 18.80 49.03
C LYS B 84 12.81 17.39 48.50
N LEU B 85 11.63 16.81 48.41
CA LEU B 85 11.53 15.46 47.91
C LEU B 85 10.56 15.41 46.79
N THR B 86 10.83 14.53 45.83
CA THR B 86 9.96 14.35 44.69
C THR B 86 9.82 12.86 44.48
N PRO B 87 8.59 12.42 44.19
CA PRO B 87 8.41 10.98 43.97
C PRO B 87 8.96 10.55 42.61
N SER B 88 9.33 9.28 42.52
CA SER B 88 9.84 8.71 41.29
C SER B 88 10.04 7.21 41.51
N HIS B 89 10.28 6.48 40.43
CA HIS B 89 10.51 5.03 40.52
C HIS B 89 11.83 4.68 39.83
N TYR B 90 12.39 3.51 40.15
CA TYR B 90 13.64 3.11 39.53
C TYR B 90 13.46 2.69 38.09
N SER B 91 14.41 3.07 37.24
CA SER B 91 14.34 2.72 35.84
C SER B 91 14.30 1.22 35.73
N SER B 92 13.59 0.75 34.71
CA SER B 92 13.40 -0.66 34.47
C SER B 92 14.66 -1.42 34.07
N SER B 93 15.81 -0.74 34.06
CA SER B 93 17.06 -1.41 33.74
C SER B 93 18.23 -0.69 34.41
N VAL B 94 19.27 -1.45 34.77
CA VAL B 94 20.45 -0.89 35.41
C VAL B 94 21.56 -0.74 34.41
N TYR B 95 22.54 0.10 34.73
CA TYR B 95 23.61 0.38 33.80
C TYR B 95 25.01 -0.02 34.23
N VAL B 96 25.49 -1.12 33.65
CA VAL B 96 26.82 -1.66 33.96
C VAL B 96 27.97 -0.90 33.29
N PHE B 97 28.67 -0.06 34.06
CA PHE B 97 29.78 0.70 33.52
C PHE B 97 31.17 0.12 33.82
N HIS B 98 31.19 -1.05 34.45
CA HIS B 98 32.45 -1.72 34.76
C HIS B 98 32.15 -3.19 34.98
N GLY B 99 32.67 -4.05 34.13
CA GLY B 99 32.43 -5.47 34.29
C GLY B 99 31.65 -6.09 33.14
N GLY B 100 31.30 -5.29 32.14
CA GLY B 100 30.57 -5.82 31.00
C GLY B 100 31.28 -7.00 30.35
N ARG B 101 32.60 -7.04 30.50
CA ARG B 101 33.40 -8.12 29.93
C ARG B 101 32.97 -9.48 30.43
N HIS B 102 32.36 -9.53 31.61
CA HIS B 102 31.92 -10.79 32.19
C HIS B 102 30.57 -11.27 31.63
N LEU B 103 29.96 -10.45 30.78
CA LEU B 103 28.69 -10.81 30.16
C LEU B 103 28.96 -11.18 28.70
N ASP B 104 28.42 -12.32 28.26
CA ASP B 104 28.64 -12.76 26.88
C ASP B 104 27.97 -11.76 25.98
N PRO B 105 28.69 -11.29 24.95
CA PRO B 105 28.13 -10.32 24.02
C PRO B 105 26.81 -10.80 23.39
N SER B 106 25.85 -9.89 23.30
CA SER B 106 24.56 -10.21 22.74
C SER B 106 24.72 -10.69 21.31
N THR B 107 25.84 -10.33 20.71
CA THR B 107 26.15 -10.71 19.32
C THR B 107 27.65 -10.78 19.14
N GLN B 108 28.07 -11.58 18.18
CA GLN B 108 29.48 -11.68 17.88
C GLN B 108 29.79 -10.50 16.96
N ALA B 109 28.75 -9.88 16.42
CA ALA B 109 28.91 -8.72 15.55
C ALA B 109 30.07 -7.88 16.06
N PRO B 110 31.07 -7.58 15.21
CA PRO B 110 32.24 -6.79 15.59
C PRO B 110 32.18 -5.29 15.32
N ASN B 111 32.96 -4.55 16.11
CA ASN B 111 33.08 -3.10 15.99
C ASN B 111 31.77 -2.35 15.95
N LEU B 112 30.88 -2.59 16.90
CA LEU B 112 29.62 -1.87 16.89
C LEU B 112 29.90 -0.46 17.37
N THR B 113 30.91 -0.33 18.21
CA THR B 113 31.28 0.99 18.72
C THR B 113 31.77 1.85 17.57
N ARG B 114 32.56 1.26 16.66
CA ARG B 114 33.04 2.00 15.51
C ARG B 114 31.88 2.36 14.58
N LEU B 115 31.03 1.38 14.33
CA LEU B 115 29.86 1.57 13.46
C LEU B 115 28.97 2.73 13.93
N CYS B 116 28.67 2.76 15.23
CA CYS B 116 27.83 3.82 15.78
C CYS B 116 28.49 5.17 15.61
N GLU B 117 29.78 5.22 15.90
CA GLU B 117 30.55 6.46 15.80
C GLU B 117 30.40 7.09 14.41
N ARG B 118 30.67 6.33 13.35
CA ARG B 118 30.54 6.90 12.01
C ARG B 118 29.11 7.11 11.56
N ALA B 119 28.18 6.30 12.08
CA ALA B 119 26.78 6.46 11.71
C ALA B 119 26.29 7.76 12.32
N ARG B 120 26.73 8.01 13.55
CA ARG B 120 26.35 9.21 14.25
C ARG B 120 26.81 10.45 13.48
N ARG B 121 28.01 10.38 12.90
CA ARG B 121 28.54 11.51 12.14
C ARG B 121 27.80 11.62 10.81
N HIS B 122 27.37 10.49 10.28
CA HIS B 122 26.66 10.49 9.01
C HIS B 122 25.30 11.20 9.11
N PHE B 123 24.58 10.99 10.21
CA PHE B 123 23.29 11.62 10.39
C PHE B 123 23.30 12.96 11.15
N GLY B 124 24.48 13.40 11.55
CA GLY B 124 24.59 14.69 12.22
C GLY B 124 24.46 14.77 13.73
N PHE B 125 24.39 13.64 14.41
CA PHE B 125 24.27 13.68 15.86
C PHE B 125 25.61 13.82 16.53
N SER B 126 25.61 14.44 17.71
CA SER B 126 26.83 14.67 18.47
C SER B 126 27.26 13.44 19.25
N ASP B 127 28.52 13.43 19.68
CA ASP B 127 29.05 12.31 20.46
C ASP B 127 29.36 12.76 21.89
N TYR B 128 29.48 11.81 22.81
CA TYR B 128 29.79 12.18 24.18
C TYR B 128 31.19 12.76 24.19
N THR B 129 31.36 13.94 24.79
CA THR B 129 32.67 14.59 24.85
C THR B 129 33.01 15.13 26.24
N PRO B 130 33.63 14.31 27.08
CA PRO B 130 33.96 14.79 28.42
C PRO B 130 34.95 15.91 28.31
N ARG B 131 34.73 16.96 29.10
CA ARG B 131 35.64 18.11 29.12
C ARG B 131 37.01 17.75 29.71
N PRO B 132 38.08 18.13 29.02
CA PRO B 132 39.46 17.86 29.47
C PRO B 132 39.68 18.22 30.93
N GLY B 133 39.29 19.45 31.27
CA GLY B 133 39.46 19.92 32.63
C GLY B 133 38.60 19.27 33.68
N ASP B 134 37.87 18.21 33.30
CA ASP B 134 37.05 17.50 34.28
C ASP B 134 37.70 16.17 34.62
N LEU B 135 38.48 15.62 33.70
CA LEU B 135 39.12 14.33 33.90
C LEU B 135 39.82 14.14 35.23
N LYS B 136 40.45 15.21 35.71
CA LYS B 136 41.15 15.12 36.98
C LYS B 136 40.18 14.84 38.14
N HIS B 137 38.88 14.97 37.89
CA HIS B 137 37.89 14.74 38.92
C HIS B 137 37.11 13.44 38.73
N GLU B 138 37.41 12.71 37.67
CA GLU B 138 36.70 11.47 37.40
C GLU B 138 36.88 10.45 38.51
N THR B 139 35.84 9.66 38.74
CA THR B 139 35.87 8.59 39.74
C THR B 139 35.93 7.32 38.89
N THR B 140 37.07 6.65 38.86
CA THR B 140 37.17 5.45 38.06
C THR B 140 36.64 4.18 38.71
N GLY B 141 36.34 3.19 37.88
CA GLY B 141 35.84 1.93 38.40
C GLY B 141 36.88 1.38 39.36
N GLU B 142 38.14 1.39 38.91
CA GLU B 142 39.27 0.91 39.70
C GLU B 142 39.29 1.56 41.06
N ALA B 143 39.13 2.88 41.08
CA ALA B 143 39.12 3.67 42.30
C ALA B 143 38.08 3.17 43.30
N LEU B 144 36.86 2.94 42.81
CA LEU B 144 35.77 2.47 43.65
C LEU B 144 36.07 1.06 44.11
N CYS B 145 36.60 0.25 43.20
CA CYS B 145 36.92 -1.12 43.51
C CYS B 145 37.90 -1.17 44.67
N GLU B 146 38.80 -0.20 44.71
CA GLU B 146 39.80 -0.11 45.76
C GLU B 146 39.14 0.16 47.10
N ARG B 147 38.30 1.20 47.16
CA ARG B 147 37.59 1.54 48.39
C ARG B 147 36.76 0.34 48.85
N LEU B 148 36.09 -0.30 47.90
CA LEU B 148 35.24 -1.44 48.22
C LEU B 148 36.03 -2.72 48.44
N GLY B 149 37.31 -2.68 48.10
CA GLY B 149 38.15 -3.87 48.25
C GLY B 149 37.66 -4.98 47.35
N LEU B 150 37.60 -4.70 46.04
CA LEU B 150 37.17 -5.67 45.05
C LEU B 150 38.21 -5.78 43.96
N ASP B 151 38.23 -6.92 43.29
CA ASP B 151 39.17 -7.16 42.21
C ASP B 151 38.67 -6.49 40.94
N PRO B 152 39.35 -5.44 40.49
CA PRO B 152 38.98 -4.71 39.29
C PRO B 152 38.72 -5.56 38.02
N ASP B 153 39.13 -6.84 38.04
CA ASP B 153 38.92 -7.71 36.88
C ASP B 153 37.92 -8.81 37.17
N ARG B 154 37.47 -8.84 38.41
CA ARG B 154 36.50 -9.83 38.88
C ARG B 154 35.50 -8.98 39.63
N ALA B 155 34.94 -8.00 38.93
CA ALA B 155 33.99 -7.09 39.55
C ALA B 155 33.00 -6.48 38.58
N LEU B 156 31.83 -6.15 39.12
CA LEU B 156 30.75 -5.54 38.38
C LEU B 156 30.25 -4.31 39.11
N LEU B 157 30.21 -3.19 38.38
CA LEU B 157 29.72 -1.94 38.93
C LEU B 157 28.63 -1.45 38.01
N TYR B 158 27.47 -1.12 38.59
CA TYR B 158 26.36 -0.63 37.79
C TYR B 158 25.49 0.39 38.52
N LEU B 159 24.85 1.26 37.75
CA LEU B 159 24.00 2.29 38.30
C LEU B 159 22.53 1.88 38.32
N VAL B 160 21.91 2.03 39.48
CA VAL B 160 20.51 1.72 39.70
C VAL B 160 19.97 3.11 39.98
N VAL B 161 19.16 3.64 39.06
CA VAL B 161 18.63 5.01 39.19
C VAL B 161 17.13 5.16 39.05
N THR B 162 16.61 6.29 39.52
CA THR B 162 15.19 6.57 39.39
C THR B 162 15.00 7.13 37.98
N GLU B 163 13.89 6.78 37.34
CA GLU B 163 13.59 7.25 35.99
C GLU B 163 13.81 8.76 35.82
N GLY B 164 13.47 9.52 36.86
CA GLY B 164 13.60 10.96 36.80
C GLY B 164 14.98 11.57 36.90
N PHE B 165 16.01 10.79 37.17
CA PHE B 165 17.34 11.40 37.27
C PHE B 165 18.51 10.75 36.54
N LYS B 166 18.25 9.72 35.73
CA LYS B 166 19.33 9.09 35.00
C LYS B 166 20.06 10.15 34.16
N GLU B 167 19.31 11.05 33.54
CA GLU B 167 19.93 12.11 32.73
C GLU B 167 20.72 13.07 33.62
N ALA B 168 20.25 13.25 34.86
CA ALA B 168 20.91 14.15 35.80
C ALA B 168 22.28 13.59 36.14
N VAL B 169 22.37 12.26 36.14
CA VAL B 169 23.62 11.60 36.46
C VAL B 169 24.72 11.86 35.41
N CYS B 170 24.42 11.64 34.14
CA CYS B 170 25.45 11.82 33.11
C CYS B 170 25.89 13.23 32.85
N ILE B 171 25.20 14.21 33.40
CA ILE B 171 25.66 15.59 33.20
C ILE B 171 26.33 16.07 34.47
N ASN B 172 26.88 15.11 35.21
CA ASN B 172 27.59 15.37 36.44
C ASN B 172 26.88 16.24 37.46
N ASN B 173 25.57 16.08 37.61
CA ASN B 173 24.82 16.87 38.59
C ASN B 173 24.51 15.99 39.79
N THR B 174 25.31 14.95 39.94
CA THR B 174 25.12 14.00 41.02
C THR B 174 26.40 13.78 41.82
N PHE B 175 26.30 13.09 42.96
CA PHE B 175 27.49 12.80 43.74
C PHE B 175 27.28 11.58 44.60
N LEU B 176 28.37 10.86 44.86
CA LEU B 176 28.30 9.66 45.68
C LEU B 176 28.41 9.98 47.15
N HIS B 177 27.50 9.40 47.92
CA HIS B 177 27.51 9.59 49.36
C HIS B 177 28.28 8.42 49.92
N LEU B 178 29.61 8.51 49.84
CA LEU B 178 30.52 7.47 50.29
C LEU B 178 30.30 7.06 51.73
N GLY B 179 29.73 7.95 52.52
CA GLY B 179 29.46 7.63 53.91
C GLY B 179 28.24 6.76 54.12
N GLY B 180 27.30 6.81 53.18
CA GLY B 180 26.10 6.03 53.30
C GLY B 180 26.18 4.62 52.75
N SER B 181 27.40 4.15 52.53
CA SER B 181 27.59 2.80 52.01
C SER B 181 27.01 1.71 52.91
N ASP B 182 26.53 0.65 52.28
CA ASP B 182 25.95 -0.47 52.99
C ASP B 182 26.06 -1.71 52.11
N LYS B 183 25.53 -2.82 52.59
CA LYS B 183 25.57 -4.07 51.84
C LYS B 183 24.19 -4.70 51.78
N VAL B 184 23.93 -5.42 50.70
CA VAL B 184 22.67 -6.12 50.51
C VAL B 184 23.04 -7.47 49.91
N THR B 185 22.10 -8.40 49.90
CA THR B 185 22.37 -9.71 49.35
C THR B 185 21.54 -10.04 48.11
N ILE B 186 22.23 -10.48 47.07
CA ILE B 186 21.54 -10.88 45.86
C ILE B 186 21.95 -12.29 45.54
N GLY B 187 21.03 -13.22 45.72
CA GLY B 187 21.31 -14.62 45.45
C GLY B 187 22.38 -15.17 46.38
N GLY B 188 22.34 -14.75 47.65
CA GLY B 188 23.30 -15.22 48.62
C GLY B 188 24.62 -14.48 48.57
N ALA B 189 24.89 -13.82 47.45
CA ALA B 189 26.13 -13.07 47.29
C ALA B 189 26.06 -11.69 47.95
N GLU B 190 27.21 -11.21 48.42
CA GLU B 190 27.29 -9.90 49.05
C GLU B 190 27.44 -8.85 47.96
N VAL B 191 26.71 -7.75 48.10
CA VAL B 191 26.78 -6.67 47.11
C VAL B 191 26.86 -5.31 47.79
N HIS B 192 27.85 -4.52 47.40
CA HIS B 192 28.04 -3.20 47.97
C HIS B 192 27.14 -2.23 47.24
N ARG B 193 26.93 -1.06 47.82
CA ARG B 193 26.14 -0.05 47.14
C ARG B 193 26.33 1.33 47.77
N ILE B 194 26.72 2.27 46.91
CA ILE B 194 26.97 3.65 47.33
C ILE B 194 25.82 4.53 46.86
N PRO B 195 25.09 5.14 47.80
CA PRO B 195 23.96 6.00 47.41
C PRO B 195 24.35 7.26 46.63
N VAL B 196 23.53 7.58 45.64
CA VAL B 196 23.76 8.75 44.78
C VAL B 196 22.76 9.85 45.10
N TYR B 197 23.24 11.10 45.17
CA TYR B 197 22.39 12.25 45.47
C TYR B 197 22.64 13.43 44.52
N PRO B 198 21.72 14.40 44.49
CA PRO B 198 21.78 15.59 43.64
C PRO B 198 22.70 16.67 44.23
N LEU B 199 23.55 17.24 43.40
CA LEU B 199 24.44 18.30 43.87
C LEU B 199 23.57 19.45 44.39
N GLN B 200 22.41 19.64 43.77
CA GLN B 200 21.49 20.71 44.16
C GLN B 200 21.22 20.75 45.65
N LEU B 201 21.43 19.61 46.31
CA LEU B 201 21.20 19.50 47.75
C LEU B 201 21.96 20.59 48.48
N PHE B 202 23.17 20.87 48.03
CA PHE B 202 24.01 21.87 48.65
C PHE B 202 23.70 23.29 48.21
N MET B 203 22.66 23.43 47.39
CA MET B 203 22.24 24.74 46.88
C MET B 203 20.78 25.00 47.23
N PRO B 204 20.53 25.57 48.43
CA PRO B 204 19.17 25.87 48.88
C PRO B 204 18.36 26.70 47.89
N ASP B 205 17.10 26.31 47.70
CA ASP B 205 16.18 27.00 46.82
C ASP B 205 16.68 27.10 45.39
N PHE B 206 17.27 26.02 44.88
CA PHE B 206 17.81 25.97 43.53
C PHE B 206 17.15 24.82 42.80
N SER B 207 16.38 25.12 41.76
CA SER B 207 15.69 24.08 41.00
C SER B 207 16.27 23.86 39.60
N ARG B 208 17.34 24.58 39.27
CA ARG B 208 17.95 24.50 37.94
C ARG B 208 19.02 23.44 37.75
N VAL B 209 19.30 23.10 36.49
CA VAL B 209 20.34 22.14 36.18
C VAL B 209 21.65 22.90 36.42
N ILE B 210 22.66 22.21 36.92
CA ILE B 210 23.93 22.86 37.19
C ILE B 210 24.98 22.71 36.08
N ALA B 211 25.50 23.82 35.60
CA ALA B 211 26.55 23.80 34.60
C ALA B 211 27.79 24.03 35.45
N GLU B 212 28.91 23.42 35.12
CA GLU B 212 30.11 23.62 35.95
C GLU B 212 29.77 23.12 37.34
N PRO B 213 29.44 21.84 37.47
CA PRO B 213 29.10 21.28 38.78
C PRO B 213 30.33 21.08 39.67
N PHE B 214 31.51 21.35 39.11
CA PHE B 214 32.76 21.20 39.85
C PHE B 214 33.21 22.48 40.51
N ASN B 215 32.52 23.57 40.26
CA ASN B 215 32.89 24.85 40.87
C ASN B 215 32.43 24.94 42.31
N ALA B 216 33.31 24.61 43.24
CA ALA B 216 32.99 24.63 44.66
C ALA B 216 32.65 26.02 45.19
N ASN B 217 32.87 27.05 44.39
CA ASN B 217 32.61 28.42 44.84
C ASN B 217 31.40 29.08 44.21
N HIS B 218 30.46 28.27 43.72
CA HIS B 218 29.26 28.80 43.11
C HIS B 218 28.40 29.54 44.14
N ARG B 219 27.96 30.73 43.78
CA ARG B 219 27.17 31.57 44.70
C ARG B 219 25.90 30.94 45.26
N SER B 220 25.28 30.04 44.52
CA SER B 220 24.05 29.41 45.00
C SER B 220 24.28 28.38 46.09
N ILE B 221 25.53 27.93 46.22
CA ILE B 221 25.87 26.95 47.24
C ILE B 221 25.55 27.54 48.59
N GLY B 222 24.97 26.75 49.48
CA GLY B 222 24.66 27.23 50.82
C GLY B 222 25.97 27.59 51.48
N GLU B 223 25.97 28.64 52.29
CA GLU B 223 27.21 29.03 52.96
C GLU B 223 27.59 28.10 54.11
N LYS B 224 28.90 27.92 54.28
CA LYS B 224 29.46 27.07 55.30
C LYS B 224 29.16 25.60 55.00
N PHE B 225 28.62 25.38 53.80
CA PHE B 225 28.33 24.05 53.33
C PHE B 225 29.63 23.49 52.79
N THR B 226 29.78 22.18 52.82
CA THR B 226 30.97 21.55 52.28
C THR B 226 30.58 20.84 50.97
N TYR B 227 30.62 21.60 49.88
CA TYR B 227 30.26 21.13 48.55
C TYR B 227 30.97 19.83 48.22
N PRO B 228 30.22 18.81 47.79
CA PRO B 228 30.81 17.51 47.46
C PRO B 228 31.49 17.46 46.09
N LEU B 229 32.11 16.32 45.79
CA LEU B 229 32.78 16.12 44.52
C LEU B 229 31.80 15.42 43.58
N PRO B 230 31.44 16.07 42.48
CA PRO B 230 30.49 15.44 41.56
C PRO B 230 30.91 14.01 41.24
N PHE B 231 29.93 13.15 40.99
CA PHE B 231 30.22 11.77 40.63
C PHE B 231 30.34 11.71 39.11
N PHE B 232 31.56 11.88 38.63
CA PHE B 232 31.86 11.87 37.21
C PHE B 232 32.65 10.64 36.76
N ASN B 233 31.95 9.74 36.07
CA ASN B 233 32.56 8.54 35.56
C ASN B 233 32.34 8.53 34.06
N ARG B 234 33.41 8.30 33.30
CA ARG B 234 33.30 8.32 31.86
C ARG B 234 32.54 7.14 31.25
N PRO B 235 32.99 5.90 31.52
CA PRO B 235 32.25 4.78 30.92
C PRO B 235 30.76 4.87 31.20
N LEU B 236 30.41 5.32 32.41
CA LEU B 236 29.02 5.47 32.82
C LEU B 236 28.34 6.56 32.00
N ASN B 237 28.87 7.78 32.09
CA ASN B 237 28.30 8.90 31.36
C ASN B 237 28.15 8.55 29.88
N ARG B 238 29.17 7.92 29.30
CA ARG B 238 29.09 7.55 27.89
C ARG B 238 27.92 6.60 27.61
N LEU B 239 27.73 5.60 28.48
CA LEU B 239 26.66 4.64 28.29
C LEU B 239 25.30 5.27 28.45
N LEU B 240 25.18 6.23 29.37
CA LEU B 240 23.89 6.87 29.55
C LEU B 240 23.55 7.69 28.33
N PHE B 241 24.53 8.46 27.87
CA PHE B 241 24.34 9.30 26.68
C PHE B 241 23.84 8.44 25.54
N GLU B 242 24.45 7.28 25.39
CA GLU B 242 24.12 6.36 24.32
C GLU B 242 22.84 5.57 24.54
N ALA B 243 22.71 4.93 25.70
CA ALA B 243 21.54 4.10 26.00
C ALA B 243 20.32 4.80 26.58
N VAL B 244 20.51 5.98 27.14
CA VAL B 244 19.38 6.68 27.73
C VAL B 244 19.02 7.98 27.03
N VAL B 245 20.00 8.81 26.71
CA VAL B 245 19.69 10.06 26.04
C VAL B 245 19.52 9.90 24.54
N GLY B 246 20.32 9.02 23.96
CA GLY B 246 20.27 8.78 22.51
C GLY B 246 18.91 8.52 21.90
N PRO B 247 18.20 7.48 22.35
CA PRO B 247 16.88 7.15 21.81
C PRO B 247 15.96 8.36 21.77
N ALA B 248 15.97 9.14 22.84
CA ALA B 248 15.12 10.32 22.91
C ALA B 248 15.65 11.36 21.92
N ALA B 249 16.97 11.52 21.89
CA ALA B 249 17.59 12.48 20.98
C ALA B 249 17.09 12.22 19.58
N VAL B 250 17.15 10.97 19.16
CA VAL B 250 16.70 10.56 17.83
C VAL B 250 15.20 10.72 17.72
N ALA B 251 14.47 10.18 18.69
CA ALA B 251 13.03 10.26 18.70
C ALA B 251 12.53 11.69 18.55
N LEU B 252 13.12 12.60 19.30
CA LEU B 252 12.69 13.99 19.26
C LEU B 252 13.57 14.82 18.33
N ARG B 253 14.13 14.13 17.34
CA ARG B 253 15.01 14.71 16.34
C ARG B 253 15.81 15.92 16.80
N SER B 254 16.64 15.68 17.81
CA SER B 254 17.49 16.70 18.38
C SER B 254 18.94 16.21 18.32
N ARG B 255 19.62 16.53 17.21
CA ARG B 255 21.01 16.12 16.98
C ARG B 255 22.04 16.53 18.05
N ASN B 256 21.76 17.59 18.81
CA ASN B 256 22.68 17.95 19.88
C ASN B 256 22.25 17.08 21.09
N VAL B 257 22.84 15.90 21.22
CA VAL B 257 22.47 14.97 22.30
C VAL B 257 22.60 15.54 23.73
N ASP B 258 23.75 16.14 24.03
CA ASP B 258 23.97 16.72 25.33
C ASP B 258 22.82 17.63 25.72
N ALA B 259 22.38 18.42 24.73
CA ALA B 259 21.29 19.37 24.92
C ALA B 259 20.03 18.66 25.37
N VAL B 260 19.78 17.51 24.76
CA VAL B 260 18.61 16.72 25.08
C VAL B 260 18.69 16.26 26.53
N ALA B 261 19.86 15.79 26.92
CA ALA B 261 20.05 15.31 28.29
C ALA B 261 19.74 16.42 29.27
N ARG B 262 20.19 17.64 28.96
CA ARG B 262 19.97 18.77 29.86
C ARG B 262 18.50 19.18 29.91
N ALA B 263 17.76 18.96 28.82
CA ALA B 263 16.34 19.32 28.80
C ALA B 263 15.54 18.42 29.75
N ALA B 264 15.89 17.14 29.79
CA ALA B 264 15.20 16.18 30.68
C ALA B 264 15.51 16.51 32.12
N ALA B 265 16.77 16.85 32.40
CA ALA B 265 17.17 17.20 33.75
C ALA B 265 16.41 18.44 34.24
N HIS B 266 16.22 19.39 33.33
CA HIS B 266 15.50 20.62 33.64
C HIS B 266 14.10 20.28 34.12
N LEU B 267 13.44 19.38 33.40
CA LEU B 267 12.08 18.98 33.76
C LEU B 267 12.01 18.22 35.07
N ALA B 268 13.08 17.51 35.40
CA ALA B 268 13.14 16.73 36.62
C ALA B 268 13.42 17.60 37.83
N PHE B 269 14.22 18.65 37.68
CA PHE B 269 14.53 19.50 38.81
C PHE B 269 13.53 20.61 39.08
N ASP B 270 12.81 21.03 38.04
CA ASP B 270 11.83 22.10 38.21
C ASP B 270 10.43 21.69 37.82
N GLU B 271 9.70 21.12 38.77
CA GLU B 271 8.35 20.65 38.52
C GLU B 271 7.46 21.71 37.92
N ASN B 272 7.73 22.97 38.25
CA ASN B 272 6.91 24.06 37.74
C ASN B 272 7.31 24.55 36.35
N HIS B 273 8.18 23.80 35.66
CA HIS B 273 8.63 24.24 34.35
C HIS B 273 7.75 23.90 33.18
N GLU B 274 7.34 24.93 32.45
CA GLU B 274 6.54 24.78 31.26
C GLU B 274 7.37 25.52 30.23
N GLY B 275 6.91 25.61 28.98
CA GLY B 275 7.72 26.30 27.98
C GLY B 275 8.80 25.42 27.36
N ALA B 276 9.63 26.02 26.52
CA ALA B 276 10.70 25.31 25.83
C ALA B 276 11.64 24.50 26.74
N ALA B 277 12.11 23.36 26.22
CA ALA B 277 13.05 22.51 26.96
C ALA B 277 14.13 22.08 25.99
N LEU B 278 13.73 21.57 24.83
CA LEU B 278 14.68 21.16 23.81
C LEU B 278 15.44 22.43 23.45
N PRO B 279 16.71 22.31 23.02
CA PRO B 279 17.53 23.47 22.66
C PRO B 279 16.84 24.55 21.82
N ALA B 280 17.11 25.79 22.18
CA ALA B 280 16.54 26.95 21.49
C ALA B 280 16.96 27.04 20.04
N ASP B 281 18.02 26.35 19.68
CA ASP B 281 18.54 26.39 18.32
C ASP B 281 18.56 25.01 17.69
N ILE B 282 17.56 24.19 18.01
CA ILE B 282 17.48 22.85 17.46
C ILE B 282 17.37 23.03 15.94
N THR B 283 18.02 22.16 15.18
CA THR B 283 18.00 22.26 13.73
C THR B 283 16.85 21.40 13.14
N PHE B 284 16.63 21.44 11.82
CA PHE B 284 15.52 20.66 11.23
C PHE B 284 15.84 19.94 9.92
N THR B 285 15.47 18.67 9.83
CA THR B 285 15.74 17.91 8.61
C THR B 285 14.97 18.50 7.42
N ALA B 286 15.71 18.82 6.36
CA ALA B 286 15.14 19.39 5.14
C ALA B 286 14.65 18.31 4.20
N PHE B 287 13.42 18.47 3.70
CA PHE B 287 12.81 17.52 2.77
C PHE B 287 11.42 17.99 2.35
N GLY B 308 9.95 28.50 4.06
CA GLY B 308 8.51 28.52 3.88
C GLY B 308 7.74 27.67 4.90
N GLY B 309 8.11 26.39 4.98
CA GLY B 309 7.54 25.39 5.89
C GLY B 309 7.90 25.67 7.33
N PHE B 310 7.78 26.94 7.68
CA PHE B 310 8.08 27.45 9.00
C PHE B 310 7.22 26.84 10.10
N GLU B 311 5.92 26.71 9.85
CA GLU B 311 5.04 26.14 10.87
C GLU B 311 5.32 24.66 11.10
N GLN B 312 5.55 23.95 10.01
CA GLN B 312 5.86 22.53 10.05
C GLN B 312 6.99 22.34 11.07
N ARG B 313 8.10 23.05 10.85
CA ARG B 313 9.23 22.94 11.75
C ARG B 313 8.83 23.26 13.19
N LEU B 314 8.12 24.37 13.38
CA LEU B 314 7.71 24.79 14.71
C LEU B 314 6.85 23.75 15.42
N ALA B 315 5.92 23.17 14.69
CA ALA B 315 5.04 22.17 15.26
C ALA B 315 5.82 20.96 15.77
N SER B 316 6.99 20.68 15.19
CA SER B 316 7.79 19.54 15.61
C SER B 316 8.56 19.74 16.92
N VAL B 317 9.12 20.92 17.13
CA VAL B 317 9.87 21.18 18.36
C VAL B 317 8.91 21.27 19.52
N MET B 318 7.79 21.93 19.27
CA MET B 318 6.81 22.10 20.32
C MET B 318 6.22 20.75 20.70
N ALA B 319 5.98 19.89 19.70
CA ALA B 319 5.45 18.58 20.01
C ALA B 319 6.61 17.81 20.66
N GLY B 320 7.82 18.11 20.21
CA GLY B 320 8.99 17.45 20.76
C GLY B 320 9.03 17.70 22.25
N ASP B 321 8.89 18.96 22.64
CA ASP B 321 8.90 19.28 24.06
C ASP B 321 7.68 18.65 24.70
N ALA B 322 6.53 18.85 24.07
CA ALA B 322 5.29 18.30 24.57
C ALA B 322 5.52 16.86 25.00
N ALA B 323 6.12 16.07 24.11
CA ALA B 323 6.37 14.67 24.42
C ALA B 323 7.41 14.52 25.54
N LEU B 324 8.54 15.21 25.42
CA LEU B 324 9.54 15.08 26.45
C LEU B 324 8.94 15.38 27.81
N ALA B 325 8.07 16.39 27.84
CA ALA B 325 7.43 16.80 29.07
C ALA B 325 6.49 15.73 29.59
N LEU B 326 5.66 15.19 28.69
CA LEU B 326 4.72 14.17 29.07
C LEU B 326 5.44 12.95 29.63
N GLU B 327 6.52 12.54 28.96
CA GLU B 327 7.29 11.40 29.43
C GLU B 327 7.83 11.66 30.83
N SER B 328 8.24 12.90 31.07
CA SER B 328 8.77 13.25 32.39
C SER B 328 7.68 13.02 33.43
N ILE B 329 6.47 13.49 33.14
CA ILE B 329 5.34 13.29 34.06
C ILE B 329 5.34 11.82 34.51
N VAL B 330 5.32 10.90 33.54
CA VAL B 330 5.28 9.48 33.84
C VAL B 330 6.51 9.01 34.61
N SER B 331 7.62 9.72 34.49
CA SER B 331 8.83 9.34 35.19
C SER B 331 8.77 9.72 36.66
N MET B 332 8.03 10.78 36.95
CA MET B 332 7.90 11.25 38.32
C MET B 332 6.63 10.69 38.92
N ALA B 333 6.10 9.64 38.32
CA ALA B 333 4.87 9.02 38.79
C ALA B 333 5.18 7.78 39.61
N VAL B 334 4.15 7.11 40.09
CA VAL B 334 4.33 5.90 40.89
C VAL B 334 3.32 4.84 40.45
N PHE B 335 3.84 3.77 39.85
CA PHE B 335 2.99 2.70 39.37
C PHE B 335 2.84 1.51 40.32
N ASP B 336 1.79 0.73 40.08
CA ASP B 336 1.44 -0.42 40.90
C ASP B 336 2.13 -1.75 40.59
N GLU B 337 2.62 -1.94 39.38
CA GLU B 337 3.31 -3.19 39.06
C GLU B 337 4.65 -3.25 39.79
N PRO B 338 4.95 -4.40 40.40
CA PRO B 338 6.24 -4.51 41.10
C PRO B 338 7.32 -4.98 40.14
N PRO B 339 8.60 -4.72 40.48
CA PRO B 339 9.72 -5.13 39.65
C PRO B 339 9.72 -6.66 39.59
N THR B 340 10.06 -7.23 38.45
CA THR B 340 10.09 -8.67 38.29
C THR B 340 11.07 -9.35 39.24
N ASP B 341 10.70 -10.56 39.65
CA ASP B 341 11.50 -11.38 40.54
C ASP B 341 11.75 -12.71 39.79
N ILE B 342 13.00 -13.03 39.46
CA ILE B 342 13.26 -14.30 38.74
C ILE B 342 12.69 -15.52 39.45
N SER B 343 12.72 -15.53 40.77
CA SER B 343 12.22 -16.67 41.51
C SER B 343 10.70 -16.81 41.44
N ALA B 344 10.05 -15.91 40.71
CA ALA B 344 8.60 -15.99 40.60
C ALA B 344 8.24 -16.35 39.16
N TRP B 345 9.22 -16.36 38.28
CA TRP B 345 8.97 -16.68 36.87
C TRP B 345 8.58 -18.15 36.67
N PRO B 346 7.29 -18.42 36.39
CA PRO B 346 6.85 -19.81 36.18
C PRO B 346 7.66 -20.45 35.07
N LEU B 347 8.30 -19.61 34.28
CA LEU B 347 9.12 -20.05 33.17
C LEU B 347 10.17 -21.09 33.57
N PHE B 348 10.54 -21.11 34.85
CA PHE B 348 11.55 -22.04 35.35
C PHE B 348 11.00 -23.36 35.84
N GLU B 349 9.77 -23.34 36.34
CA GLU B 349 9.13 -24.54 36.84
C GLU B 349 9.58 -25.82 36.13
N GLY B 350 10.13 -26.73 36.92
CA GLY B 350 10.60 -28.00 36.41
C GLY B 350 11.90 -27.84 35.66
N GLN B 351 11.79 -27.34 34.44
CA GLN B 351 12.95 -27.12 33.61
C GLN B 351 13.71 -26.01 34.31
N ASP B 352 14.26 -26.31 35.48
CA ASP B 352 15.00 -25.32 36.26
C ASP B 352 15.92 -25.96 37.27
N THR B 353 16.08 -27.28 37.21
CA THR B 353 16.96 -27.90 38.18
C THR B 353 18.37 -27.50 37.78
N ALA B 354 18.87 -28.05 36.67
CA ALA B 354 20.21 -27.72 36.19
C ALA B 354 20.33 -26.23 35.87
N ALA B 355 21.56 -25.71 35.82
CA ALA B 355 21.79 -24.31 35.51
C ALA B 355 21.31 -24.05 34.08
N ALA B 356 20.85 -25.11 33.43
CA ALA B 356 20.31 -25.02 32.08
C ALA B 356 18.85 -24.56 32.17
N ARG B 357 18.63 -23.56 33.04
CA ARG B 357 17.34 -22.91 33.24
C ARG B 357 17.51 -21.80 32.21
N ALA B 358 18.77 -21.53 31.89
CA ALA B 358 19.16 -20.54 30.90
C ALA B 358 18.49 -20.79 29.56
N ASN B 359 18.21 -22.05 29.24
CA ASN B 359 17.55 -22.37 27.99
C ASN B 359 16.14 -21.79 28.01
N ALA B 360 15.42 -22.00 29.11
CA ALA B 360 14.08 -21.48 29.24
C ALA B 360 14.06 -19.99 28.90
N VAL B 361 14.99 -19.25 29.49
CA VAL B 361 15.10 -17.82 29.23
C VAL B 361 15.48 -17.56 27.76
N GLY B 362 16.40 -18.37 27.25
CA GLY B 362 16.80 -18.20 25.86
C GLY B 362 15.64 -18.44 24.92
N ALA B 363 14.86 -19.47 25.17
CA ALA B 363 13.72 -19.76 24.32
C ALA B 363 12.69 -18.64 24.43
N TYR B 364 12.58 -18.06 25.61
CA TYR B 364 11.61 -16.99 25.79
C TYR B 364 11.96 -15.77 24.98
N LEU B 365 13.16 -15.22 25.20
CA LEU B 365 13.61 -14.05 24.46
C LEU B 365 13.47 -14.24 22.95
N ALA B 366 13.68 -15.48 22.50
CA ALA B 366 13.59 -15.80 21.09
C ALA B 366 12.22 -15.48 20.49
N ARG B 367 11.16 -15.68 21.28
CA ARG B 367 9.80 -15.39 20.81
C ARG B 367 9.71 -13.92 20.52
N ALA B 368 10.16 -13.11 21.47
CA ALA B 368 10.14 -11.66 21.34
C ALA B 368 10.86 -11.23 20.06
N ALA B 369 11.93 -11.93 19.70
CA ALA B 369 12.69 -11.59 18.51
C ALA B 369 11.74 -11.32 17.35
N GLY B 370 10.71 -12.16 17.22
CA GLY B 370 9.73 -11.99 16.17
C GLY B 370 9.02 -10.64 16.24
N LEU B 371 8.78 -10.17 17.46
CA LEU B 371 8.14 -8.88 17.64
C LEU B 371 9.10 -7.77 17.27
N VAL B 372 10.32 -7.81 17.80
CA VAL B 372 11.27 -6.75 17.47
C VAL B 372 11.53 -6.76 15.97
N GLY B 373 11.36 -7.91 15.34
CA GLY B 373 11.55 -7.97 13.90
C GLY B 373 10.54 -7.05 13.24
N ALA B 374 9.27 -7.18 13.60
CA ALA B 374 8.21 -6.35 13.05
C ALA B 374 8.46 -4.88 13.35
N MET B 375 8.94 -4.58 14.55
CA MET B 375 9.22 -3.19 14.91
C MET B 375 10.34 -2.58 14.10
N VAL B 376 11.11 -3.42 13.41
CA VAL B 376 12.22 -2.89 12.61
C VAL B 376 11.86 -2.83 11.14
N PHE B 377 11.02 -3.75 10.69
CA PHE B 377 10.65 -3.77 9.29
C PHE B 377 9.29 -3.22 8.91
N SER B 378 8.49 -2.80 9.90
CA SER B 378 7.20 -2.19 9.59
C SER B 378 7.48 -0.78 9.12
N THR B 379 6.99 -0.43 7.94
CA THR B 379 7.26 0.90 7.41
C THR B 379 6.63 2.02 8.21
N ASN B 380 5.79 1.68 9.19
CA ASN B 380 5.17 2.71 10.00
C ASN B 380 5.42 2.44 11.47
N SER B 381 6.54 1.81 11.76
CA SER B 381 6.92 1.50 13.13
C SER B 381 7.36 2.75 13.86
N ALA B 382 7.08 2.78 15.16
CA ALA B 382 7.47 3.93 15.97
C ALA B 382 8.94 4.21 15.79
N LEU B 383 9.75 3.17 15.64
CA LEU B 383 11.18 3.36 15.47
C LEU B 383 11.55 4.20 14.24
N HIS B 384 10.62 4.36 13.29
CA HIS B 384 10.91 5.10 12.07
C HIS B 384 10.23 6.45 11.96
N LEU B 385 9.10 6.62 12.63
CA LEU B 385 8.38 7.89 12.56
C LEU B 385 9.12 8.96 13.35
N THR B 386 10.15 9.54 12.75
CA THR B 386 10.95 10.56 13.42
C THR B 386 10.89 11.96 12.83
N GLU B 387 10.14 12.14 11.75
CA GLU B 387 10.01 13.46 11.15
C GLU B 387 8.53 13.83 11.11
N VAL B 388 8.24 15.12 10.99
CA VAL B 388 6.85 15.59 10.96
C VAL B 388 6.51 16.27 9.63
N ASP B 389 5.28 16.06 9.17
CA ASP B 389 4.87 16.66 7.92
C ASP B 389 3.63 17.52 8.06
N ASP B 390 3.59 18.61 7.28
CA ASP B 390 2.49 19.57 7.30
C ASP B 390 1.57 19.31 6.12
N ALA B 391 0.33 18.90 6.39
CA ALA B 391 -0.60 18.64 5.30
C ALA B 391 -1.48 19.87 5.04
N GLY B 392 -1.25 20.94 5.80
CA GLY B 392 -2.03 22.15 5.66
C GLY B 392 -3.38 22.03 6.31
N PRO B 393 -4.09 23.14 6.54
CA PRO B 393 -5.41 23.07 7.17
C PRO B 393 -6.41 22.40 6.24
N ALA B 394 -7.58 22.05 6.75
CA ALA B 394 -8.59 21.39 5.92
C ALA B 394 -9.58 22.37 5.25
N HIS B 399 -10.23 28.35 6.97
CA HIS B 399 -8.78 28.12 7.05
C HIS B 399 -8.34 28.10 8.52
N SER B 400 -9.33 28.16 9.41
CA SER B 400 -9.08 28.12 10.84
C SER B 400 -9.86 26.93 11.41
N LYS B 401 -10.69 26.32 10.55
CA LYS B 401 -11.53 25.17 10.92
C LYS B 401 -10.66 24.10 11.57
N PRO B 402 -11.22 23.40 12.57
CA PRO B 402 -10.46 22.35 13.27
C PRO B 402 -9.68 21.49 12.30
N SER B 403 -8.38 21.31 12.57
CA SER B 403 -7.50 20.53 11.71
C SER B 403 -6.52 19.66 12.53
N PHE B 404 -7.05 18.67 13.26
CA PHE B 404 -6.23 17.80 14.11
C PHE B 404 -5.35 16.82 13.35
N TYR B 405 -5.39 16.88 12.04
CA TYR B 405 -4.57 15.96 11.28
C TYR B 405 -3.61 16.67 10.34
N ARG B 406 -3.47 17.98 10.53
CA ARG B 406 -2.58 18.77 9.70
C ARG B 406 -1.12 18.33 9.85
N PHE B 407 -0.67 18.30 11.10
CA PHE B 407 0.68 17.91 11.42
C PHE B 407 0.71 16.46 11.92
N PHE B 408 1.71 15.69 11.49
CA PHE B 408 1.82 14.29 11.87
C PHE B 408 3.20 13.68 11.60
N LEU B 409 3.53 12.63 12.36
CA LEU B 409 4.79 11.92 12.20
C LEU B 409 4.82 11.11 10.89
N VAL B 410 5.97 11.10 10.23
CA VAL B 410 6.17 10.34 9.01
C VAL B 410 7.50 9.63 9.18
N PRO B 411 7.75 8.59 8.39
CA PRO B 411 9.04 7.90 8.55
C PRO B 411 10.13 8.84 8.04
N GLY B 412 11.28 8.84 8.72
CA GLY B 412 12.36 9.71 8.30
C GLY B 412 13.72 9.08 8.51
N THR B 413 13.74 7.76 8.58
CA THR B 413 14.98 7.03 8.77
C THR B 413 15.82 7.18 7.50
N HIS B 414 15.14 7.24 6.36
CA HIS B 414 15.81 7.36 5.07
C HIS B 414 16.23 8.78 4.72
N VAL B 415 15.88 9.73 5.57
CA VAL B 415 16.17 11.14 5.31
C VAL B 415 17.08 11.80 6.34
N ALA B 416 17.40 11.07 7.40
CA ALA B 416 18.26 11.58 8.47
C ALA B 416 19.62 12.05 7.95
N ALA B 417 19.84 11.85 6.66
CA ALA B 417 21.09 12.24 6.04
C ALA B 417 20.96 13.59 5.33
N ASN B 418 19.72 13.97 5.02
CA ASN B 418 19.45 15.24 4.36
C ASN B 418 20.08 16.40 5.12
N PRO B 419 20.10 17.60 4.51
CA PRO B 419 20.69 18.76 5.17
C PRO B 419 19.88 19.25 6.36
N GLN B 420 20.58 19.84 7.33
CA GLN B 420 19.92 20.39 8.49
C GLN B 420 19.73 21.87 8.20
N VAL B 421 18.50 22.32 8.38
CA VAL B 421 18.12 23.71 8.14
C VAL B 421 17.75 24.33 9.48
N ASP B 422 17.81 25.65 9.59
CA ASP B 422 17.45 26.32 10.84
C ASP B 422 16.00 26.77 10.89
N ARG B 423 15.65 27.45 11.97
CA ARG B 423 14.29 27.94 12.17
C ARG B 423 13.66 28.47 10.88
N GLU B 424 14.43 29.27 10.14
CA GLU B 424 13.96 29.89 8.90
C GLU B 424 14.22 29.14 7.59
N GLY B 425 14.50 27.85 7.67
CA GLY B 425 14.72 27.08 6.47
C GLY B 425 16.04 27.26 5.75
N HIS B 426 17.07 27.72 6.46
CA HIS B 426 18.39 27.88 5.81
C HIS B 426 19.35 26.79 6.26
N VAL B 427 20.15 26.27 5.34
CA VAL B 427 21.12 25.23 5.69
C VAL B 427 22.04 25.80 6.75
N VAL B 428 22.57 24.96 7.62
CA VAL B 428 23.41 25.44 8.70
C VAL B 428 24.92 25.56 8.39
N PRO B 429 25.73 24.53 8.67
CA PRO B 429 27.09 24.86 8.27
C PRO B 429 27.70 23.70 7.48
N GLY B 430 28.11 22.66 8.18
CA GLY B 430 28.73 21.52 7.53
C GLY B 430 27.77 20.69 6.70
N PHE B 431 26.56 21.20 6.46
CA PHE B 431 25.59 20.44 5.68
C PHE B 431 25.56 20.84 4.23
N GLU B 432 26.22 21.95 3.91
CA GLU B 432 26.26 22.38 2.52
C GLU B 432 26.84 21.19 1.75
N GLY B 433 26.34 20.95 0.55
CA GLY B 433 26.86 19.83 -0.22
C GLY B 433 26.02 18.57 -0.15
N ARG B 434 25.65 18.13 1.06
CA ARG B 434 24.85 16.91 1.23
C ARG B 434 23.63 16.85 0.30
N PRO B 435 23.38 15.67 -0.29
CA PRO B 435 22.24 15.47 -1.19
C PRO B 435 20.96 15.31 -0.36
N THR B 436 19.86 15.88 -0.83
CA THR B 436 18.63 15.76 -0.07
C THR B 436 17.67 14.75 -0.65
N ALA B 437 17.59 13.60 0.00
CA ALA B 437 16.73 12.51 -0.40
C ALA B 437 15.25 12.85 -0.23
N PRO B 438 14.40 12.30 -1.11
CA PRO B 438 12.96 12.55 -1.05
C PRO B 438 12.29 11.72 0.05
N LEU B 439 11.27 12.30 0.67
CA LEU B 439 10.52 11.68 1.75
C LEU B 439 9.73 10.44 1.33
N VAL B 440 9.39 10.37 0.05
CA VAL B 440 8.65 9.23 -0.49
C VAL B 440 9.38 8.72 -1.73
N GLY B 441 9.50 7.40 -1.86
CA GLY B 441 10.17 6.87 -3.02
C GLY B 441 11.68 7.07 -3.02
N GLY B 442 12.29 6.90 -4.18
CA GLY B 442 13.74 7.02 -4.31
C GLY B 442 14.30 5.66 -3.97
N THR B 443 15.57 5.39 -4.25
CA THR B 443 16.13 4.09 -3.92
C THR B 443 16.81 4.21 -2.57
N GLN B 444 16.06 3.82 -1.53
CA GLN B 444 16.51 3.89 -0.15
C GLN B 444 17.52 2.81 0.25
N GLU B 445 18.38 3.12 1.21
CA GLU B 445 19.36 2.16 1.72
C GLU B 445 19.14 1.95 3.21
N PHE B 446 19.07 0.70 3.63
CA PHE B 446 18.88 0.40 5.03
C PHE B 446 20.09 -0.40 5.45
N ALA B 447 21.15 0.30 5.83
CA ALA B 447 22.39 -0.35 6.25
C ALA B 447 22.59 -0.34 7.77
N GLY B 448 23.69 -0.94 8.21
CA GLY B 448 24.00 -0.98 9.61
C GLY B 448 23.93 0.40 10.25
N GLU B 449 24.38 1.43 9.54
CA GLU B 449 24.32 2.76 10.12
C GLU B 449 22.92 3.06 10.63
N HIS B 450 21.92 2.75 9.81
CA HIS B 450 20.53 3.02 10.17
C HIS B 450 20.09 2.21 11.36
N LEU B 451 20.40 0.93 11.34
CA LEU B 451 20.02 0.08 12.46
C LEU B 451 20.56 0.72 13.73
N ALA B 452 21.77 1.23 13.66
CA ALA B 452 22.40 1.86 14.82
C ALA B 452 21.63 3.11 15.25
N MET B 453 21.04 3.82 14.30
CA MET B 453 20.29 5.02 14.66
C MET B 453 19.01 4.66 15.40
N LEU B 454 18.32 3.62 14.93
CA LEU B 454 17.08 3.18 15.59
C LEU B 454 17.34 2.86 17.04
N SER B 455 18.58 2.48 17.34
CA SER B 455 18.92 2.14 18.72
C SER B 455 19.73 3.24 19.37
N GLY B 456 19.32 4.49 19.11
CA GLY B 456 19.99 5.65 19.68
C GLY B 456 21.49 5.77 19.53
N PHE B 457 22.07 5.15 18.50
CA PHE B 457 23.51 5.19 18.30
C PHE B 457 24.22 4.62 19.52
N SER B 458 23.62 3.61 20.12
CA SER B 458 24.22 2.97 21.26
C SER B 458 24.71 1.59 20.85
N PRO B 459 26.02 1.37 20.88
CA PRO B 459 26.47 0.04 20.48
C PRO B 459 25.98 -1.00 21.49
N ALA B 460 25.89 -0.61 22.76
CA ALA B 460 25.43 -1.55 23.77
C ALA B 460 24.02 -2.03 23.41
N LEU B 461 23.12 -1.12 23.10
CA LEU B 461 21.76 -1.54 22.74
C LEU B 461 21.68 -2.18 21.36
N LEU B 462 22.37 -1.60 20.39
CA LEU B 462 22.37 -2.13 19.02
C LEU B 462 22.70 -3.61 19.06
N ALA B 463 23.60 -3.97 19.97
CA ALA B 463 24.00 -5.35 20.11
C ALA B 463 22.77 -6.21 20.38
N LYS B 464 21.95 -5.83 21.36
CA LYS B 464 20.73 -6.60 21.69
C LYS B 464 19.76 -6.58 20.51
N MET B 465 19.83 -5.52 19.70
CA MET B 465 18.98 -5.42 18.52
C MET B 465 19.30 -6.60 17.60
N LEU B 466 20.58 -6.74 17.26
CA LEU B 466 21.02 -7.82 16.38
C LEU B 466 20.71 -9.18 16.98
N PHE B 467 20.89 -9.33 18.29
CA PHE B 467 20.57 -10.57 18.97
C PHE B 467 19.19 -11.06 18.54
N TYR B 468 18.25 -10.14 18.46
CA TYR B 468 16.89 -10.46 18.08
C TYR B 468 16.76 -10.59 16.58
N LEU B 469 17.34 -9.64 15.86
CA LEU B 469 17.26 -9.69 14.42
C LEU B 469 17.79 -11.03 13.91
N GLU B 470 18.82 -11.54 14.59
CA GLU B 470 19.44 -12.82 14.23
C GLU B 470 18.49 -14.00 14.43
N ARG B 471 17.48 -13.82 15.25
CA ARG B 471 16.50 -14.88 15.54
C ARG B 471 15.30 -14.73 14.66
N CYS B 472 15.41 -13.88 13.65
CA CYS B 472 14.29 -13.63 12.75
C CYS B 472 14.39 -14.17 11.33
N ASP B 473 13.32 -13.92 10.57
CA ASP B 473 13.18 -14.31 9.17
C ASP B 473 12.59 -15.69 8.94
N GLY B 474 11.25 -15.75 8.94
CA GLY B 474 10.53 -16.99 8.68
C GLY B 474 9.86 -16.85 7.32
N ALA B 475 10.66 -16.97 6.26
CA ALA B 475 10.21 -16.83 4.86
C ALA B 475 9.22 -17.89 4.39
N VAL B 476 7.94 -17.54 4.43
CA VAL B 476 6.86 -18.42 3.99
C VAL B 476 6.45 -17.94 2.59
N ILE B 477 7.45 -17.58 1.78
CA ILE B 477 7.23 -17.12 0.41
C ILE B 477 8.49 -17.22 -0.46
N VAL B 478 9.64 -16.83 0.11
CA VAL B 478 10.92 -16.85 -0.59
C VAL B 478 11.47 -18.26 -0.75
N MET B 483 19.39 -16.52 1.30
CA MET B 483 20.83 -16.28 1.13
C MET B 483 21.68 -17.33 1.82
N ASP B 484 22.70 -17.79 1.12
CA ASP B 484 23.63 -18.78 1.66
C ASP B 484 24.72 -18.04 2.43
N VAL B 485 24.64 -18.05 3.77
CA VAL B 485 25.61 -17.36 4.61
C VAL B 485 27.01 -17.93 4.43
N PHE B 486 27.09 -19.25 4.46
CA PHE B 486 28.35 -19.95 4.31
C PHE B 486 29.01 -19.61 2.97
N ARG B 487 28.25 -19.73 1.89
CA ARG B 487 28.77 -19.42 0.57
C ARG B 487 29.26 -17.97 0.51
N TYR B 488 28.45 -17.06 1.03
CA TYR B 488 28.81 -15.66 1.02
C TYR B 488 30.17 -15.44 1.68
N VAL B 489 30.30 -15.89 2.92
CA VAL B 489 31.53 -15.73 3.67
C VAL B 489 32.75 -16.29 2.93
N ALA B 490 32.61 -17.49 2.40
CA ALA B 490 33.69 -18.14 1.67
C ALA B 490 34.15 -17.33 0.46
N ASP B 491 33.22 -17.01 -0.43
CA ASP B 491 33.54 -16.26 -1.63
C ASP B 491 33.84 -14.80 -1.38
N SER B 492 34.23 -14.46 -0.16
CA SER B 492 34.48 -13.06 0.14
C SER B 492 35.88 -12.87 0.65
N ASN B 493 36.52 -13.99 0.99
CA ASN B 493 37.84 -13.89 1.56
C ASN B 493 38.78 -13.16 0.65
N GLN B 494 39.21 -11.99 1.15
CA GLN B 494 40.12 -11.08 0.45
C GLN B 494 39.59 -10.75 -0.93
N THR B 495 38.31 -10.35 -0.98
CA THR B 495 37.64 -10.02 -2.24
C THR B 495 37.12 -8.59 -2.23
N ASP B 496 37.66 -7.80 -1.30
CA ASP B 496 37.29 -6.40 -1.16
C ASP B 496 35.84 -6.27 -0.72
N VAL B 497 35.64 -6.32 0.59
CA VAL B 497 34.31 -6.24 1.17
C VAL B 497 33.92 -4.80 1.52
N PRO B 498 32.66 -4.43 1.24
CA PRO B 498 32.11 -3.09 1.51
C PRO B 498 31.81 -2.90 3.00
N CYS B 499 32.76 -3.21 3.87
CA CYS B 499 32.56 -3.05 5.30
C CYS B 499 33.89 -3.08 6.05
N ASN B 500 34.16 -2.04 6.83
CA ASN B 500 35.40 -1.94 7.59
C ASN B 500 35.17 -2.25 9.05
N LEU B 501 34.20 -3.12 9.32
CA LEU B 501 33.85 -3.48 10.69
C LEU B 501 34.20 -4.93 10.98
N CYS B 502 34.23 -5.74 9.92
CA CYS B 502 34.49 -7.15 10.11
C CYS B 502 35.63 -7.64 9.23
N THR B 503 35.90 -8.93 9.39
CA THR B 503 36.93 -9.60 8.64
C THR B 503 36.43 -10.99 8.30
N PHE B 504 37.20 -11.71 7.50
CA PHE B 504 36.82 -13.06 7.09
C PHE B 504 36.35 -13.90 8.30
N ASP B 505 37.11 -13.84 9.40
CA ASP B 505 36.77 -14.61 10.59
C ASP B 505 35.59 -14.13 11.40
N THR B 506 34.98 -13.02 10.98
CA THR B 506 33.83 -12.51 11.72
C THR B 506 32.59 -12.21 10.87
N ARG B 507 32.75 -12.26 9.54
CA ARG B 507 31.63 -12.00 8.63
C ARG B 507 30.33 -12.69 9.04
N HIS B 508 30.43 -13.90 9.57
CA HIS B 508 29.21 -14.62 9.91
C HIS B 508 28.30 -13.88 10.86
N ALA B 509 28.88 -13.05 11.73
CA ALA B 509 28.06 -12.31 12.69
C ALA B 509 27.95 -10.80 12.47
N CYS B 510 28.72 -10.27 11.52
CA CYS B 510 28.70 -8.84 11.25
C CYS B 510 27.34 -8.26 10.82
N VAL B 511 27.06 -7.06 11.30
CA VAL B 511 25.83 -6.39 10.94
C VAL B 511 25.57 -6.50 9.44
N HIS B 512 26.46 -5.91 8.64
CA HIS B 512 26.31 -5.91 7.19
C HIS B 512 25.87 -7.25 6.62
N THR B 513 26.38 -8.34 7.18
CA THR B 513 26.00 -9.67 6.72
C THR B 513 24.57 -9.96 7.16
N THR B 514 24.28 -9.73 8.43
CA THR B 514 22.95 -9.99 8.93
C THR B 514 21.95 -9.21 8.11
N LEU B 515 22.25 -7.94 7.86
CA LEU B 515 21.34 -7.13 7.08
C LEU B 515 21.28 -7.65 5.65
N MET B 516 22.39 -8.18 5.14
CA MET B 516 22.35 -8.72 3.80
C MET B 516 21.35 -9.86 3.75
N ARG B 517 21.40 -10.72 4.76
CA ARG B 517 20.52 -11.88 4.89
C ARG B 517 19.05 -11.48 4.99
N LEU B 518 18.78 -10.31 5.54
CA LEU B 518 17.42 -9.82 5.73
C LEU B 518 17.05 -8.74 4.74
N ARG B 519 17.86 -8.59 3.69
CA ARG B 519 17.66 -7.57 2.66
C ARG B 519 16.22 -7.40 2.16
N ALA B 520 15.55 -8.51 1.86
CA ALA B 520 14.18 -8.47 1.36
C ALA B 520 13.22 -7.75 2.30
N ARG B 521 13.46 -7.87 3.60
CA ARG B 521 12.59 -7.23 4.58
C ARG B 521 12.83 -5.73 4.79
N HIS B 522 13.96 -5.22 4.28
CA HIS B 522 14.31 -3.82 4.44
C HIS B 522 13.16 -2.86 4.13
N PRO B 523 12.97 -1.84 4.98
CA PRO B 523 11.91 -0.85 4.80
C PRO B 523 12.07 0.09 3.61
N LYS B 524 11.06 0.11 2.76
CA LYS B 524 11.02 1.00 1.62
C LYS B 524 9.83 1.93 1.89
N PHE B 525 10.13 3.14 2.32
CA PHE B 525 9.10 4.12 2.63
C PHE B 525 8.57 4.73 1.35
N ALA B 526 7.34 4.39 1.01
CA ALA B 526 6.73 4.87 -0.21
C ALA B 526 5.39 5.56 -0.02
N SER B 527 4.91 5.66 1.21
CA SER B 527 3.63 6.31 1.42
C SER B 527 3.84 7.76 1.83
N ALA B 528 3.02 8.64 1.27
CA ALA B 528 3.12 10.07 1.55
C ALA B 528 2.04 10.58 2.53
N ALA B 529 0.93 9.87 2.57
CA ALA B 529 -0.17 10.23 3.45
C ALA B 529 0.07 9.85 4.91
N ARG B 530 -0.64 10.52 5.81
CA ARG B 530 -0.54 10.25 7.23
C ARG B 530 -0.99 8.81 7.52
N GLY B 531 -0.18 8.06 8.23
CA GLY B 531 -0.51 6.68 8.56
C GLY B 531 -0.59 6.38 10.05
N ALA B 532 -0.80 5.10 10.36
CA ALA B 532 -0.90 4.66 11.74
C ALA B 532 0.49 4.46 12.27
N ILE B 533 0.59 4.31 13.57
CA ILE B 533 1.89 4.11 14.21
C ILE B 533 2.02 2.63 14.58
N GLY B 534 3.17 2.04 14.31
CA GLY B 534 3.39 0.65 14.68
C GLY B 534 3.95 0.67 16.10
N VAL B 535 3.12 0.40 17.10
CA VAL B 535 3.58 0.46 18.47
C VAL B 535 3.91 -0.88 19.10
N PHE B 536 4.80 -0.84 20.09
CA PHE B 536 5.19 -2.04 20.83
C PHE B 536 4.77 -1.74 22.25
N GLY B 537 3.89 -2.56 22.80
CA GLY B 537 3.46 -2.32 24.15
C GLY B 537 3.15 -3.64 24.82
N THR B 538 2.59 -3.59 26.01
CA THR B 538 2.25 -4.80 26.71
C THR B 538 0.87 -4.62 27.33
N MET B 539 -0.05 -5.50 26.96
CA MET B 539 -1.41 -5.44 27.49
C MET B 539 -1.31 -6.25 28.77
N ASN B 540 -1.26 -5.54 29.88
CA ASN B 540 -1.09 -6.12 31.19
C ASN B 540 -2.39 -6.26 32.02
N SER B 541 -3.50 -5.81 31.46
CA SER B 541 -4.77 -5.88 32.17
C SER B 541 -5.36 -7.28 32.30
N MET B 542 -5.98 -7.54 33.45
CA MET B 542 -6.62 -8.82 33.70
C MET B 542 -7.92 -8.84 32.90
N TYR B 543 -8.28 -7.69 32.34
CA TYR B 543 -9.52 -7.58 31.58
C TYR B 543 -9.36 -6.99 30.17
N SER B 544 -10.02 -7.61 29.20
CA SER B 544 -9.96 -7.15 27.82
C SER B 544 -11.28 -7.49 27.16
N ASP B 545 -11.60 -6.81 26.05
CA ASP B 545 -12.85 -7.07 25.35
C ASP B 545 -12.59 -7.56 23.93
N CYS B 546 -11.92 -8.69 23.81
CA CYS B 546 -11.64 -9.20 22.48
C CYS B 546 -12.40 -10.47 22.13
N ASP B 547 -13.64 -10.58 22.61
CA ASP B 547 -14.44 -11.74 22.29
C ASP B 547 -14.90 -11.49 20.87
N VAL B 548 -15.36 -12.53 20.17
CA VAL B 548 -15.78 -12.35 18.79
C VAL B 548 -16.64 -11.11 18.55
N LEU B 549 -17.50 -10.77 19.51
CA LEU B 549 -18.37 -9.60 19.38
C LEU B 549 -17.93 -8.50 20.33
N GLY B 550 -16.66 -8.46 20.65
CA GLY B 550 -16.16 -7.44 21.55
C GLY B 550 -16.93 -7.27 22.85
N ASN B 551 -17.18 -6.01 23.19
CA ASN B 551 -17.90 -5.65 24.42
C ASN B 551 -19.35 -5.35 24.05
N TYR B 552 -20.16 -6.41 23.98
CA TYR B 552 -21.57 -6.28 23.63
C TYR B 552 -22.52 -6.24 24.85
N ALA B 553 -21.98 -5.95 26.04
CA ALA B 553 -22.84 -5.85 27.22
C ALA B 553 -22.07 -5.48 28.50
N GLU B 573 -27.11 -11.71 31.99
CA GLU B 573 -26.34 -10.52 32.35
C GLU B 573 -25.59 -9.94 31.14
N THR B 574 -24.36 -10.41 30.93
CA THR B 574 -23.54 -9.93 29.81
C THR B 574 -23.13 -11.01 28.82
N TYR B 575 -22.81 -10.58 27.59
CA TYR B 575 -22.36 -11.46 26.54
C TYR B 575 -21.06 -12.15 26.96
N ARG B 576 -20.25 -11.46 27.75
CA ARG B 576 -18.99 -12.04 28.21
C ARG B 576 -19.30 -13.24 29.09
N ALA B 577 -20.22 -13.06 30.02
CA ALA B 577 -20.63 -14.13 30.92
C ALA B 577 -21.02 -15.35 30.11
N ALA B 578 -21.91 -15.16 29.14
CA ALA B 578 -22.36 -16.26 28.31
C ALA B 578 -21.20 -17.04 27.67
N THR B 579 -20.29 -16.32 27.02
CA THR B 579 -19.16 -16.99 26.37
C THR B 579 -18.35 -17.75 27.38
N GLU B 580 -18.32 -17.27 28.62
CA GLU B 580 -17.57 -17.94 29.69
C GLU B 580 -18.22 -19.26 30.09
N ARG B 581 -19.53 -19.23 30.28
CA ARG B 581 -20.27 -20.42 30.68
C ARG B 581 -20.19 -21.48 29.58
N VAL B 582 -20.36 -21.04 28.33
CA VAL B 582 -20.29 -21.97 27.21
C VAL B 582 -18.91 -22.62 27.19
N MET B 583 -17.86 -21.82 27.34
CA MET B 583 -16.50 -22.35 27.33
C MET B 583 -16.35 -23.27 28.53
N ALA B 584 -17.05 -22.94 29.62
CA ALA B 584 -17.01 -23.76 30.81
C ALA B 584 -17.63 -25.08 30.44
N GLU B 585 -18.87 -25.00 29.97
CA GLU B 585 -19.63 -26.15 29.55
C GLU B 585 -18.83 -27.05 28.63
N LEU B 586 -18.27 -26.47 27.57
CA LEU B 586 -17.50 -27.26 26.62
C LEU B 586 -16.33 -27.93 27.29
N GLU B 587 -15.76 -27.26 28.30
CA GLU B 587 -14.63 -27.86 28.99
C GLU B 587 -15.12 -29.06 29.77
N THR B 588 -16.32 -28.95 30.33
CA THR B 588 -16.93 -30.04 31.08
C THR B 588 -17.02 -31.26 30.18
N LEU B 589 -17.66 -31.09 29.01
CA LEU B 589 -17.79 -32.18 28.03
C LEU B 589 -16.41 -32.71 27.66
N GLN B 590 -15.37 -31.96 28.03
CA GLN B 590 -14.00 -32.33 27.74
C GLN B 590 -13.68 -32.25 26.24
N TYR B 591 -14.25 -31.25 25.58
CA TYR B 591 -14.03 -31.04 24.16
C TYR B 591 -13.01 -29.94 23.92
N VAL B 592 -12.72 -29.17 24.97
CA VAL B 592 -11.82 -28.04 24.86
C VAL B 592 -10.97 -27.79 26.10
N ASP B 593 -9.94 -26.95 25.93
CA ASP B 593 -9.04 -26.52 26.98
C ASP B 593 -9.14 -25.01 26.89
N GLN B 594 -9.87 -24.40 27.81
CA GLN B 594 -10.08 -22.95 27.80
C GLN B 594 -8.85 -22.09 27.56
N ALA B 595 -7.69 -22.60 27.94
CA ALA B 595 -6.44 -21.85 27.76
C ALA B 595 -5.75 -22.09 26.42
N VAL B 596 -5.99 -23.25 25.80
CA VAL B 596 -5.36 -23.58 24.51
C VAL B 596 -6.43 -24.01 23.48
N PRO B 597 -7.09 -23.03 22.85
CA PRO B 597 -8.12 -23.31 21.85
C PRO B 597 -7.68 -24.31 20.81
N THR B 598 -6.38 -24.31 20.57
CA THR B 598 -5.80 -25.18 19.57
C THR B 598 -5.70 -26.64 20.03
N ALA B 599 -6.02 -26.89 21.30
CA ALA B 599 -5.94 -28.24 21.86
C ALA B 599 -7.14 -29.14 21.58
N MET B 600 -6.86 -30.41 21.32
CA MET B 600 -7.89 -31.39 21.02
C MET B 600 -8.65 -31.87 22.26
N GLY B 601 -8.07 -31.64 23.43
CA GLY B 601 -8.69 -32.06 24.69
C GLY B 601 -9.59 -33.28 24.69
N ARG B 602 -9.03 -34.48 24.70
CA ARG B 602 -9.84 -35.71 24.74
C ARG B 602 -10.70 -36.05 23.51
N LEU B 603 -10.74 -35.16 22.52
CA LEU B 603 -11.54 -35.40 21.32
C LEU B 603 -11.08 -36.60 20.51
N GLU B 604 -9.80 -36.92 20.61
CA GLU B 604 -9.25 -38.06 19.89
C GLU B 604 -9.83 -39.34 20.47
N THR B 605 -10.40 -39.22 21.67
CA THR B 605 -11.00 -40.35 22.36
C THR B 605 -12.52 -40.38 22.17
N ILE B 606 -13.16 -39.24 22.34
CA ILE B 606 -14.59 -39.15 22.18
C ILE B 606 -15.00 -39.57 20.76
N ILE B 607 -14.47 -38.87 19.76
CA ILE B 607 -14.79 -39.16 18.37
C ILE B 607 -14.05 -40.36 17.84
N THR B 608 -14.69 -41.52 17.89
CA THR B 608 -14.10 -42.76 17.42
C THR B 608 -14.99 -43.49 16.42
N ASN B 609 -16.26 -43.10 16.38
CA ASN B 609 -17.26 -43.69 15.48
C ASN B 609 -18.08 -42.51 14.94
N ARG B 610 -18.70 -42.66 13.77
CA ARG B 610 -19.46 -41.55 13.23
C ARG B 610 -20.66 -41.16 14.09
N GLU B 611 -20.93 -41.94 15.13
CA GLU B 611 -22.05 -41.60 16.02
C GLU B 611 -21.53 -40.54 16.99
N ALA B 612 -20.24 -40.61 17.28
CA ALA B 612 -19.58 -39.66 18.18
C ALA B 612 -19.63 -38.27 17.57
N LEU B 613 -19.38 -38.19 16.27
CA LEU B 613 -19.42 -36.90 15.60
C LEU B 613 -20.78 -36.31 15.90
N HIS B 614 -21.83 -37.07 15.59
CA HIS B 614 -23.20 -36.63 15.85
C HIS B 614 -23.34 -35.97 17.22
N THR B 615 -23.00 -36.73 18.26
CA THR B 615 -23.12 -36.21 19.61
C THR B 615 -22.31 -34.95 19.91
N VAL B 616 -21.05 -34.89 19.48
CA VAL B 616 -20.22 -33.71 19.73
C VAL B 616 -20.83 -32.46 19.07
N VAL B 617 -21.17 -32.56 17.81
CA VAL B 617 -21.77 -31.43 17.10
C VAL B 617 -23.06 -31.00 17.78
N ASN B 618 -23.90 -31.96 18.13
CA ASN B 618 -25.15 -31.65 18.78
C ASN B 618 -24.95 -31.02 20.14
N ASN B 619 -23.90 -31.42 20.85
CA ASN B 619 -23.67 -30.85 22.17
C ASN B 619 -23.26 -29.39 22.14
N VAL B 620 -22.31 -29.05 21.27
CA VAL B 620 -21.87 -27.67 21.19
C VAL B 620 -23.03 -26.85 20.65
N ARG B 621 -23.69 -27.33 19.61
CA ARG B 621 -24.81 -26.58 19.07
C ARG B 621 -25.83 -26.31 20.18
N GLN B 622 -26.16 -27.38 20.92
CA GLN B 622 -27.12 -27.33 22.02
C GLN B 622 -26.72 -26.40 23.16
N VAL B 623 -25.49 -26.51 23.66
CA VAL B 623 -25.04 -25.63 24.75
C VAL B 623 -25.02 -24.16 24.30
N VAL B 624 -24.66 -23.92 23.05
CA VAL B 624 -24.63 -22.56 22.55
C VAL B 624 -26.05 -22.01 22.44
N ASP B 625 -26.95 -22.76 21.79
CA ASP B 625 -28.33 -22.30 21.64
C ASP B 625 -28.98 -22.04 23.00
N ARG B 626 -28.68 -22.91 23.96
CA ARG B 626 -29.22 -22.78 25.30
C ARG B 626 -28.81 -21.42 25.90
N GLU B 627 -27.50 -21.17 25.97
CA GLU B 627 -26.98 -19.92 26.53
C GLU B 627 -27.37 -18.65 25.78
N VAL B 628 -27.51 -18.73 24.47
CA VAL B 628 -27.91 -17.56 23.67
C VAL B 628 -29.40 -17.33 23.96
N GLU B 629 -30.16 -18.42 23.94
CA GLU B 629 -31.59 -18.38 24.23
C GLU B 629 -31.81 -17.59 25.54
N GLN B 630 -31.00 -17.88 26.54
CA GLN B 630 -31.09 -17.21 27.84
C GLN B 630 -30.63 -15.76 27.79
N LEU B 631 -29.36 -15.52 27.47
CA LEU B 631 -28.81 -14.16 27.41
C LEU B 631 -29.77 -13.19 26.77
N MET B 632 -30.25 -13.51 25.57
CA MET B 632 -31.17 -12.63 24.86
C MET B 632 -32.47 -12.40 25.62
N ARG B 633 -33.06 -13.46 26.16
CA ARG B 633 -34.29 -13.35 26.93
C ARG B 633 -34.08 -12.40 28.12
N ASN B 634 -32.94 -12.56 28.80
CA ASN B 634 -32.61 -11.69 29.93
C ASN B 634 -32.53 -10.24 29.47
N LEU B 635 -31.73 -9.99 28.44
CA LEU B 635 -31.54 -8.65 27.89
C LEU B 635 -32.86 -7.93 27.67
N VAL B 636 -33.93 -8.70 27.45
CA VAL B 636 -35.24 -8.11 27.24
C VAL B 636 -35.91 -7.75 28.58
N GLU B 637 -35.95 -8.70 29.51
CA GLU B 637 -36.56 -8.45 30.82
C GLU B 637 -36.05 -7.16 31.46
N PHE B 641 -31.88 -2.23 27.55
CA PHE B 641 -30.95 -2.59 26.48
C PHE B 641 -31.60 -2.59 25.09
N LYS B 642 -30.94 -1.96 24.13
CA LYS B 642 -31.43 -1.91 22.75
C LYS B 642 -30.52 -2.71 21.82
N PHE B 643 -30.97 -3.92 21.46
CA PHE B 643 -30.26 -4.86 20.61
C PHE B 643 -29.61 -4.30 19.36
N ARG B 644 -30.44 -3.92 18.38
CA ARG B 644 -29.95 -3.36 17.13
C ARG B 644 -28.96 -2.21 17.32
N ASP B 645 -29.27 -1.29 18.24
CA ASP B 645 -28.39 -0.17 18.48
C ASP B 645 -27.13 -0.59 19.26
N GLY B 646 -27.32 -1.48 20.23
CA GLY B 646 -26.22 -1.94 21.06
C GLY B 646 -25.02 -2.60 20.41
N LEU B 647 -25.23 -3.37 19.34
CA LEU B 647 -24.09 -4.03 18.74
C LEU B 647 -23.40 -3.16 17.69
N GLY B 648 -24.15 -2.26 17.08
CA GLY B 648 -23.53 -1.38 16.11
C GLY B 648 -22.62 -0.42 16.86
N GLU B 649 -22.71 -0.47 18.19
CA GLU B 649 -21.94 0.39 19.06
C GLU B 649 -20.71 -0.28 19.65
N ALA B 650 -20.85 -1.54 20.01
CA ALA B 650 -19.74 -2.28 20.60
C ALA B 650 -18.55 -2.43 19.68
N ASN B 651 -17.37 -2.46 20.30
CA ASN B 651 -16.11 -2.66 19.57
C ASN B 651 -15.11 -3.45 20.42
N HIS B 652 -14.13 -4.06 19.76
CA HIS B 652 -13.11 -4.84 20.48
C HIS B 652 -12.28 -3.83 21.24
N ALA B 653 -11.67 -4.25 22.33
CA ALA B 653 -10.89 -3.30 23.10
C ALA B 653 -9.81 -3.92 23.97
N MET B 654 -8.73 -3.15 24.16
CA MET B 654 -7.61 -3.56 24.98
C MET B 654 -6.87 -2.30 25.43
N SER B 655 -6.13 -2.39 26.51
CA SER B 655 -5.38 -1.27 27.02
C SER B 655 -3.90 -1.61 27.03
N LEU B 656 -3.05 -0.63 26.74
CA LEU B 656 -1.63 -0.85 26.78
C LEU B 656 -1.13 -0.04 27.99
N THR B 657 -0.48 -0.68 28.96
CA THR B 657 0.00 0.06 30.14
C THR B 657 1.11 1.00 29.81
N LEU B 658 1.32 1.95 30.71
CA LEU B 658 2.41 2.89 30.59
C LEU B 658 3.27 2.58 31.81
N ASP B 659 2.95 1.47 32.44
CA ASP B 659 3.65 1.02 33.63
C ASP B 659 5.03 0.52 33.25
N PRO B 660 6.09 1.15 33.77
CA PRO B 660 7.47 0.75 33.47
C PRO B 660 7.86 -0.67 33.83
N TYR B 661 7.05 -1.35 34.64
CA TYR B 661 7.43 -2.70 35.02
C TYR B 661 6.64 -3.79 34.32
N ALA B 662 5.80 -3.39 33.37
CA ALA B 662 4.99 -4.33 32.61
C ALA B 662 5.73 -4.69 31.32
N CYS B 663 6.83 -3.98 31.06
CA CYS B 663 7.63 -4.21 29.87
C CYS B 663 8.45 -5.48 30.02
N GLY B 664 9.00 -5.98 28.92
CA GLY B 664 9.79 -7.19 28.97
C GLY B 664 11.04 -7.02 29.81
N PRO B 665 11.64 -8.14 30.28
CA PRO B 665 12.86 -8.08 31.10
C PRO B 665 14.14 -7.89 30.28
N CYS B 666 14.09 -6.99 29.29
CA CYS B 666 15.24 -6.75 28.43
C CYS B 666 15.32 -5.28 28.00
N PRO B 667 16.51 -4.66 28.10
CA PRO B 667 16.71 -3.25 27.73
C PRO B 667 16.24 -2.94 26.32
N LEU B 668 16.29 -3.94 25.44
CA LEU B 668 15.88 -3.73 24.07
C LEU B 668 14.35 -3.69 23.98
N LEU B 669 13.69 -4.69 24.57
CA LEU B 669 12.24 -4.73 24.55
C LEU B 669 11.69 -3.49 25.27
N GLN B 670 12.52 -2.92 26.13
CA GLN B 670 12.16 -1.72 26.87
C GLN B 670 12.29 -0.51 25.97
N LEU B 671 13.39 -0.45 25.23
CA LEU B 671 13.62 0.66 24.31
C LEU B 671 12.41 0.77 23.40
N LEU B 672 12.01 -0.36 22.83
CA LEU B 672 10.87 -0.41 21.92
C LEU B 672 9.61 0.21 22.51
N GLY B 673 9.32 -0.11 23.76
CA GLY B 673 8.14 0.46 24.36
C GLY B 673 8.30 1.95 24.54
N ARG B 674 9.45 2.34 25.06
CA ARG B 674 9.72 3.75 25.28
C ARG B 674 9.57 4.55 24.01
N ARG B 675 10.21 4.07 22.94
CA ARG B 675 10.14 4.75 21.66
C ARG B 675 8.69 4.84 21.19
N SER B 676 7.96 3.74 21.32
CA SER B 676 6.55 3.74 20.91
C SER B 676 5.77 4.86 21.59
N ASN B 677 5.78 4.86 22.92
CA ASN B 677 5.08 5.86 23.69
C ASN B 677 5.47 7.28 23.27
N LEU B 678 6.77 7.54 23.07
CA LEU B 678 7.18 8.88 22.64
C LEU B 678 6.45 9.28 21.37
N ALA B 679 6.39 8.34 20.42
CA ALA B 679 5.72 8.57 19.16
C ALA B 679 4.27 8.93 19.45
N VAL B 680 3.61 8.10 20.27
CA VAL B 680 2.22 8.32 20.61
C VAL B 680 2.01 9.68 21.25
N TYR B 681 2.95 10.12 22.08
CA TYR B 681 2.77 11.42 22.71
C TYR B 681 2.88 12.54 21.68
N GLN B 682 3.92 12.48 20.85
CA GLN B 682 4.12 13.48 19.81
C GLN B 682 2.89 13.58 18.92
N ASP B 683 2.32 12.43 18.58
CA ASP B 683 1.15 12.41 17.75
C ASP B 683 0.09 13.29 18.39
N LEU B 684 -0.18 13.06 19.67
CA LEU B 684 -1.18 13.84 20.39
C LEU B 684 -0.82 15.31 20.38
N ALA B 685 0.39 15.61 20.83
CA ALA B 685 0.84 17.00 20.85
C ALA B 685 0.59 17.60 19.47
N LEU B 686 1.04 16.90 18.43
CA LEU B 686 0.86 17.34 17.05
C LEU B 686 -0.57 17.72 16.68
N SER B 687 -1.55 16.94 17.11
CA SER B 687 -2.93 17.25 16.75
C SER B 687 -3.45 18.56 17.33
N GLN B 688 -2.73 19.13 18.29
CA GLN B 688 -3.15 20.39 18.91
C GLN B 688 -2.39 21.60 18.41
N CYS B 689 -1.31 21.38 17.68
CA CYS B 689 -0.51 22.47 17.17
C CYS B 689 -1.22 23.51 16.32
N HIS B 690 -2.07 23.07 15.41
CA HIS B 690 -2.77 24.00 14.55
C HIS B 690 -3.68 24.95 15.31
N GLY B 691 -4.39 24.43 16.29
CA GLY B 691 -5.26 25.29 17.06
C GLY B 691 -4.43 26.28 17.84
N VAL B 692 -3.22 25.88 18.23
CA VAL B 692 -2.29 26.70 19.00
C VAL B 692 -1.75 27.85 18.15
N PHE B 693 -1.56 27.60 16.86
CA PHE B 693 -1.04 28.61 15.94
C PHE B 693 -2.11 29.55 15.43
N ALA B 694 -3.29 29.01 15.18
CA ALA B 694 -4.41 29.78 14.65
C ALA B 694 -4.53 31.19 15.26
N GLY B 695 -4.55 32.18 14.38
CA GLY B 695 -4.67 33.57 14.81
C GLY B 695 -3.61 34.03 15.78
N GLN B 696 -2.34 33.83 15.43
CA GLN B 696 -1.21 34.19 16.28
C GLN B 696 -0.05 34.54 15.36
N SER B 697 0.79 35.48 15.79
CA SER B 697 1.94 35.80 14.96
C SER B 697 2.93 34.72 15.35
N VAL B 698 2.88 33.64 14.59
CA VAL B 698 3.69 32.47 14.83
C VAL B 698 5.20 32.56 14.58
N GLU B 699 5.68 33.73 14.14
CA GLU B 699 7.11 33.85 13.88
C GLU B 699 7.87 34.62 14.93
N GLY B 700 7.17 34.95 16.01
CA GLY B 700 7.78 35.68 17.10
C GLY B 700 9.07 35.02 17.54
N ARG B 701 10.06 35.84 17.86
CA ARG B 701 11.37 35.37 18.30
C ARG B 701 11.29 34.19 19.27
N ASN B 702 10.51 34.31 20.35
CA ASN B 702 10.42 33.18 21.27
C ASN B 702 8.99 32.72 21.49
N PHE B 703 8.34 32.42 20.37
CA PHE B 703 6.97 31.94 20.34
C PHE B 703 6.87 30.65 21.18
N ARG B 704 7.92 29.84 21.12
CA ARG B 704 7.98 28.57 21.86
C ARG B 704 7.78 28.74 23.35
N ASN B 705 8.52 29.67 23.96
CA ASN B 705 8.36 29.90 25.39
C ASN B 705 7.03 30.58 25.71
N GLN B 706 6.43 31.21 24.72
CA GLN B 706 5.16 31.89 24.92
C GLN B 706 3.94 31.00 24.88
N PHE B 707 3.95 29.98 24.02
CA PHE B 707 2.79 29.13 23.94
C PHE B 707 2.91 27.68 24.32
N GLN B 708 4.14 27.18 24.50
CA GLN B 708 4.32 25.78 24.90
C GLN B 708 3.36 25.50 26.05
N PRO B 709 3.26 26.44 27.02
CA PRO B 709 2.37 26.24 28.15
C PRO B 709 0.97 25.84 27.70
N VAL B 710 0.53 26.39 26.59
CA VAL B 710 -0.78 26.07 26.07
C VAL B 710 -0.78 24.68 25.44
N LEU B 711 0.15 24.43 24.53
CA LEU B 711 0.23 23.14 23.88
C LEU B 711 0.22 22.08 24.99
N ARG B 712 1.01 22.34 26.02
CA ARG B 712 1.13 21.45 27.16
C ARG B 712 -0.23 21.19 27.80
N ARG B 713 -0.96 22.26 28.06
CA ARG B 713 -2.25 22.14 28.68
C ARG B 713 -3.26 21.41 27.79
N ARG B 714 -3.22 21.66 26.48
CA ARG B 714 -4.15 20.98 25.62
C ARG B 714 -3.87 19.49 25.63
N VAL B 715 -2.63 19.12 25.92
CA VAL B 715 -2.27 17.71 25.97
C VAL B 715 -2.83 17.13 27.26
N MET B 716 -2.50 17.77 28.38
CA MET B 716 -2.98 17.31 29.67
C MET B 716 -4.49 17.13 29.65
N ASP B 717 -5.18 17.98 28.89
CA ASP B 717 -6.63 17.91 28.81
C ASP B 717 -7.14 16.56 28.32
N MET B 718 -6.32 15.87 27.54
CA MET B 718 -6.70 14.56 27.02
C MET B 718 -6.85 13.48 28.06
N PHE B 719 -6.21 13.65 29.23
CA PHE B 719 -6.33 12.65 30.29
C PHE B 719 -7.77 12.20 30.45
N ASN B 720 -7.99 10.90 30.50
CA ASN B 720 -9.34 10.35 30.64
C ASN B 720 -10.33 10.99 29.68
N ASN B 721 -9.97 11.03 28.41
CA ASN B 721 -10.86 11.64 27.45
C ASN B 721 -11.09 10.78 26.20
N GLY B 722 -10.88 9.46 26.36
CA GLY B 722 -11.09 8.55 25.26
C GLY B 722 -9.92 7.67 24.85
N PHE B 723 -8.72 8.24 24.87
CA PHE B 723 -7.54 7.48 24.48
C PHE B 723 -6.60 7.33 25.66
N LEU B 724 -6.20 8.45 26.24
CA LEU B 724 -5.29 8.43 27.37
C LEU B 724 -6.05 8.20 28.66
N SER B 725 -5.81 7.07 29.30
CA SER B 725 -6.45 6.77 30.57
C SER B 725 -5.48 7.36 31.59
N ALA B 726 -5.99 8.18 32.52
CA ALA B 726 -5.11 8.79 33.51
C ALA B 726 -5.65 8.71 34.93
N LYS B 727 -4.75 8.84 35.90
CA LYS B 727 -5.16 8.78 37.29
C LYS B 727 -4.49 9.86 38.15
N THR B 728 -5.10 10.17 39.29
CA THR B 728 -4.57 11.15 40.23
C THR B 728 -4.24 10.51 41.58
N LEU B 729 -3.18 11.01 42.22
CA LEU B 729 -2.74 10.50 43.51
C LEU B 729 -2.23 11.59 44.41
N THR B 730 -2.14 11.24 45.69
CA THR B 730 -1.60 12.12 46.71
C THR B 730 -0.45 11.35 47.37
N VAL B 731 0.72 11.98 47.44
CA VAL B 731 1.93 11.34 47.98
C VAL B 731 2.43 11.77 49.35
N ALA B 732 2.26 10.88 50.33
CA ALA B 732 2.70 11.09 51.70
C ALA B 732 3.99 10.29 51.84
N LEU B 733 4.71 10.47 52.95
CA LEU B 733 5.96 9.72 53.16
C LEU B 733 5.78 8.52 54.10
N SER B 734 6.56 7.47 53.87
CA SER B 734 6.49 6.26 54.67
C SER B 734 6.43 6.52 56.17
N GLU B 735 5.50 5.80 56.81
CA GLU B 735 5.27 5.87 58.25
C GLU B 735 6.58 5.87 59.04
N GLY B 736 6.92 7.04 59.58
CA GLY B 736 8.14 7.18 60.36
C GLY B 736 9.39 6.58 59.74
N ALA B 737 9.75 7.07 58.55
CA ALA B 737 10.94 6.60 57.84
C ALA B 737 11.89 7.77 57.70
N ALA B 738 12.96 7.75 58.50
CA ALA B 738 13.98 8.80 58.52
C ALA B 738 14.21 9.59 57.21
N ILE B 739 14.25 10.92 57.31
CA ILE B 739 14.52 11.79 56.16
C ILE B 739 16.01 12.13 56.24
N CYS B 740 16.86 11.15 55.89
CA CYS B 740 18.31 11.31 55.93
C CYS B 740 18.82 11.97 54.65
N ALA B 741 20.07 12.42 54.67
CA ALA B 741 20.73 13.05 53.53
C ALA B 741 22.16 13.40 53.94
N PRO B 742 23.10 13.45 52.97
CA PRO B 742 24.51 13.77 53.26
C PRO B 742 24.63 15.02 54.14
N SER B 743 25.68 15.10 54.94
CA SER B 743 25.85 16.27 55.79
C SER B 743 26.26 17.44 54.89
N LEU B 744 25.62 18.59 55.09
CA LEU B 744 25.93 19.75 54.30
C LEU B 744 27.25 20.37 54.76
N THR B 745 27.71 19.95 55.91
CA THR B 745 28.92 20.50 56.48
C THR B 745 30.01 19.45 56.73
N ALA B 746 29.62 18.28 57.21
CA ALA B 746 30.58 17.22 57.51
C ALA B 746 31.32 16.52 56.36
N GLY B 747 30.81 16.61 55.13
CA GLY B 747 31.50 15.94 54.03
C GLY B 747 30.74 14.75 53.47
N GLN B 748 31.09 14.32 52.27
CA GLN B 748 30.35 13.21 51.67
C GLN B 748 30.83 11.83 52.08
N THR B 749 31.83 11.80 52.96
CA THR B 749 32.37 10.54 53.47
C THR B 749 31.88 10.41 54.90
N ALA B 750 31.23 11.47 55.36
CA ALA B 750 30.69 11.55 56.71
C ALA B 750 29.28 10.96 56.73
N PRO B 751 28.91 10.23 57.80
CA PRO B 751 27.59 9.63 57.90
C PRO B 751 26.47 10.59 57.52
N ALA B 752 25.31 10.04 57.20
CA ALA B 752 24.18 10.87 56.84
C ALA B 752 23.63 11.49 58.09
N GLU B 753 23.06 12.68 57.91
CA GLU B 753 22.46 13.42 58.99
C GLU B 753 20.97 13.17 58.88
N SER B 754 20.35 12.75 60.00
CA SER B 754 18.91 12.48 60.03
C SER B 754 18.24 13.36 61.07
N SER B 755 17.53 14.37 60.59
CA SER B 755 16.84 15.33 61.44
C SER B 755 16.03 16.20 60.48
N PHE B 756 16.62 16.42 59.32
CA PHE B 756 16.03 17.22 58.26
C PHE B 756 14.52 17.08 58.20
N GLU B 757 13.87 18.17 57.82
CA GLU B 757 12.43 18.19 57.65
C GLU B 757 12.28 18.10 56.14
N GLY B 758 11.20 17.51 55.67
CA GLY B 758 11.02 17.42 54.23
C GLY B 758 9.61 17.65 53.76
N ASP B 759 9.47 18.10 52.52
CA ASP B 759 8.15 18.32 51.95
C ASP B 759 8.23 17.78 50.52
N VAL B 760 7.17 17.11 50.07
CA VAL B 760 7.14 16.54 48.73
C VAL B 760 6.78 17.56 47.63
N ALA B 761 7.58 17.58 46.56
CA ALA B 761 7.39 18.53 45.48
C ALA B 761 6.24 18.23 44.55
N ARG B 762 5.95 16.97 44.28
CA ARG B 762 4.83 16.68 43.39
C ARG B 762 3.73 15.95 44.15
N VAL B 763 3.50 16.37 45.40
CA VAL B 763 2.49 15.79 46.29
C VAL B 763 1.26 15.22 45.57
N THR B 764 0.63 16.04 44.74
CA THR B 764 -0.53 15.58 43.97
C THR B 764 0.00 15.17 42.60
N LEU B 765 -0.25 13.92 42.25
CA LEU B 765 0.24 13.35 41.00
C LEU B 765 -0.86 13.10 39.99
N GLY B 766 -0.60 13.50 38.75
CA GLY B 766 -1.56 13.29 37.68
C GLY B 766 -0.73 12.78 36.52
N PHE B 767 -1.02 11.58 36.02
CA PHE B 767 -0.26 11.00 34.92
C PHE B 767 -1.00 9.91 34.15
N PRO B 768 -0.59 9.65 32.90
CA PRO B 768 -1.21 8.63 32.05
C PRO B 768 -0.95 7.27 32.64
N LYS B 769 -1.92 6.38 32.51
CA LYS B 769 -1.83 5.05 33.08
C LYS B 769 -1.84 3.98 31.99
N GLU B 770 -2.68 4.16 30.98
CA GLU B 770 -2.74 3.19 29.88
C GLU B 770 -3.30 3.78 28.59
N LEU B 771 -3.22 2.99 27.51
CA LEU B 771 -3.71 3.46 26.24
C LEU B 771 -4.91 2.63 25.80
N ARG B 772 -6.05 3.28 25.72
CA ARG B 772 -7.29 2.62 25.33
C ARG B 772 -7.41 2.41 23.82
N VAL B 773 -7.17 1.20 23.35
CA VAL B 773 -7.30 0.91 21.93
C VAL B 773 -8.57 0.09 21.72
N LYS B 774 -9.37 0.54 20.76
CA LYS B 774 -10.60 -0.15 20.44
C LYS B 774 -10.83 -0.18 18.93
N SER B 775 -11.58 -1.19 18.48
CA SER B 775 -11.87 -1.38 17.08
C SER B 775 -13.34 -1.76 16.92
N ARG B 776 -14.07 -0.98 16.13
CA ARG B 776 -15.48 -1.19 15.89
C ARG B 776 -15.73 -2.59 15.35
N VAL B 777 -16.65 -3.33 15.97
CA VAL B 777 -16.96 -4.69 15.55
C VAL B 777 -17.80 -4.75 14.28
N LEU B 778 -18.91 -4.02 14.25
CA LEU B 778 -19.76 -4.02 13.08
C LEU B 778 -19.34 -2.96 12.08
N PHE B 779 -19.55 -3.26 10.81
CA PHE B 779 -19.20 -2.35 9.74
C PHE B 779 -20.18 -1.19 9.71
N SER B 799 -19.49 -2.53 1.01
CA SER B 799 -18.17 -2.50 0.38
C SER B 799 -17.65 -3.93 0.15
N ALA B 800 -16.63 -4.28 0.92
CA ALA B 800 -15.95 -5.58 0.87
C ALA B 800 -16.40 -6.53 2.00
N TYR B 801 -17.40 -6.12 2.76
CA TYR B 801 -17.93 -6.94 3.84
C TYR B 801 -19.15 -7.70 3.33
N GLN B 802 -19.39 -7.57 2.03
CA GLN B 802 -20.53 -8.22 1.40
C GLN B 802 -20.37 -9.74 1.43
N LYS B 803 -21.30 -10.41 2.11
CA LYS B 803 -21.26 -11.85 2.20
C LYS B 803 -21.56 -12.40 0.81
N PRO B 804 -20.59 -13.07 0.19
CA PRO B 804 -20.83 -13.61 -1.14
C PRO B 804 -22.08 -14.48 -1.11
N ASP B 805 -22.75 -14.60 -2.25
CA ASP B 805 -23.95 -15.40 -2.28
C ASP B 805 -23.67 -16.89 -2.42
N LYS B 806 -22.52 -17.22 -3.03
CA LYS B 806 -22.13 -18.62 -3.24
C LYS B 806 -22.03 -19.41 -1.93
N ARG B 807 -22.41 -20.68 -2.00
CA ARG B 807 -22.33 -21.56 -0.85
C ARG B 807 -20.87 -21.93 -0.53
N VAL B 808 -20.63 -22.31 0.71
CA VAL B 808 -19.30 -22.67 1.15
C VAL B 808 -19.13 -24.18 1.05
N ASP B 809 -17.93 -24.60 0.69
CA ASP B 809 -17.62 -26.02 0.56
C ASP B 809 -17.68 -26.65 1.95
N ILE B 810 -18.28 -27.83 2.06
CA ILE B 810 -18.39 -28.47 3.37
C ILE B 810 -17.04 -28.60 4.07
N LEU B 811 -15.99 -28.81 3.27
CA LEU B 811 -14.64 -29.00 3.77
C LEU B 811 -13.99 -27.72 4.27
N LEU B 812 -14.53 -26.59 3.87
CA LEU B 812 -14.02 -25.28 4.28
C LEU B 812 -15.13 -24.64 5.08
N GLY B 813 -16.08 -25.47 5.50
CA GLY B 813 -17.22 -25.02 6.26
C GLY B 813 -17.03 -25.16 7.77
N PRO B 814 -18.11 -24.93 8.53
CA PRO B 814 -18.07 -25.02 10.00
C PRO B 814 -17.51 -26.30 10.59
N LEU B 815 -17.61 -27.39 9.85
CA LEU B 815 -17.11 -28.67 10.34
C LEU B 815 -15.87 -29.17 9.59
N GLY B 816 -15.38 -28.35 8.67
CA GLY B 816 -14.22 -28.73 7.89
C GLY B 816 -13.07 -29.25 8.73
N PHE B 817 -12.74 -28.56 9.80
CA PHE B 817 -11.63 -28.99 10.65
C PHE B 817 -11.85 -30.36 11.26
N LEU B 818 -13.09 -30.67 11.64
CA LEU B 818 -13.41 -31.96 12.26
C LEU B 818 -13.43 -33.08 11.23
N LEU B 819 -14.08 -32.82 10.12
CA LEU B 819 -14.18 -33.82 9.06
C LEU B 819 -12.79 -34.27 8.61
N LYS B 820 -11.88 -33.32 8.39
CA LYS B 820 -10.55 -33.70 7.95
C LYS B 820 -9.84 -34.48 9.05
N GLN B 821 -9.71 -33.88 10.23
CA GLN B 821 -9.01 -34.54 11.33
C GLN B 821 -9.52 -35.91 11.77
N PHE B 822 -10.83 -36.13 11.76
CA PHE B 822 -11.34 -37.42 12.17
C PHE B 822 -11.98 -38.23 11.04
N HIS B 823 -11.54 -37.97 9.81
CA HIS B 823 -12.09 -38.69 8.67
C HIS B 823 -12.03 -40.19 8.86
N ALA B 824 -10.84 -40.72 9.11
CA ALA B 824 -10.66 -42.16 9.31
C ALA B 824 -11.63 -42.77 10.32
N ALA B 825 -12.01 -42.00 11.35
CA ALA B 825 -12.92 -42.49 12.36
C ALA B 825 -14.39 -42.42 11.92
N ILE B 826 -14.77 -41.34 11.26
CA ILE B 826 -16.15 -41.21 10.80
C ILE B 826 -16.44 -42.03 9.53
N PHE B 827 -15.56 -41.95 8.55
CA PHE B 827 -15.73 -42.68 7.30
C PHE B 827 -14.51 -43.57 7.05
N PRO B 828 -14.25 -44.54 7.95
CA PRO B 828 -13.08 -45.40 7.74
C PRO B 828 -12.96 -45.98 6.34
N ASN B 829 -14.05 -46.52 5.80
CA ASN B 829 -14.00 -47.10 4.47
C ASN B 829 -13.97 -45.99 3.45
N GLY B 830 -13.88 -44.76 3.96
CA GLY B 830 -13.84 -43.58 3.11
C GLY B 830 -12.54 -43.38 2.35
N LYS B 831 -11.86 -44.46 1.99
CA LYS B 831 -10.63 -44.31 1.23
C LYS B 831 -10.93 -44.30 -0.27
N PRO B 832 -10.05 -43.68 -1.06
CA PRO B 832 -10.29 -43.63 -2.50
C PRO B 832 -10.07 -44.98 -3.20
N PRO B 833 -10.69 -45.18 -4.37
CA PRO B 833 -10.52 -46.44 -5.09
C PRO B 833 -9.05 -46.62 -5.48
N GLY B 834 -8.46 -47.68 -4.97
CA GLY B 834 -7.05 -47.92 -5.26
C GLY B 834 -6.32 -48.05 -3.93
N SER B 835 -6.07 -46.92 -3.27
CA SER B 835 -5.37 -46.96 -2.00
C SER B 835 -6.28 -47.48 -0.90
N ASN B 836 -5.72 -47.58 0.31
CA ASN B 836 -6.49 -48.05 1.44
C ASN B 836 -6.35 -47.03 2.55
N GLN B 837 -6.00 -45.80 2.17
CA GLN B 837 -5.84 -44.69 3.10
C GLN B 837 -7.02 -43.71 2.96
N PRO B 838 -7.88 -43.66 4.00
CA PRO B 838 -9.05 -42.79 4.05
C PRO B 838 -8.63 -41.34 3.79
N ASN B 839 -8.90 -40.83 2.59
CA ASN B 839 -8.53 -39.46 2.24
C ASN B 839 -9.76 -38.51 2.22
N PRO B 840 -9.89 -37.65 3.23
CA PRO B 840 -11.03 -36.72 3.30
C PRO B 840 -11.18 -35.76 2.12
N GLN B 841 -10.06 -35.25 1.61
CA GLN B 841 -10.10 -34.33 0.46
C GLN B 841 -10.80 -35.00 -0.69
N TRP B 842 -10.31 -36.18 -1.07
CA TRP B 842 -10.89 -36.95 -2.16
C TRP B 842 -12.35 -37.21 -1.89
N PHE B 843 -12.63 -37.90 -0.78
CA PHE B 843 -13.97 -38.27 -0.35
C PHE B 843 -15.04 -37.19 -0.50
N TRP B 844 -14.87 -36.09 0.23
CA TRP B 844 -15.82 -34.99 0.18
C TRP B 844 -15.88 -34.25 -1.15
N THR B 845 -14.88 -34.42 -1.99
CA THR B 845 -14.92 -33.77 -3.29
C THR B 845 -15.84 -34.60 -4.16
N ALA B 846 -15.56 -35.90 -4.25
CA ALA B 846 -16.39 -36.80 -5.03
C ALA B 846 -17.79 -36.85 -4.40
N LEU B 847 -17.85 -36.80 -3.08
CA LEU B 847 -19.14 -36.85 -2.38
C LEU B 847 -20.02 -35.67 -2.77
N GLN B 848 -19.38 -34.53 -3.04
CA GLN B 848 -20.11 -33.33 -3.41
C GLN B 848 -20.41 -33.19 -4.90
N ARG B 849 -19.81 -34.07 -5.69
CA ARG B 849 -20.01 -34.03 -7.14
C ARG B 849 -20.67 -35.32 -7.57
N ASN B 850 -21.28 -36.02 -6.60
CA ASN B 850 -21.94 -37.29 -6.85
C ASN B 850 -21.12 -38.19 -7.76
N GLN B 851 -19.99 -38.68 -7.23
CA GLN B 851 -19.10 -39.56 -7.98
C GLN B 851 -18.43 -40.54 -7.01
N LEU B 852 -19.23 -41.12 -6.12
CA LEU B 852 -18.68 -42.07 -5.16
C LEU B 852 -18.96 -43.52 -5.55
N PRO B 853 -17.92 -44.38 -5.47
CA PRO B 853 -18.12 -45.79 -5.82
C PRO B 853 -19.46 -46.26 -5.27
N ALA B 854 -20.31 -46.80 -6.14
CA ALA B 854 -21.65 -47.25 -5.77
C ALA B 854 -21.75 -48.11 -4.50
N ARG B 855 -20.79 -48.99 -4.26
CA ARG B 855 -20.83 -49.86 -3.10
C ARG B 855 -20.13 -49.29 -1.87
N LEU B 856 -19.32 -48.26 -2.05
CA LEU B 856 -18.55 -47.65 -0.95
C LEU B 856 -19.33 -47.23 0.34
N LEU B 857 -20.33 -46.35 0.21
CA LEU B 857 -21.10 -45.87 1.36
C LEU B 857 -22.20 -46.76 1.97
N SER B 858 -22.11 -46.99 3.28
CA SER B 858 -23.11 -47.78 3.99
C SER B 858 -24.38 -46.94 3.97
N ARG B 859 -25.49 -47.49 4.43
CA ARG B 859 -26.73 -46.71 4.40
C ARG B 859 -26.83 -45.69 5.54
N GLU B 860 -26.18 -45.96 6.66
CA GLU B 860 -26.20 -45.01 7.76
C GLU B 860 -25.33 -43.80 7.45
N ASP B 861 -24.49 -43.91 6.43
CA ASP B 861 -23.62 -42.80 6.05
C ASP B 861 -24.47 -41.66 5.51
N ILE B 862 -25.47 -42.00 4.71
CA ILE B 862 -26.36 -41.01 4.14
C ILE B 862 -26.97 -40.13 5.23
N GLU B 863 -27.35 -40.75 6.34
CA GLU B 863 -27.93 -40.02 7.46
C GLU B 863 -26.93 -39.05 8.03
N THR B 864 -25.66 -39.46 8.07
CA THR B 864 -24.60 -38.61 8.59
C THR B 864 -24.31 -37.49 7.58
N ILE B 865 -24.04 -37.85 6.33
CA ILE B 865 -23.79 -36.84 5.29
C ILE B 865 -24.91 -35.80 5.40
N ALA B 866 -26.14 -36.31 5.52
CA ALA B 866 -27.33 -35.48 5.63
C ALA B 866 -27.14 -34.52 6.78
N PHE B 867 -26.95 -35.10 7.96
CA PHE B 867 -26.73 -34.36 9.19
C PHE B 867 -25.70 -33.25 8.96
N ILE B 868 -24.55 -33.64 8.42
CA ILE B 868 -23.46 -32.73 8.13
C ILE B 868 -23.95 -31.59 7.26
N LYS B 869 -24.51 -31.93 6.10
CA LYS B 869 -25.01 -30.94 5.14
C LYS B 869 -25.99 -29.94 5.72
N LYS B 870 -26.85 -30.41 6.64
CA LYS B 870 -27.85 -29.52 7.24
C LYS B 870 -27.20 -28.51 8.18
N PHE B 871 -26.30 -28.98 9.04
CA PHE B 871 -25.62 -28.07 9.95
C PHE B 871 -24.88 -27.04 9.13
N SER B 872 -24.06 -27.51 8.18
CA SER B 872 -23.30 -26.62 7.31
C SER B 872 -24.21 -25.61 6.64
N LEU B 873 -25.41 -26.06 6.27
CA LEU B 873 -26.40 -25.20 5.62
C LEU B 873 -27.02 -24.18 6.57
N ASP B 874 -27.37 -24.63 7.77
CA ASP B 874 -27.98 -23.75 8.74
C ASP B 874 -26.97 -22.69 9.18
N TYR B 875 -25.82 -23.15 9.66
CA TYR B 875 -24.75 -22.27 10.10
C TYR B 875 -24.49 -21.27 8.99
N GLY B 876 -24.26 -21.77 7.79
CA GLY B 876 -24.00 -20.89 6.65
C GLY B 876 -25.05 -19.82 6.43
N ALA B 877 -26.32 -20.17 6.67
CA ALA B 877 -27.41 -19.23 6.49
C ALA B 877 -27.27 -18.03 7.42
N ILE B 878 -26.79 -18.27 8.63
CA ILE B 878 -26.67 -17.19 9.60
C ILE B 878 -25.25 -16.66 9.78
N ASN B 879 -24.26 -17.37 9.29
CA ASN B 879 -22.87 -16.96 9.43
C ASN B 879 -22.48 -15.62 8.82
N PHE B 880 -21.78 -14.82 9.61
CA PHE B 880 -21.31 -13.52 9.16
C PHE B 880 -19.89 -13.27 9.61
N ILE B 881 -19.22 -14.36 9.99
CA ILE B 881 -17.83 -14.30 10.40
C ILE B 881 -17.13 -15.01 9.25
N ASN B 882 -16.54 -14.19 8.39
CA ASN B 882 -15.85 -14.64 7.20
C ASN B 882 -14.60 -15.49 7.44
N LEU B 883 -14.62 -16.37 8.44
CA LEU B 883 -13.48 -17.23 8.74
C LEU B 883 -13.96 -18.63 9.07
N ALA B 884 -13.23 -19.65 8.63
CA ALA B 884 -13.61 -21.03 8.90
C ALA B 884 -13.09 -21.46 10.26
N PRO B 885 -13.99 -21.88 11.16
CA PRO B 885 -13.58 -22.32 12.50
C PRO B 885 -12.53 -23.43 12.41
N ASN B 886 -11.46 -23.32 13.18
CA ASN B 886 -10.40 -24.30 13.13
C ASN B 886 -10.36 -25.31 14.28
N ASN B 887 -11.32 -25.20 15.19
CA ASN B 887 -11.41 -26.11 16.32
C ASN B 887 -12.75 -25.86 16.98
N VAL B 888 -13.16 -26.76 17.87
CA VAL B 888 -14.44 -26.61 18.55
C VAL B 888 -14.59 -25.27 19.27
N SER B 889 -13.48 -24.79 19.84
CA SER B 889 -13.50 -23.50 20.55
C SER B 889 -14.04 -22.40 19.62
N GLU B 890 -13.42 -22.29 18.44
CA GLU B 890 -13.85 -21.30 17.46
C GLU B 890 -15.26 -21.63 16.95
N LEU B 891 -15.50 -22.92 16.68
CA LEU B 891 -16.80 -23.35 16.19
C LEU B 891 -17.91 -22.93 17.13
N ALA B 892 -17.66 -22.98 18.43
CA ALA B 892 -18.69 -22.58 19.39
C ALA B 892 -18.86 -21.07 19.42
N MET B 893 -17.75 -20.33 19.50
CA MET B 893 -17.80 -18.88 19.56
C MET B 893 -18.41 -18.23 18.32
N TYR B 894 -17.99 -18.67 17.14
CA TYR B 894 -18.52 -18.11 15.91
C TYR B 894 -20.02 -18.40 15.84
N TYR B 895 -20.39 -19.65 16.12
CA TYR B 895 -21.79 -20.03 16.08
C TYR B 895 -22.59 -19.19 17.08
N MET B 896 -22.06 -19.03 18.28
CA MET B 896 -22.73 -18.25 19.30
C MET B 896 -22.88 -16.81 18.82
N ALA B 897 -21.82 -16.28 18.22
CA ALA B 897 -21.83 -14.91 17.71
C ALA B 897 -22.88 -14.81 16.59
N ASN B 898 -22.87 -15.78 15.69
CA ASN B 898 -23.81 -15.79 14.59
C ASN B 898 -25.25 -15.92 15.07
N GLN B 899 -25.44 -16.60 16.19
CA GLN B 899 -26.79 -16.73 16.74
C GLN B 899 -27.26 -15.41 17.32
N ILE B 900 -26.35 -14.69 17.98
CA ILE B 900 -26.70 -13.41 18.57
C ILE B 900 -26.97 -12.40 17.47
N LEU B 901 -26.26 -12.52 16.36
CA LEU B 901 -26.46 -11.61 15.25
C LEU B 901 -27.79 -11.89 14.57
N ARG B 902 -28.17 -13.16 14.51
CA ARG B 902 -29.44 -13.56 13.89
C ARG B 902 -30.59 -13.02 14.73
N TYR B 903 -30.40 -13.01 16.04
CA TYR B 903 -31.43 -12.50 16.95
C TYR B 903 -31.66 -11.01 16.69
N CYS B 904 -30.59 -10.31 16.32
CA CYS B 904 -30.69 -8.87 16.07
C CYS B 904 -30.99 -8.55 14.60
N ASP B 905 -31.30 -9.60 13.84
CA ASP B 905 -31.61 -9.48 12.42
C ASP B 905 -30.47 -8.85 11.64
N HIS B 906 -29.24 -9.26 11.94
CA HIS B 906 -28.10 -8.71 11.22
C HIS B 906 -28.15 -9.23 9.80
N SER B 907 -27.71 -8.43 8.84
CA SER B 907 -27.73 -8.87 7.45
C SER B 907 -26.71 -8.21 6.51
N THR B 908 -26.53 -8.83 5.36
CA THR B 908 -25.65 -8.34 4.31
C THR B 908 -24.15 -8.34 4.51
N TYR B 909 -23.67 -7.85 5.65
CA TYR B 909 -22.23 -7.76 5.86
C TYR B 909 -21.54 -8.65 6.89
N PHE B 910 -20.28 -8.97 6.61
CA PHE B 910 -19.45 -9.77 7.52
C PHE B 910 -19.04 -8.80 8.62
N ILE B 911 -18.78 -9.33 9.81
CA ILE B 911 -18.34 -8.46 10.90
C ILE B 911 -16.82 -8.41 10.91
N ASN B 912 -16.24 -7.48 11.65
CA ASN B 912 -14.80 -7.39 11.69
C ASN B 912 -14.23 -8.42 12.63
N THR B 913 -13.12 -9.04 12.25
CA THR B 913 -12.49 -10.06 13.08
C THR B 913 -11.08 -9.69 13.53
N LEU B 914 -10.62 -10.35 14.60
CA LEU B 914 -9.30 -10.12 15.17
C LEU B 914 -8.46 -11.37 15.05
N THR B 915 -7.21 -11.22 14.68
CA THR B 915 -6.33 -12.39 14.60
C THR B 915 -5.04 -12.10 15.32
N ALA B 916 -4.60 -13.05 16.12
CA ALA B 916 -3.36 -12.91 16.85
C ALA B 916 -2.29 -13.76 16.17
N ILE B 917 -1.08 -13.22 16.09
CA ILE B 917 0.04 -13.95 15.53
C ILE B 917 0.84 -14.24 16.81
N ILE B 918 0.77 -15.47 17.31
CA ILE B 918 1.48 -15.80 18.52
C ILE B 918 2.95 -15.97 18.24
N ALA B 919 3.77 -15.31 19.05
CA ALA B 919 5.22 -15.41 18.89
C ALA B 919 5.73 -16.62 19.64
N GLY B 920 6.36 -17.54 18.92
CA GLY B 920 6.90 -18.72 19.58
C GLY B 920 8.36 -18.83 19.24
N SER B 921 9.03 -19.89 19.70
CA SER B 921 10.44 -20.07 19.39
C SER B 921 10.73 -21.55 19.33
N ARG B 922 11.92 -21.88 18.87
CA ARG B 922 12.33 -23.27 18.73
C ARG B 922 13.80 -23.31 18.39
N ARG B 923 14.39 -24.50 18.43
CA ARG B 923 15.80 -24.64 18.10
C ARG B 923 15.97 -24.36 16.62
N PRO B 924 17.13 -23.78 16.23
CA PRO B 924 17.42 -23.47 14.83
C PRO B 924 16.99 -24.59 13.91
N PRO B 925 16.13 -24.28 12.92
CA PRO B 925 15.63 -25.25 11.95
C PRO B 925 16.64 -25.65 10.87
N SER B 926 17.88 -25.22 11.04
CA SER B 926 18.91 -25.58 10.08
C SER B 926 20.27 -25.11 10.58
N VAL B 927 21.32 -25.54 9.88
CA VAL B 927 22.66 -25.14 10.25
C VAL B 927 22.79 -23.67 9.90
N GLN B 928 22.22 -23.30 8.75
CA GLN B 928 22.25 -21.92 8.27
C GLN B 928 21.89 -20.90 9.35
N ALA B 929 20.78 -21.15 10.04
CA ALA B 929 20.29 -20.25 11.09
C ALA B 929 21.24 -20.06 12.27
N ALA B 930 22.26 -20.90 12.37
CA ALA B 930 23.22 -20.81 13.47
C ALA B 930 24.53 -20.17 13.07
N ALA B 931 24.67 -19.86 11.79
CA ALA B 931 25.90 -19.27 11.27
C ALA B 931 26.50 -18.22 12.21
N ALA B 932 25.74 -17.17 12.49
CA ALA B 932 26.23 -16.09 13.34
C ALA B 932 26.64 -16.46 14.76
N TRP B 933 26.39 -17.69 15.19
CA TRP B 933 26.78 -18.05 16.55
C TRP B 933 27.96 -19.00 16.61
N SER B 934 28.36 -19.52 15.46
CA SER B 934 29.50 -20.43 15.39
C SER B 934 30.66 -19.79 16.14
N ALA B 935 31.40 -20.61 16.89
CA ALA B 935 32.53 -20.11 17.65
C ALA B 935 33.70 -20.00 16.70
N GLN B 936 33.63 -20.78 15.62
CA GLN B 936 34.68 -20.78 14.58
C GLN B 936 34.13 -20.03 13.36
N GLY B 937 34.84 -18.99 12.94
CA GLY B 937 34.35 -18.22 11.81
C GLY B 937 35.12 -18.20 10.49
N GLY B 938 36.37 -18.64 10.50
CA GLY B 938 37.12 -18.62 9.26
C GLY B 938 36.66 -19.66 8.25
N ALA B 939 37.58 -20.55 7.92
CA ALA B 939 37.30 -21.64 7.00
C ALA B 939 36.48 -22.68 7.76
N GLY B 940 36.57 -22.63 9.09
CA GLY B 940 35.83 -23.57 9.93
C GLY B 940 34.45 -23.09 10.31
N LEU B 941 33.97 -22.06 9.61
CA LEU B 941 32.66 -21.50 9.89
C LEU B 941 31.54 -22.53 9.81
N GLU B 942 31.32 -23.09 8.62
CA GLU B 942 30.25 -24.06 8.45
C GLU B 942 30.36 -25.29 9.36
N ALA B 943 31.56 -25.56 9.84
CA ALA B 943 31.79 -26.69 10.74
C ALA B 943 31.40 -26.21 12.13
N GLY B 944 31.82 -24.99 12.47
CA GLY B 944 31.49 -24.41 13.75
C GLY B 944 29.99 -24.40 13.91
N ALA B 945 29.30 -24.03 12.84
CA ALA B 945 27.85 -23.99 12.83
C ALA B 945 27.32 -25.37 13.15
N ARG B 946 27.76 -26.37 12.37
CA ARG B 946 27.32 -27.75 12.55
C ARG B 946 27.60 -28.24 13.98
N ALA B 947 28.78 -27.92 14.49
CA ALA B 947 29.15 -28.32 15.84
C ALA B 947 28.15 -27.71 16.83
N LEU B 948 27.83 -26.44 16.61
CA LEU B 948 26.89 -25.71 17.45
C LEU B 948 25.56 -26.46 17.54
N MET B 949 25.05 -26.88 16.39
CA MET B 949 23.78 -27.60 16.32
C MET B 949 23.87 -28.96 17.01
N ASP B 950 25.04 -29.59 16.89
CA ASP B 950 25.28 -30.89 17.48
C ASP B 950 25.18 -30.85 19.00
N ALA B 951 25.46 -29.69 19.59
CA ALA B 951 25.40 -29.52 21.03
C ALA B 951 24.47 -28.38 21.41
N VAL B 952 23.39 -28.23 20.66
CA VAL B 952 22.42 -27.15 20.88
C VAL B 952 22.04 -26.96 22.36
N ASP B 953 21.83 -28.06 23.08
CA ASP B 953 21.45 -27.98 24.48
C ASP B 953 22.44 -27.18 25.33
N ALA B 954 23.70 -27.16 24.92
CA ALA B 954 24.73 -26.44 25.66
C ALA B 954 24.63 -24.93 25.46
N HIS B 955 23.98 -24.50 24.38
CA HIS B 955 23.82 -23.08 24.08
C HIS B 955 22.42 -22.63 24.40
N PRO B 956 22.23 -22.04 25.60
CA PRO B 956 20.93 -21.56 26.06
C PRO B 956 20.36 -20.38 25.25
N GLY B 957 21.17 -19.76 24.41
CA GLY B 957 20.67 -18.65 23.64
C GLY B 957 20.49 -19.02 22.19
N ALA B 958 20.59 -20.31 21.89
CA ALA B 958 20.45 -20.79 20.53
C ALA B 958 19.03 -21.19 20.17
N TRP B 959 18.15 -20.21 20.12
CA TRP B 959 16.76 -20.44 19.77
C TRP B 959 16.37 -19.58 18.59
N THR B 960 15.17 -19.79 18.07
CA THR B 960 14.72 -19.02 16.94
C THR B 960 13.20 -18.83 16.93
N SER B 961 12.78 -17.65 16.51
CA SER B 961 11.35 -17.33 16.48
C SER B 961 10.59 -18.01 15.36
N MET B 962 9.32 -18.29 15.65
CA MET B 962 8.41 -18.89 14.70
C MET B 962 7.04 -18.32 15.05
N PHE B 963 6.14 -18.29 14.07
CA PHE B 963 4.81 -17.73 14.33
C PHE B 963 3.64 -18.64 14.06
N ALA B 964 2.57 -18.42 14.83
CA ALA B 964 1.35 -19.19 14.71
C ALA B 964 0.17 -18.23 14.76
N SER B 965 -0.84 -18.51 13.95
CA SER B 965 -2.03 -17.66 13.93
C SER B 965 -3.12 -18.18 14.86
N CYS B 966 -3.91 -17.25 15.38
CA CYS B 966 -5.02 -17.59 16.24
C CYS B 966 -6.15 -16.58 16.07
N ASN B 967 -7.36 -17.10 15.82
CA ASN B 967 -8.52 -16.25 15.64
C ASN B 967 -9.40 -16.20 16.88
N LEU B 968 -8.86 -16.64 18.00
CA LEU B 968 -9.57 -16.62 19.27
C LEU B 968 -8.66 -15.84 20.20
N LEU B 969 -8.94 -14.55 20.38
CA LEU B 969 -8.08 -13.71 21.21
C LEU B 969 -8.20 -13.88 22.71
N ARG B 970 -9.39 -14.21 23.20
CA ARG B 970 -9.60 -14.37 24.65
C ARG B 970 -8.40 -15.01 25.37
N PRO B 971 -8.00 -16.22 24.94
CA PRO B 971 -6.87 -16.91 25.56
C PRO B 971 -5.59 -16.08 25.46
N VAL B 972 -5.35 -15.50 24.29
CA VAL B 972 -4.16 -14.68 24.02
C VAL B 972 -4.00 -13.55 25.04
N MET B 973 -5.04 -12.73 25.16
CA MET B 973 -5.00 -11.62 26.10
C MET B 973 -4.90 -12.09 27.56
N ALA B 974 -5.38 -13.30 27.83
CA ALA B 974 -5.33 -13.85 29.17
C ALA B 974 -3.87 -13.94 29.62
N ALA B 975 -2.96 -14.03 28.65
CA ALA B 975 -1.54 -14.14 28.95
C ALA B 975 -0.87 -12.78 29.19
N ARG B 976 -1.69 -11.73 29.26
CA ARG B 976 -1.18 -10.37 29.48
C ARG B 976 0.10 -10.25 28.67
N PRO B 977 -0.01 -10.33 27.34
CA PRO B 977 1.12 -10.26 26.43
C PRO B 977 1.74 -8.93 26.03
N MET B 978 2.94 -9.04 25.47
CA MET B 978 3.66 -7.90 24.91
C MET B 978 3.09 -7.93 23.51
N VAL B 979 2.71 -6.77 23.01
CA VAL B 979 2.12 -6.75 21.68
C VAL B 979 2.73 -5.72 20.75
N VAL B 980 2.52 -5.94 19.46
CA VAL B 980 2.98 -5.04 18.43
C VAL B 980 1.83 -4.92 17.43
N LEU B 981 1.29 -3.72 17.30
CA LEU B 981 0.19 -3.50 16.38
C LEU B 981 0.17 -2.07 15.89
N GLY B 982 -0.68 -1.83 14.89
CA GLY B 982 -0.84 -0.51 14.32
C GLY B 982 -1.93 0.20 15.09
N LEU B 983 -1.65 1.45 15.46
CA LEU B 983 -2.59 2.26 16.23
C LEU B 983 -2.74 3.61 15.55
N SER B 984 -3.98 4.00 15.30
CA SER B 984 -4.31 5.27 14.64
C SER B 984 -5.22 6.07 15.56
N ILE B 985 -4.71 7.18 16.06
CA ILE B 985 -5.50 8.01 16.96
C ILE B 985 -6.34 9.07 16.26
N SER B 986 -7.64 9.05 16.53
CA SER B 986 -8.51 10.03 15.92
C SER B 986 -8.95 10.97 17.02
N LYS B 987 -9.08 12.24 16.67
CA LYS B 987 -9.49 13.30 17.58
C LYS B 987 -10.66 14.05 16.95
N TYR B 988 -11.83 13.97 17.60
CA TYR B 988 -13.05 14.60 17.11
C TYR B 988 -13.71 15.39 18.24
N VAL B 997 -13.73 17.66 22.82
CA VAL B 997 -12.55 17.16 22.11
C VAL B 997 -12.15 15.77 22.65
N PHE B 998 -12.63 14.73 21.98
CA PHE B 998 -12.36 13.37 22.43
C PHE B 998 -11.25 12.64 21.68
N GLN B 999 -10.79 11.54 22.24
CA GLN B 999 -9.74 10.76 21.60
C GLN B 999 -10.22 9.32 21.49
N ALA B 1000 -9.70 8.59 20.50
CA ALA B 1000 -10.07 7.21 20.29
C ALA B 1000 -8.89 6.48 19.65
N GLY B 1001 -8.41 5.44 20.31
CA GLY B 1001 -7.30 4.66 19.78
C GLY B 1001 -7.77 3.57 18.83
N ASN B 1002 -7.84 3.92 17.55
CA ASN B 1002 -8.28 2.99 16.55
C ASN B 1002 -7.24 1.93 16.23
N TRP B 1003 -7.65 0.68 16.32
CA TRP B 1003 -6.80 -0.46 16.04
C TRP B 1003 -6.51 -0.47 14.55
N ALA B 1004 -5.31 -0.06 14.16
CA ALA B 1004 -4.94 -0.02 12.75
C ALA B 1004 -4.07 -1.23 12.39
N SER B 1005 -3.22 -1.09 11.38
CA SER B 1005 -2.36 -2.21 11.00
C SER B 1005 -0.94 -1.81 10.65
N LEU B 1006 -0.03 -2.80 10.72
CA LEU B 1006 1.37 -2.59 10.43
C LEU B 1006 1.60 -2.55 8.95
N MET B 1007 2.37 -1.58 8.49
CA MET B 1007 2.62 -1.48 7.06
C MET B 1007 3.94 -2.16 6.67
N GLY B 1008 4.04 -2.52 5.41
CA GLY B 1008 5.23 -3.19 4.92
C GLY B 1008 4.83 -4.61 4.56
N GLY B 1009 3.54 -4.90 4.70
CA GLY B 1009 3.04 -6.22 4.37
C GLY B 1009 3.80 -7.34 5.06
N LYS B 1010 3.90 -8.46 4.34
CA LYS B 1010 4.59 -9.65 4.85
C LYS B 1010 5.98 -9.38 5.44
N ASN B 1011 6.51 -8.19 5.17
CA ASN B 1011 7.83 -7.83 5.68
C ASN B 1011 7.81 -7.52 7.17
N ALA B 1012 6.73 -6.91 7.64
CA ALA B 1012 6.62 -6.62 9.06
C ALA B 1012 6.45 -8.00 9.70
N CYS B 1013 5.66 -8.83 9.04
CA CYS B 1013 5.40 -10.17 9.50
C CYS B 1013 4.81 -10.97 8.35
N PRO B 1014 5.37 -12.16 8.07
CA PRO B 1014 4.90 -13.02 6.98
C PRO B 1014 3.46 -13.52 7.13
N LEU B 1015 2.94 -13.53 8.36
CA LEU B 1015 1.58 -14.00 8.55
C LEU B 1015 0.54 -12.91 8.44
N LEU B 1016 0.96 -11.71 8.09
CA LEU B 1016 0.03 -10.60 7.96
C LEU B 1016 -0.66 -10.59 6.59
N ILE B 1017 -1.97 -10.81 6.61
CA ILE B 1017 -2.80 -10.84 5.40
C ILE B 1017 -3.61 -9.57 5.23
N PHE B 1018 -3.57 -9.00 4.03
CA PHE B 1018 -4.31 -7.77 3.72
C PHE B 1018 -5.78 -8.12 3.58
N ASP B 1019 -6.61 -7.50 4.39
CA ASP B 1019 -8.05 -7.76 4.38
C ASP B 1019 -8.66 -6.72 5.31
N ARG B 1020 -9.40 -5.78 4.74
CA ARG B 1020 -9.99 -4.71 5.54
C ARG B 1020 -11.00 -5.15 6.59
N THR B 1021 -11.42 -6.42 6.55
CA THR B 1021 -12.39 -6.91 7.53
C THR B 1021 -11.75 -7.55 8.77
N ARG B 1022 -10.43 -7.49 8.87
CA ARG B 1022 -9.73 -8.04 10.02
C ARG B 1022 -8.50 -7.24 10.47
N LYS B 1023 -8.23 -7.28 11.77
CA LYS B 1023 -7.07 -6.58 12.32
C LYS B 1023 -6.15 -7.60 12.98
N PHE B 1024 -4.87 -7.27 13.09
CA PHE B 1024 -3.90 -8.19 13.67
C PHE B 1024 -3.11 -7.71 14.87
N VAL B 1025 -2.50 -8.67 15.55
CA VAL B 1025 -1.66 -8.41 16.71
C VAL B 1025 -0.56 -9.43 16.79
N LEU B 1026 0.67 -8.98 16.98
CA LEU B 1026 1.76 -9.92 17.17
C LEU B 1026 1.75 -9.95 18.69
N ALA B 1027 1.71 -11.15 19.26
CA ALA B 1027 1.67 -11.26 20.71
C ALA B 1027 2.61 -12.29 21.28
N CYS B 1028 3.28 -11.91 22.37
CA CYS B 1028 4.19 -12.79 23.08
C CYS B 1028 3.63 -12.89 24.49
N PRO B 1029 3.24 -14.10 24.92
CA PRO B 1029 2.67 -14.31 26.24
C PRO B 1029 3.63 -13.92 27.35
N ARG B 1030 3.07 -13.58 28.52
CA ARG B 1030 3.86 -13.22 29.69
C ARG B 1030 3.44 -14.12 30.83
N ALA B 1031 2.14 -14.15 31.09
CA ALA B 1031 1.57 -14.98 32.14
C ALA B 1031 1.94 -16.42 31.79
N GLY B 1032 2.62 -17.10 32.71
CA GLY B 1032 3.03 -18.46 32.42
C GLY B 1032 4.51 -18.49 32.09
N PHE B 1033 5.15 -17.33 32.11
CA PHE B 1033 6.58 -17.23 31.84
C PHE B 1033 7.24 -16.26 32.82
N VAL B 1034 6.93 -14.98 32.68
CA VAL B 1034 7.52 -13.98 33.57
C VAL B 1034 6.47 -13.35 34.47
N CYS B 1035 5.30 -13.97 34.51
CA CYS B 1035 4.17 -13.55 35.32
C CYS B 1035 3.41 -14.79 35.76
N ALA B 1036 2.66 -14.66 36.86
CA ALA B 1036 1.87 -15.77 37.36
C ALA B 1036 0.91 -16.22 36.26
N ALA B 1037 0.69 -17.54 36.18
CA ALA B 1037 -0.21 -18.12 35.18
C ALA B 1037 -1.61 -17.52 35.31
N SER B 1038 -2.34 -17.42 34.21
CA SER B 1038 -3.69 -16.84 34.23
C SER B 1038 -4.56 -17.48 35.31
N SER B 1048 -16.12 -25.49 47.13
CA SER B 1048 -14.85 -26.11 46.82
C SER B 1048 -13.71 -25.54 47.69
N LEU B 1049 -14.01 -25.33 48.97
CA LEU B 1049 -13.01 -24.81 49.92
C LEU B 1049 -12.42 -25.97 50.72
N CYS B 1050 -13.28 -26.86 51.22
CA CYS B 1050 -12.83 -28.04 51.98
C CYS B 1050 -11.67 -28.62 51.20
N GLU B 1051 -11.78 -28.50 49.88
CA GLU B 1051 -10.79 -28.97 48.92
C GLU B 1051 -9.52 -28.11 48.92
N GLN B 1052 -9.65 -26.81 48.65
CA GLN B 1052 -8.50 -25.91 48.62
C GLN B 1052 -7.68 -26.00 49.91
N LEU B 1053 -8.39 -25.94 51.04
CA LEU B 1053 -7.75 -26.03 52.34
C LEU B 1053 -7.08 -27.39 52.45
N ARG B 1054 -7.87 -28.45 52.38
CA ARG B 1054 -7.36 -29.81 52.48
C ARG B 1054 -6.53 -30.20 51.26
N GLY B 1055 -6.01 -29.18 50.59
CA GLY B 1055 -5.17 -29.38 49.43
C GLY B 1055 -3.84 -28.76 49.81
N ILE B 1056 -3.92 -27.81 50.74
CA ILE B 1056 -2.75 -27.13 51.27
C ILE B 1056 -2.17 -28.02 52.36
N ILE B 1057 -3.07 -28.73 53.05
CA ILE B 1057 -2.66 -29.64 54.11
C ILE B 1057 -1.84 -30.75 53.49
N SER B 1058 -1.98 -30.92 52.18
CA SER B 1058 -1.24 -31.94 51.43
C SER B 1058 0.10 -31.36 51.00
N GLU B 1059 0.15 -30.78 49.80
CA GLU B 1059 1.40 -30.17 49.33
C GLU B 1059 1.66 -28.96 50.21
N GLY B 1060 2.21 -29.20 51.41
CA GLY B 1060 2.48 -28.12 52.33
C GLY B 1060 3.64 -28.42 53.27
N GLY B 1061 4.32 -27.38 53.73
CA GLY B 1061 5.46 -27.56 54.61
C GLY B 1061 5.20 -27.46 56.10
N ALA B 1062 5.89 -26.54 56.76
CA ALA B 1062 5.77 -26.33 58.20
C ALA B 1062 4.75 -25.27 58.63
N ALA B 1063 4.32 -24.43 57.69
CA ALA B 1063 3.38 -23.36 58.00
C ALA B 1063 1.95 -23.66 57.52
N VAL B 1064 1.63 -24.94 57.36
CA VAL B 1064 0.30 -25.34 56.91
C VAL B 1064 -0.79 -24.65 57.75
N ALA B 1065 -0.60 -24.62 59.06
CA ALA B 1065 -1.56 -23.99 59.94
C ALA B 1065 -1.82 -22.56 59.46
N SER B 1066 -0.73 -21.79 59.37
CA SER B 1066 -0.81 -20.40 58.96
C SER B 1066 -1.44 -20.23 57.60
N SER B 1067 -0.91 -20.92 56.61
CA SER B 1067 -1.43 -20.85 55.26
C SER B 1067 -2.94 -21.13 55.19
N VAL B 1068 -3.37 -22.18 55.88
CA VAL B 1068 -4.78 -22.57 55.90
C VAL B 1068 -5.66 -21.55 56.59
N PHE B 1069 -5.17 -20.96 57.67
CA PHE B 1069 -5.93 -19.97 58.41
C PHE B 1069 -6.27 -18.83 57.46
N VAL B 1070 -5.23 -18.32 56.78
CA VAL B 1070 -5.38 -17.22 55.81
C VAL B 1070 -6.48 -17.50 54.80
N ALA B 1071 -6.32 -18.59 54.05
CA ALA B 1071 -7.28 -18.98 53.04
C ALA B 1071 -8.71 -18.97 53.59
N THR B 1072 -8.88 -19.50 54.80
CA THR B 1072 -10.20 -19.56 55.43
C THR B 1072 -10.73 -18.14 55.61
N VAL B 1073 -9.86 -17.25 56.08
CA VAL B 1073 -10.21 -15.85 56.32
C VAL B 1073 -10.48 -15.11 55.01
N LYS B 1074 -9.67 -15.39 53.98
CA LYS B 1074 -9.86 -14.75 52.68
C LYS B 1074 -11.04 -15.36 51.93
N SER B 1075 -11.77 -16.27 52.58
CA SER B 1075 -12.92 -16.90 51.97
C SER B 1075 -14.13 -16.68 52.86
N LEU B 1076 -13.88 -16.17 54.06
CA LEU B 1076 -14.91 -15.89 55.05
C LEU B 1076 -14.47 -14.64 55.82
N GLY B 1077 -15.33 -13.64 55.87
CA GLY B 1077 -14.95 -12.44 56.58
C GLY B 1077 -14.81 -12.76 58.05
N PRO B 1078 -15.60 -12.11 58.91
CA PRO B 1078 -15.54 -12.37 60.36
C PRO B 1078 -16.21 -13.72 60.63
N ARG B 1079 -16.82 -14.27 59.58
CA ARG B 1079 -17.51 -15.56 59.65
C ARG B 1079 -16.60 -16.58 60.32
N THR B 1080 -15.29 -16.45 60.07
CA THR B 1080 -14.29 -17.33 60.63
C THR B 1080 -14.46 -17.47 62.13
N GLN B 1081 -14.82 -16.39 62.78
CA GLN B 1081 -15.01 -16.38 64.21
C GLN B 1081 -16.11 -17.31 64.68
N GLN B 1082 -17.13 -17.51 63.84
CA GLN B 1082 -18.26 -18.39 64.17
C GLN B 1082 -17.87 -19.87 64.14
N LEU B 1083 -16.94 -20.22 63.26
CA LEU B 1083 -16.51 -21.61 63.16
C LEU B 1083 -16.17 -22.19 64.53
N GLN B 1084 -16.78 -23.32 64.84
CA GLN B 1084 -16.53 -24.02 66.10
C GLN B 1084 -15.59 -25.16 65.74
N ILE B 1085 -15.05 -25.84 66.75
CA ILE B 1085 -14.14 -26.94 66.49
C ILE B 1085 -14.72 -27.94 65.48
N GLU B 1086 -16.03 -28.20 65.55
CA GLU B 1086 -16.71 -29.12 64.64
C GLU B 1086 -16.58 -28.63 63.19
N ASP B 1087 -16.86 -27.35 62.97
CA ASP B 1087 -16.79 -26.77 61.64
C ASP B 1087 -15.40 -26.94 61.06
N TRP B 1088 -14.38 -26.69 61.87
CA TRP B 1088 -12.99 -26.80 61.44
C TRP B 1088 -12.63 -28.23 61.05
N LEU B 1089 -12.99 -29.18 61.92
CA LEU B 1089 -12.71 -30.58 61.69
C LEU B 1089 -13.33 -31.06 60.40
N ALA B 1090 -14.34 -30.34 59.92
CA ALA B 1090 -15.00 -30.68 58.65
C ALA B 1090 -14.16 -30.05 57.53
N LEU B 1091 -13.81 -28.78 57.69
CA LEU B 1091 -13.01 -28.11 56.70
C LEU B 1091 -11.62 -28.73 56.56
N LEU B 1092 -11.17 -29.42 57.61
CA LEU B 1092 -9.86 -30.07 57.62
C LEU B 1092 -10.09 -31.37 58.36
N GLU B 1093 -9.95 -32.51 57.69
CA GLU B 1093 -10.17 -33.77 58.38
C GLU B 1093 -9.03 -34.07 59.33
N ASP B 1094 -8.47 -33.00 59.91
CA ASP B 1094 -7.35 -33.10 60.84
C ASP B 1094 -7.68 -32.46 62.21
N GLU B 1095 -7.60 -33.26 63.27
CA GLU B 1095 -7.90 -32.81 64.62
C GLU B 1095 -6.91 -31.77 65.13
N TYR B 1096 -5.61 -32.05 64.95
CA TYR B 1096 -4.57 -31.14 65.37
C TYR B 1096 -4.78 -29.76 64.72
N LEU B 1097 -4.78 -29.72 63.38
CA LEU B 1097 -4.97 -28.48 62.65
C LEU B 1097 -6.19 -27.68 63.08
N SER B 1098 -7.31 -28.36 63.34
CA SER B 1098 -8.52 -27.67 63.75
C SER B 1098 -8.33 -26.94 65.08
N GLU B 1099 -7.59 -27.56 65.99
CA GLU B 1099 -7.33 -26.93 67.27
C GLU B 1099 -6.46 -25.71 67.07
N GLU B 1100 -5.49 -25.81 66.15
CA GLU B 1100 -4.61 -24.70 65.86
C GLU B 1100 -5.46 -23.58 65.31
N MET B 1101 -6.37 -23.92 64.40
CA MET B 1101 -7.25 -22.93 63.80
C MET B 1101 -8.04 -22.22 64.89
N MET B 1102 -8.35 -22.97 65.94
CA MET B 1102 -9.12 -22.46 67.06
C MET B 1102 -8.25 -21.52 67.89
N GLU B 1103 -6.96 -21.84 68.02
CA GLU B 1103 -6.03 -21.00 68.79
C GLU B 1103 -5.74 -19.72 68.04
N LEU B 1104 -5.60 -19.82 66.72
CA LEU B 1104 -5.35 -18.66 65.89
C LEU B 1104 -6.55 -17.73 66.00
N THR B 1105 -7.69 -18.20 65.50
CA THR B 1105 -8.91 -17.41 65.55
C THR B 1105 -9.04 -16.66 66.88
N ALA B 1106 -8.70 -17.33 67.97
CA ALA B 1106 -8.81 -16.69 69.28
C ALA B 1106 -7.84 -15.52 69.40
N ARG B 1107 -6.57 -15.75 69.07
CA ARG B 1107 -5.58 -14.71 69.16
C ARG B 1107 -5.96 -13.48 68.34
N ALA B 1108 -6.36 -13.69 67.09
CA ALA B 1108 -6.74 -12.59 66.21
C ALA B 1108 -7.85 -11.74 66.85
N LEU B 1109 -8.57 -12.34 67.79
CA LEU B 1109 -9.65 -11.64 68.46
C LEU B 1109 -9.02 -10.76 69.54
N GLU B 1110 -7.97 -11.27 70.18
CA GLU B 1110 -7.27 -10.50 71.21
C GLU B 1110 -6.66 -9.25 70.59
N ARG B 1111 -6.17 -9.39 69.36
CA ARG B 1111 -5.58 -8.27 68.63
C ARG B 1111 -6.61 -7.17 68.39
N GLY B 1112 -7.81 -7.56 67.96
CA GLY B 1112 -8.86 -6.58 67.72
C GLY B 1112 -9.56 -6.22 69.03
N ASN B 1113 -9.03 -6.74 70.13
CA ASN B 1113 -9.59 -6.49 71.47
C ASN B 1113 -10.99 -7.10 71.65
N GLY B 1114 -11.46 -7.80 70.62
CA GLY B 1114 -12.78 -8.41 70.68
C GLY B 1114 -13.61 -8.01 69.47
N GLU B 1115 -12.93 -7.60 68.41
CA GLU B 1115 -13.60 -7.18 67.16
C GLU B 1115 -12.78 -7.68 65.98
N TRP B 1116 -13.19 -8.80 65.40
CA TRP B 1116 -12.52 -9.40 64.25
C TRP B 1116 -12.11 -8.40 63.15
N SER B 1117 -11.03 -8.72 62.42
CA SER B 1117 -10.57 -7.85 61.34
C SER B 1117 -9.35 -8.32 60.52
N THR B 1118 -8.18 -8.33 61.15
CA THR B 1118 -6.94 -8.71 60.49
C THR B 1118 -6.33 -10.08 60.86
N ASP B 1119 -5.31 -10.45 60.10
CA ASP B 1119 -4.61 -11.71 60.28
C ASP B 1119 -3.10 -11.46 60.34
N ALA B 1120 -2.69 -10.50 61.16
CA ALA B 1120 -1.27 -10.22 61.32
C ALA B 1120 -0.74 -11.47 62.01
N ALA B 1121 -1.63 -12.09 62.80
CA ALA B 1121 -1.31 -13.32 63.53
C ALA B 1121 -0.82 -14.39 62.56
N LEU B 1122 -1.22 -14.28 61.28
CA LEU B 1122 -0.78 -15.21 60.24
C LEU B 1122 0.73 -15.22 60.18
N GLU B 1123 1.27 -14.10 59.69
CA GLU B 1123 2.70 -13.90 59.55
C GLU B 1123 3.44 -14.24 60.85
N VAL B 1124 2.92 -13.74 61.97
CA VAL B 1124 3.52 -13.98 63.29
C VAL B 1124 3.76 -15.49 63.56
N ALA B 1125 2.72 -16.31 63.36
CA ALA B 1125 2.84 -17.75 63.57
C ALA B 1125 3.64 -18.34 62.41
N HIS B 1126 3.41 -17.77 61.23
CA HIS B 1126 4.06 -18.14 59.97
C HIS B 1126 5.58 -18.06 60.11
N GLU B 1127 6.04 -17.90 61.36
CA GLU B 1127 7.46 -17.79 61.69
C GLU B 1127 8.24 -19.11 61.75
N ALA B 1128 7.55 -20.23 61.92
CA ALA B 1128 8.18 -21.55 62.01
C ALA B 1128 9.12 -21.80 60.83
N GLU B 1129 10.19 -21.01 60.76
CA GLU B 1129 11.20 -21.08 59.69
C GLU B 1129 12.61 -21.39 60.23
N ALA B 1130 13.57 -21.19 59.46
ZN ZN C . -13.82 34.72 -32.21
HG HG D . 4.34 15.30 -27.84
HG HG E . 10.82 6.05 -19.37
HG HG F . -26.69 21.55 -6.36
HG HG G . -39.59 -9.26 -11.80
ZN ZN H . 30.85 -6.35 7.71
HG HG I . 5.17 -12.26 13.50
HG HG J . -4.54 -18.55 20.89
HG HG K . 32.13 -15.20 36.43
HG HG L . 20.91 9.07 59.14
#